data_4R83
#
_entry.id   4R83
#
_cell.length_a   64.670
_cell.length_b   81.340
_cell.length_c   111.840
_cell.angle_alpha   98.60
_cell.angle_beta   92.76
_cell.angle_gamma   100.85
#
_symmetry.space_group_name_H-M   'P 1'
#
loop_
_entity.id
_entity.type
_entity.pdbx_description
1 polymer 'Sialyltransferase 0160'
2 non-polymer 'CALCIUM ION'
3 water water
#
_entity_poly.entity_id   1
_entity_poly.type   'polypeptide(L)'
_entity_poly.pdbx_seq_one_letter_code
;MGSSHHHHHHSSGLVPRGSHMCNSDNTSLKETVSSNSADVVETETYQLTPIDAPSSFLSHSWEQTCGTPILNESDKQAIS
FDFVAPELKQDEKYCFTFKGITGDHRYITNTTLTVVAPTLEVYIDHASLPSLQQLIHIIQAKDEYPSNQRFVSWKRVTVD
ADNANKLNIHTYPLKGNNTSPEMVAAIDEYAQSKNRLNIEFYTNTAHVFNNLPPIIQPLYNNEKVKISHISLYDDGSSEY
VSLYQWKDTPNKIETLEGEVSLLANYLAGTSPDAPKGMGNRYNWHKLYDTDYYFLREDYLDVEANLHDLRDYLGSSAKQM
PWDEFAKLSDSQQTLFLDIVGFDKEQLQQQYSQSPLPNFIFTGTTTWAGGETKEYYAQQQVNVINNAINETSPYYLGKDY
DLFFKGHPAGGVINDIILGSFPDMINIPAKISFEVLMMTDMLPDTVAGIASSLYFTIPADKVNFIVFTSSDTITDREEAL
KSPLVQVMLTLGIVKEKDVLFWA
;
_entity_poly.pdbx_strand_id   A,B,C,D
#
loop_
_chem_comp.id
_chem_comp.type
_chem_comp.name
_chem_comp.formula
CA non-polymer 'CALCIUM ION' 'Ca 2'
#
# COMPACT_ATOMS: atom_id res chain seq x y z
N LYS A 30 10.49 -20.61 -21.77
CA LYS A 30 9.45 -21.14 -22.65
C LYS A 30 9.60 -20.53 -24.04
N GLU A 31 9.74 -21.38 -25.04
CA GLU A 31 10.07 -20.95 -26.41
C GLU A 31 9.04 -21.31 -27.47
N THR A 32 8.75 -20.37 -28.36
CA THR A 32 7.89 -20.66 -29.49
C THR A 32 8.51 -20.16 -30.79
N VAL A 33 8.72 -21.05 -31.74
CA VAL A 33 9.21 -20.67 -33.06
C VAL A 33 8.19 -21.04 -34.13
N SER A 34 7.76 -20.03 -34.90
CA SER A 34 6.85 -20.28 -36.00
C SER A 34 7.54 -19.89 -37.30
N SER A 35 7.36 -20.69 -38.34
CA SER A 35 7.95 -20.38 -39.63
C SER A 35 6.92 -20.49 -40.74
N ASN A 36 7.04 -19.66 -41.77
CA ASN A 36 6.18 -19.78 -42.93
C ASN A 36 6.83 -19.15 -44.14
N SER A 37 6.24 -19.45 -45.29
CA SER A 37 6.78 -19.02 -46.57
CA SER A 37 6.78 -19.01 -46.56
C SER A 37 5.64 -18.56 -47.45
N ALA A 38 5.90 -17.59 -48.30
CA ALA A 38 4.86 -17.12 -49.19
C ALA A 38 5.48 -16.53 -50.44
N ASP A 39 4.77 -16.69 -51.56
CA ASP A 39 5.11 -16.00 -52.79
C ASP A 39 4.40 -14.65 -52.78
N VAL A 40 5.12 -13.59 -53.13
CA VAL A 40 4.50 -12.28 -53.27
C VAL A 40 4.69 -11.82 -54.70
N VAL A 41 3.60 -11.61 -55.42
CA VAL A 41 3.70 -11.15 -56.80
C VAL A 41 4.24 -9.72 -56.82
N GLU A 42 5.17 -9.44 -57.74
CA GLU A 42 5.68 -8.09 -57.94
C GLU A 42 4.59 -7.01 -57.90
N THR A 43 4.90 -5.94 -57.16
CA THR A 43 4.05 -4.76 -56.87
C THR A 43 2.93 -5.00 -55.85
N GLU A 44 2.73 -6.26 -55.44
CA GLU A 44 1.71 -6.55 -54.44
C GLU A 44 2.27 -6.47 -53.02
N THR A 45 1.37 -6.44 -52.05
CA THR A 45 1.73 -6.23 -50.65
C THR A 45 1.49 -7.47 -49.80
N TYR A 46 2.43 -7.75 -48.90
CA TYR A 46 2.32 -8.82 -47.90
C TYR A 46 2.54 -8.22 -46.52
N GLN A 47 1.65 -8.49 -45.58
CA GLN A 47 1.86 -7.94 -44.25
C GLN A 47 2.70 -8.89 -43.41
N LEU A 48 3.92 -8.48 -43.09
CA LEU A 48 4.75 -9.23 -42.15
C LEU A 48 4.19 -8.99 -40.76
N THR A 49 4.07 -10.07 -39.99
CA THR A 49 3.42 -10.01 -38.69
C THR A 49 3.78 -11.25 -37.87
N PRO A 50 3.80 -11.12 -36.52
CA PRO A 50 4.05 -12.34 -35.74
C PRO A 50 2.92 -13.36 -35.90
N ILE A 51 3.30 -14.63 -35.92
CA ILE A 51 2.34 -15.71 -36.02
C ILE A 51 1.91 -16.17 -34.62
N ASP A 52 0.62 -16.14 -34.33
CA ASP A 52 0.07 -16.62 -33.05
C ASP A 52 0.85 -16.13 -31.83
N ALA A 53 1.00 -14.82 -31.74
CA ALA A 53 1.78 -14.23 -30.66
C ALA A 53 0.90 -13.24 -29.92
N PRO A 54 1.31 -12.83 -28.70
CA PRO A 54 0.50 -11.82 -27.99
C PRO A 54 0.55 -10.50 -28.75
N SER A 55 -0.25 -9.52 -28.31
CA SER A 55 -0.34 -8.25 -29.02
C SER A 55 0.63 -7.21 -28.43
N SER A 56 1.25 -7.56 -27.32
CA SER A 56 2.21 -6.68 -26.63
C SER A 56 3.39 -7.49 -26.05
N PHE A 57 4.56 -6.87 -25.97
CA PHE A 57 5.80 -7.53 -25.55
C PHE A 57 6.67 -6.64 -24.67
N LEU A 58 7.46 -7.23 -23.77
CA LEU A 58 8.45 -6.48 -23.01
C LEU A 58 9.48 -5.87 -23.97
N SER A 59 9.90 -6.65 -24.96
CA SER A 59 10.74 -6.17 -26.05
C SER A 59 10.45 -6.98 -27.33
N HIS A 60 10.74 -6.39 -28.47
CA HIS A 60 10.44 -7.01 -29.77
C HIS A 60 11.27 -6.38 -30.88
N SER A 61 11.51 -7.14 -31.94
CA SER A 61 12.26 -6.63 -33.10
C SER A 61 12.05 -7.46 -34.36
N TRP A 62 12.11 -6.79 -35.51
CA TRP A 62 12.21 -7.42 -36.82
C TRP A 62 13.61 -7.26 -37.36
N GLU A 63 14.09 -8.33 -37.99
CA GLU A 63 15.39 -8.36 -38.67
C GLU A 63 15.23 -8.96 -40.07
N GLN A 64 16.03 -8.50 -41.02
CA GLN A 64 16.09 -9.16 -42.32
C GLN A 64 17.34 -10.03 -42.38
N THR A 65 17.18 -11.30 -42.73
CA THR A 65 18.28 -12.25 -42.69
C THR A 65 18.74 -12.78 -44.05
N CYS A 66 18.03 -12.39 -45.11
CA CYS A 66 18.49 -12.74 -46.46
C CYS A 66 17.78 -11.90 -47.50
N GLY A 67 18.34 -11.85 -48.69
CA GLY A 67 17.82 -11.02 -49.76
C GLY A 67 18.38 -9.61 -49.73
N THR A 68 18.24 -8.92 -50.85
CA THR A 68 18.65 -7.50 -50.97
C THR A 68 18.01 -6.72 -49.83
N PRO A 69 18.80 -5.90 -49.11
CA PRO A 69 18.23 -5.17 -47.98
C PRO A 69 17.02 -4.33 -48.40
N ILE A 70 15.94 -4.44 -47.65
CA ILE A 70 14.68 -3.81 -48.04
C ILE A 70 13.92 -3.35 -46.80
N LEU A 71 14.36 -3.83 -45.64
CA LEU A 71 13.71 -3.48 -44.38
C LEU A 71 13.94 -2.01 -44.03
N ASN A 72 12.85 -1.26 -43.83
CA ASN A 72 12.94 0.12 -43.37
C ASN A 72 13.34 0.16 -41.90
N GLU A 73 14.09 1.18 -41.50
CA GLU A 73 14.54 1.27 -40.11
C GLU A 73 13.38 1.32 -39.12
N SER A 74 12.34 2.06 -39.48
CA SER A 74 11.17 2.25 -38.63
C SER A 74 10.40 0.97 -38.37
N ASP A 75 10.41 0.06 -39.34
CA ASP A 75 9.66 -1.18 -39.22
C ASP A 75 10.32 -2.17 -38.27
N LYS A 76 11.60 -1.95 -37.98
CA LYS A 76 12.34 -2.83 -37.07
C LYS A 76 11.65 -2.92 -35.71
N GLN A 77 10.96 -1.85 -35.32
CA GLN A 77 10.26 -1.78 -34.04
C GLN A 77 8.75 -1.90 -34.20
N ALA A 78 8.28 -2.18 -35.40
CA ALA A 78 6.86 -2.43 -35.65
C ALA A 78 6.49 -3.86 -35.26
N ILE A 79 5.21 -4.07 -34.94
CA ILE A 79 4.73 -5.43 -34.76
C ILE A 79 4.36 -6.01 -36.12
N SER A 80 3.48 -5.30 -36.82
CA SER A 80 3.14 -5.65 -38.21
C SER A 80 3.57 -4.52 -39.13
N PHE A 81 3.98 -4.86 -40.35
CA PHE A 81 4.31 -3.85 -41.36
C PHE A 81 4.21 -4.43 -42.76
N ASP A 82 4.17 -3.55 -43.75
CA ASP A 82 3.96 -3.96 -45.13
C ASP A 82 5.27 -4.20 -45.89
N PHE A 83 5.33 -5.37 -46.53
CA PHE A 83 6.35 -5.68 -47.52
C PHE A 83 5.71 -5.44 -48.90
N VAL A 84 6.25 -4.50 -49.66
CA VAL A 84 5.80 -4.28 -51.02
C VAL A 84 6.80 -4.89 -51.98
N ALA A 85 6.36 -5.90 -52.72
CA ALA A 85 7.29 -6.61 -53.59
C ALA A 85 7.83 -5.69 -54.69
N PRO A 86 9.15 -5.57 -54.78
CA PRO A 86 9.75 -4.78 -55.86
C PRO A 86 9.64 -5.44 -57.24
N GLU A 87 9.90 -4.67 -58.29
CA GLU A 87 9.95 -5.26 -59.64
C GLU A 87 11.41 -5.63 -59.88
N LEU A 88 11.66 -6.90 -60.22
CA LEU A 88 13.01 -7.44 -60.26
C LEU A 88 13.36 -8.01 -61.64
N LYS A 89 14.62 -8.41 -61.81
CA LYS A 89 15.03 -9.02 -63.07
C LYS A 89 14.72 -10.50 -63.00
N GLN A 90 14.66 -11.04 -61.78
CA GLN A 90 14.33 -12.44 -61.53
C GLN A 90 13.74 -12.58 -60.13
N ASP A 91 13.14 -13.72 -59.86
CA ASP A 91 12.62 -14.00 -58.52
C ASP A 91 13.70 -13.87 -57.46
N GLU A 92 13.31 -13.47 -56.25
CA GLU A 92 14.26 -13.29 -55.19
C GLU A 92 13.55 -13.53 -53.88
N LYS A 93 14.19 -14.24 -52.96
CA LYS A 93 13.57 -14.49 -51.66
C LYS A 93 14.12 -13.51 -50.64
N TYR A 94 13.25 -13.09 -49.73
CA TYR A 94 13.60 -12.17 -48.66
C TYR A 94 13.19 -12.82 -47.37
N CYS A 95 14.14 -12.96 -46.43
CA CYS A 95 13.85 -13.60 -45.14
C CYS A 95 13.74 -12.59 -43.99
N PHE A 96 12.71 -12.72 -43.17
CA PHE A 96 12.55 -11.85 -42.01
C PHE A 96 12.31 -12.65 -40.75
N THR A 97 12.91 -12.19 -39.66
CA THR A 97 12.69 -12.79 -38.36
C THR A 97 12.16 -11.77 -37.36
N PHE A 98 11.03 -12.08 -36.76
CA PHE A 98 10.51 -11.31 -35.63
C PHE A 98 10.89 -12.03 -34.35
N LYS A 99 11.43 -11.29 -33.38
CA LYS A 99 11.73 -11.83 -32.05
C LYS A 99 10.97 -11.01 -31.01
N GLY A 100 10.18 -11.69 -30.19
CA GLY A 100 9.38 -11.00 -29.17
C GLY A 100 9.45 -11.70 -27.83
N ILE A 101 9.74 -10.92 -26.79
CA ILE A 101 9.95 -11.46 -25.46
C ILE A 101 8.99 -10.89 -24.42
N THR A 102 8.29 -11.79 -23.73
CA THR A 102 7.49 -11.42 -22.58
C THR A 102 8.23 -11.95 -21.35
N GLY A 103 7.66 -11.82 -20.16
CA GLY A 103 8.38 -12.28 -18.98
C GLY A 103 8.56 -13.79 -18.84
N ASP A 104 7.71 -14.58 -19.49
CA ASP A 104 7.80 -16.04 -19.37
C ASP A 104 7.88 -16.77 -20.72
N HIS A 105 7.98 -16.01 -21.80
CA HIS A 105 7.84 -16.60 -23.13
C HIS A 105 8.60 -15.81 -24.18
N ARG A 106 9.36 -16.53 -25.02
CA ARG A 106 9.96 -15.91 -26.18
C ARG A 106 9.29 -16.41 -27.44
N TYR A 107 8.91 -15.46 -28.30
CA TYR A 107 8.20 -15.79 -29.53
C TYR A 107 9.07 -15.40 -30.72
N ILE A 108 9.28 -16.36 -31.62
CA ILE A 108 9.98 -16.12 -32.86
C ILE A 108 9.08 -16.45 -34.04
N THR A 109 9.05 -15.56 -35.01
CA THR A 109 8.39 -15.81 -36.28
C THR A 109 9.42 -15.64 -37.38
N ASN A 110 9.58 -16.66 -38.20
CA ASN A 110 10.46 -16.61 -39.37
C ASN A 110 9.60 -16.68 -40.63
N THR A 111 9.57 -15.59 -41.39
CA THR A 111 8.80 -15.58 -42.62
C THR A 111 9.71 -15.38 -43.82
N THR A 112 9.62 -16.29 -44.78
CA THR A 112 10.39 -16.19 -46.00
C THR A 112 9.49 -15.84 -47.20
N LEU A 113 9.70 -14.66 -47.76
CA LEU A 113 8.88 -14.18 -48.87
C LEU A 113 9.63 -14.26 -50.18
N THR A 114 9.03 -14.91 -51.19
CA THR A 114 9.64 -14.96 -52.51
C THR A 114 8.89 -14.06 -53.47
N VAL A 115 9.59 -13.08 -54.03
CA VAL A 115 8.99 -12.18 -55.01
C VAL A 115 9.00 -12.88 -56.35
N VAL A 116 7.82 -13.01 -56.94
CA VAL A 116 7.67 -13.77 -58.17
C VAL A 116 7.02 -12.94 -59.27
N ALA A 117 7.27 -13.33 -60.50
CA ALA A 117 6.61 -12.69 -61.63
C ALA A 117 5.10 -12.98 -61.56
N PRO A 118 4.27 -12.05 -62.06
CA PRO A 118 2.85 -12.38 -62.20
C PRO A 118 2.65 -13.51 -63.19
N THR A 119 1.55 -14.22 -63.05
CA THR A 119 1.19 -15.31 -63.93
C THR A 119 -0.13 -15.03 -64.61
N LEU A 120 -0.13 -15.15 -65.93
CA LEU A 120 -1.37 -15.09 -66.70
C LEU A 120 -1.74 -16.51 -67.13
N GLU A 121 -2.94 -16.95 -66.79
CA GLU A 121 -3.44 -18.26 -67.21
C GLU A 121 -4.35 -18.09 -68.42
N VAL A 122 -4.04 -18.81 -69.50
CA VAL A 122 -4.78 -18.67 -70.76
C VAL A 122 -5.43 -20.00 -71.16
N TYR A 123 -6.76 -19.96 -71.32
CA TYR A 123 -7.61 -21.12 -71.59
C TYR A 123 -8.30 -20.97 -72.94
N ILE A 124 -8.12 -21.96 -73.82
CA ILE A 124 -8.72 -21.92 -75.15
C ILE A 124 -9.24 -23.31 -75.49
N ASP A 125 -10.55 -23.39 -75.73
CA ASP A 125 -11.13 -24.68 -76.14
C ASP A 125 -12.49 -24.54 -76.79
N HIS A 126 -12.76 -25.39 -77.76
CA HIS A 126 -14.04 -25.38 -78.46
C HIS A 126 -14.92 -26.58 -78.08
N ALA A 127 -14.35 -27.54 -77.35
CA ALA A 127 -15.06 -28.80 -77.08
C ALA A 127 -15.65 -28.82 -75.66
N SER A 128 -15.98 -29.98 -75.11
CA SER A 128 -16.56 -29.99 -73.76
C SER A 128 -15.56 -30.44 -72.70
N LEU A 129 -15.00 -31.64 -72.87
CA LEU A 129 -14.12 -32.21 -71.86
C LEU A 129 -12.92 -31.33 -71.44
N PRO A 130 -12.16 -30.77 -72.41
CA PRO A 130 -11.06 -29.89 -71.97
C PRO A 130 -11.54 -28.66 -71.20
N SER A 131 -12.63 -28.06 -71.66
CA SER A 131 -13.19 -26.89 -70.96
C SER A 131 -13.63 -27.25 -69.53
N LEU A 132 -14.25 -28.42 -69.37
CA LEU A 132 -14.74 -28.84 -68.06
C LEU A 132 -13.56 -29.12 -67.14
N GLN A 133 -12.51 -29.76 -67.66
CA GLN A 133 -11.31 -30.04 -66.86
C GLN A 133 -10.66 -28.73 -66.45
N GLN A 134 -10.62 -27.80 -67.37
CA GLN A 134 -10.02 -26.50 -67.11
C GLN A 134 -10.80 -25.72 -66.05
N LEU A 135 -12.13 -25.81 -66.11
CA LEU A 135 -12.98 -25.10 -65.16
C LEU A 135 -12.68 -25.60 -63.74
N ILE A 136 -12.55 -26.90 -63.57
CA ILE A 136 -12.18 -27.45 -62.27
C ILE A 136 -10.83 -26.88 -61.85
N HIS A 137 -9.88 -26.84 -62.78
CA HIS A 137 -8.56 -26.32 -62.43
C HIS A 137 -8.63 -24.85 -61.97
N ILE A 138 -9.44 -24.07 -62.67
CA ILE A 138 -9.61 -22.65 -62.38
C ILE A 138 -10.21 -22.46 -60.97
N ILE A 139 -11.22 -23.26 -60.64
CA ILE A 139 -11.84 -23.15 -59.32
C ILE A 139 -10.81 -23.42 -58.23
N GLN A 140 -9.99 -24.46 -58.43
CA GLN A 140 -8.87 -24.73 -57.51
C GLN A 140 -7.86 -23.59 -57.49
N ALA A 141 -7.49 -23.11 -58.66
CA ALA A 141 -6.39 -22.16 -58.79
C ALA A 141 -6.73 -20.76 -58.28
N LYS A 142 -8.02 -20.41 -58.34
CA LYS A 142 -8.47 -19.15 -57.77
C LYS A 142 -8.13 -19.09 -56.28
N ASP A 143 -8.32 -20.21 -55.60
CA ASP A 143 -8.06 -20.26 -54.18
C ASP A 143 -6.56 -20.34 -53.89
N GLU A 144 -5.85 -21.15 -54.67
CA GLU A 144 -4.43 -21.33 -54.44
C GLU A 144 -3.60 -20.15 -54.94
N TYR A 145 -4.08 -19.49 -56.01
CA TYR A 145 -3.37 -18.36 -56.63
C TYR A 145 -4.30 -17.17 -56.85
N PRO A 146 -4.69 -16.50 -55.76
CA PRO A 146 -5.72 -15.46 -55.85
C PRO A 146 -5.32 -14.24 -56.68
N SER A 147 -4.03 -14.06 -56.99
CA SER A 147 -3.61 -12.89 -57.78
C SER A 147 -3.60 -13.14 -59.30
N ASN A 148 -3.63 -14.40 -59.73
CA ASN A 148 -3.53 -14.70 -61.15
C ASN A 148 -4.72 -14.20 -61.96
N GLN A 149 -4.43 -13.54 -63.07
N GLN A 149 -4.44 -13.58 -63.09
CA GLN A 149 -5.45 -13.19 -64.07
CA GLN A 149 -5.49 -13.23 -64.03
C GLN A 149 -5.68 -14.38 -65.00
C GLN A 149 -5.67 -14.36 -65.03
N ARG A 150 -6.90 -14.55 -65.47
CA ARG A 150 -7.23 -15.64 -66.37
C ARG A 150 -7.95 -15.11 -67.60
N PHE A 151 -7.46 -15.51 -68.76
CA PHE A 151 -8.13 -15.18 -70.03
C PHE A 151 -8.76 -16.46 -70.56
N VAL A 152 -10.07 -16.44 -70.81
CA VAL A 152 -10.79 -17.68 -71.14
C VAL A 152 -11.59 -17.55 -72.43
N SER A 153 -11.32 -18.44 -73.39
CA SER A 153 -12.11 -18.59 -74.60
C SER A 153 -12.63 -20.02 -74.72
N TRP A 154 -13.89 -20.21 -74.30
CA TRP A 154 -14.57 -21.51 -74.34
C TRP A 154 -15.78 -21.40 -75.26
N LYS A 155 -16.09 -22.45 -76.01
CA LYS A 155 -17.26 -22.41 -76.89
C LYS A 155 -18.50 -23.00 -76.19
N ARG A 156 -18.30 -23.99 -75.34
CA ARG A 156 -19.38 -24.78 -74.77
C ARG A 156 -19.58 -24.58 -73.27
N VAL A 157 -18.77 -23.74 -72.66
CA VAL A 157 -18.96 -23.40 -71.27
C VAL A 157 -19.06 -21.90 -71.12
N THR A 158 -20.14 -21.46 -70.52
CA THR A 158 -20.41 -20.04 -70.34
C THR A 158 -20.25 -19.62 -68.88
N VAL A 159 -19.50 -18.55 -68.66
CA VAL A 159 -19.30 -17.99 -67.34
C VAL A 159 -19.94 -16.60 -67.31
N ASP A 160 -20.96 -16.40 -66.47
CA ASP A 160 -21.60 -15.08 -66.39
C ASP A 160 -20.68 -14.08 -65.70
N ALA A 161 -21.10 -12.82 -65.60
CA ALA A 161 -20.23 -11.78 -65.06
C ALA A 161 -19.82 -12.03 -63.60
N ASP A 162 -20.78 -12.44 -62.76
CA ASP A 162 -20.51 -12.69 -61.35
C ASP A 162 -19.46 -13.76 -61.16
N ASN A 163 -19.67 -14.88 -61.82
CA ASN A 163 -18.76 -16.00 -61.72
C ASN A 163 -17.40 -15.66 -62.31
N ALA A 164 -17.40 -14.92 -63.41
CA ALA A 164 -16.15 -14.51 -64.02
C ALA A 164 -15.33 -13.66 -63.04
N ASN A 165 -15.98 -12.74 -62.34
CA ASN A 165 -15.29 -11.94 -61.32
CA ASN A 165 -15.29 -11.94 -61.33
C ASN A 165 -14.84 -12.77 -60.14
N LYS A 166 -15.67 -13.72 -59.71
CA LYS A 166 -15.29 -14.62 -58.61
C LYS A 166 -14.01 -15.38 -58.95
N LEU A 167 -13.79 -15.65 -60.24
CA LEU A 167 -12.70 -16.52 -60.65
C LEU A 167 -11.58 -15.78 -61.38
N ASN A 168 -11.63 -14.45 -61.35
CA ASN A 168 -10.67 -13.59 -62.05
C ASN A 168 -10.52 -13.95 -63.54
N ILE A 169 -11.65 -14.23 -64.17
CA ILE A 169 -11.71 -14.54 -65.58
C ILE A 169 -12.11 -13.32 -66.40
N HIS A 170 -11.36 -13.06 -67.46
CA HIS A 170 -11.82 -12.16 -68.51
C HIS A 170 -12.05 -13.04 -69.74
N THR A 171 -13.26 -13.00 -70.31
CA THR A 171 -13.56 -13.89 -71.44
C THR A 171 -13.28 -13.22 -72.77
N TYR A 172 -12.89 -14.02 -73.76
CA TYR A 172 -12.67 -13.52 -75.12
C TYR A 172 -13.31 -14.48 -76.09
N PRO A 173 -13.76 -13.97 -77.24
CA PRO A 173 -14.36 -14.88 -78.20
C PRO A 173 -13.31 -15.79 -78.85
N LEU A 174 -13.77 -16.89 -79.43
CA LEU A 174 -12.97 -17.66 -80.36
C LEU A 174 -13.13 -17.10 -81.76
N LYS A 175 -12.14 -17.33 -82.61
CA LYS A 175 -12.35 -17.15 -84.04
C LYS A 175 -12.69 -18.51 -84.64
N GLY A 176 -13.97 -18.72 -84.92
CA GLY A 176 -14.43 -20.06 -85.25
C GLY A 176 -14.24 -20.97 -84.04
N ASN A 177 -13.32 -21.93 -84.15
CA ASN A 177 -13.06 -22.83 -83.04
C ASN A 177 -11.77 -22.55 -82.33
N ASN A 178 -11.05 -21.52 -82.77
CA ASN A 178 -9.68 -21.33 -82.37
C ASN A 178 -9.36 -19.93 -81.87
N THR A 179 -8.13 -19.77 -81.41
CA THR A 179 -7.68 -18.50 -80.84
C THR A 179 -8.04 -17.32 -81.72
N SER A 180 -8.66 -16.33 -81.10
CA SER A 180 -9.05 -15.12 -81.82
C SER A 180 -7.94 -14.05 -81.79
N PRO A 181 -7.94 -13.17 -82.79
CA PRO A 181 -7.05 -12.00 -82.75
C PRO A 181 -7.32 -11.14 -81.53
N GLU A 182 -8.56 -11.08 -81.07
CA GLU A 182 -8.89 -10.34 -79.84
C GLU A 182 -8.09 -10.87 -78.66
N MET A 183 -8.04 -12.19 -78.52
N MET A 183 -8.06 -12.19 -78.54
CA MET A 183 -7.30 -12.73 -77.39
CA MET A 183 -7.31 -12.86 -77.49
C MET A 183 -5.81 -12.48 -77.57
C MET A 183 -5.83 -12.53 -77.58
N VAL A 184 -5.31 -12.62 -78.79
CA VAL A 184 -3.88 -12.40 -79.05
C VAL A 184 -3.51 -10.99 -78.63
N ALA A 185 -4.37 -10.03 -78.97
CA ALA A 185 -4.11 -8.62 -78.64
C ALA A 185 -4.17 -8.34 -77.14
N ALA A 186 -5.15 -8.93 -76.48
CA ALA A 186 -5.31 -8.76 -75.03
C ALA A 186 -4.08 -9.29 -74.29
N ILE A 187 -3.59 -10.46 -74.71
CA ILE A 187 -2.40 -11.04 -74.12
C ILE A 187 -1.18 -10.16 -74.38
N ASP A 188 -1.06 -9.62 -75.59
CA ASP A 188 0.04 -8.73 -75.92
C ASP A 188 0.02 -7.50 -75.00
N GLU A 189 -1.14 -6.89 -74.85
CA GLU A 189 -1.32 -5.71 -74.03
C GLU A 189 -1.05 -6.02 -72.55
N TYR A 190 -1.48 -7.19 -72.07
CA TYR A 190 -1.28 -7.56 -70.68
C TYR A 190 0.21 -7.69 -70.41
N ALA A 191 0.90 -8.36 -71.31
CA ALA A 191 2.33 -8.56 -71.18
C ALA A 191 3.10 -7.24 -71.21
N GLN A 192 2.71 -6.34 -72.11
CA GLN A 192 3.37 -5.04 -72.22
C GLN A 192 3.24 -4.27 -70.90
N SER A 193 2.16 -4.51 -70.16
CA SER A 193 1.92 -3.80 -68.91
C SER A 193 2.75 -4.34 -67.72
N LYS A 194 3.40 -5.49 -67.88
CA LYS A 194 4.13 -6.09 -66.74
C LYS A 194 5.64 -5.97 -66.87
N ASN A 195 6.34 -5.83 -65.74
CA ASN A 195 7.79 -5.92 -65.72
C ASN A 195 8.26 -7.31 -66.21
N ARG A 196 7.60 -8.34 -65.71
CA ARG A 196 7.90 -9.74 -66.06
C ARG A 196 6.60 -10.49 -66.14
N LEU A 197 6.55 -11.59 -66.90
CA LEU A 197 5.30 -12.35 -66.94
C LEU A 197 5.51 -13.85 -67.24
N ASN A 198 4.84 -14.71 -66.48
CA ASN A 198 4.74 -16.13 -66.87
C ASN A 198 3.36 -16.40 -67.45
N ILE A 199 3.33 -17.13 -68.56
CA ILE A 199 2.05 -17.53 -69.12
C ILE A 199 1.89 -19.05 -69.03
N GLU A 200 0.76 -19.47 -68.47
CA GLU A 200 0.38 -20.90 -68.51
C GLU A 200 -0.70 -21.10 -69.56
N PHE A 201 -0.53 -22.10 -70.43
CA PHE A 201 -1.53 -22.42 -71.45
C PHE A 201 -2.30 -23.69 -71.09
N TYR A 202 -3.58 -23.65 -71.40
CA TYR A 202 -4.51 -24.77 -71.22
C TYR A 202 -5.35 -24.87 -72.47
N THR A 203 -5.19 -25.93 -73.25
CA THR A 203 -6.01 -26.02 -74.46
C THR A 203 -6.21 -27.49 -74.86
N ASN A 204 -6.86 -27.74 -75.99
CA ASN A 204 -7.08 -29.14 -76.39
C ASN A 204 -5.93 -29.69 -77.22
N THR A 205 -5.69 -30.99 -77.09
CA THR A 205 -4.52 -31.61 -77.69
C THR A 205 -4.58 -31.60 -79.23
N ALA A 206 -5.73 -31.98 -79.77
CA ALA A 206 -5.86 -32.12 -81.21
C ALA A 206 -5.55 -30.83 -81.92
N HIS A 207 -5.93 -29.69 -81.33
CA HIS A 207 -5.77 -28.40 -82.04
C HIS A 207 -4.84 -27.42 -81.36
N VAL A 208 -3.91 -27.95 -80.56
CA VAL A 208 -2.92 -27.11 -79.90
C VAL A 208 -2.18 -26.28 -80.93
N PHE A 209 -1.90 -26.84 -82.09
CA PHE A 209 -1.17 -26.07 -83.10
C PHE A 209 -1.99 -24.91 -83.67
N ASN A 210 -3.31 -25.03 -83.67
CA ASN A 210 -4.10 -23.90 -84.16
C ASN A 210 -4.25 -22.79 -83.10
N ASN A 211 -4.06 -23.15 -81.82
CA ASN A 211 -4.41 -22.25 -80.73
C ASN A 211 -3.24 -21.50 -80.09
N LEU A 212 -2.09 -22.15 -79.96
CA LEU A 212 -1.01 -21.56 -79.19
C LEU A 212 0.04 -20.74 -79.99
N PRO A 213 0.48 -21.23 -81.17
CA PRO A 213 1.46 -20.43 -81.93
C PRO A 213 1.07 -18.97 -82.19
N PRO A 214 -0.22 -18.67 -82.49
CA PRO A 214 -0.50 -17.23 -82.68
C PRO A 214 -0.22 -16.37 -81.45
N ILE A 215 -0.16 -16.96 -80.27
CA ILE A 215 0.14 -16.18 -79.07
C ILE A 215 1.64 -16.22 -78.82
N ILE A 216 2.24 -17.39 -79.01
CA ILE A 216 3.67 -17.57 -78.74
C ILE A 216 4.55 -16.77 -79.70
N GLN A 217 4.20 -16.75 -80.99
CA GLN A 217 5.05 -16.11 -82.00
C GLN A 217 5.34 -14.62 -81.72
N PRO A 218 4.31 -13.79 -81.52
CA PRO A 218 4.65 -12.38 -81.33
C PRO A 218 5.28 -12.11 -79.96
N LEU A 219 5.24 -13.08 -79.05
CA LEU A 219 5.83 -12.91 -77.74
C LEU A 219 7.24 -13.49 -77.66
N TYR A 220 7.64 -14.20 -78.71
CA TYR A 220 8.82 -15.05 -78.64
C TYR A 220 10.11 -14.27 -78.34
N ASN A 221 10.24 -13.11 -78.96
CA ASN A 221 11.50 -12.37 -78.80
CA ASN A 221 11.40 -12.21 -78.88
C ASN A 221 11.50 -11.46 -77.58
N ASN A 222 10.46 -11.56 -76.76
CA ASN A 222 10.38 -10.83 -75.51
C ASN A 222 10.91 -11.64 -74.31
N GLU A 223 12.12 -11.33 -73.91
CA GLU A 223 12.80 -12.07 -72.84
C GLU A 223 12.12 -11.99 -71.46
N LYS A 224 11.23 -11.03 -71.26
CA LYS A 224 10.58 -10.90 -69.96
C LYS A 224 9.34 -11.77 -69.85
N VAL A 225 8.91 -12.33 -70.98
CA VAL A 225 7.72 -13.18 -71.02
C VAL A 225 8.16 -14.64 -71.18
N LYS A 226 7.70 -15.49 -70.26
CA LYS A 226 8.04 -16.91 -70.31
C LYS A 226 6.78 -17.74 -70.38
N ILE A 227 6.78 -18.73 -71.28
CA ILE A 227 5.71 -19.73 -71.28
C ILE A 227 6.10 -20.78 -70.22
N SER A 228 5.47 -20.73 -69.06
CA SER A 228 5.94 -21.53 -67.94
C SER A 228 5.33 -22.92 -67.93
N HIS A 229 4.17 -23.08 -68.56
CA HIS A 229 3.52 -24.39 -68.58
C HIS A 229 2.44 -24.50 -69.65
N ILE A 230 2.30 -25.73 -70.16
CA ILE A 230 1.30 -26.04 -71.16
C ILE A 230 0.59 -27.31 -70.73
N SER A 231 -0.73 -27.23 -70.61
CA SER A 231 -1.55 -28.39 -70.31
C SER A 231 -2.46 -28.67 -71.48
N LEU A 232 -2.35 -29.87 -72.05
CA LEU A 232 -3.14 -30.26 -73.21
C LEU A 232 -4.09 -31.39 -72.82
N TYR A 233 -5.36 -31.26 -73.22
CA TYR A 233 -6.39 -32.20 -72.86
C TYR A 233 -7.03 -32.79 -74.10
N ASP A 234 -7.18 -34.11 -74.12
CA ASP A 234 -7.96 -34.71 -75.19
C ASP A 234 -9.36 -34.14 -75.25
N ASP A 235 -9.84 -33.94 -76.46
CA ASP A 235 -11.22 -33.52 -76.63
CA ASP A 235 -11.22 -33.55 -76.79
C ASP A 235 -12.16 -34.72 -76.52
N GLY A 236 -11.74 -35.89 -76.98
CA GLY A 236 -12.62 -37.04 -76.97
C GLY A 236 -12.06 -38.15 -77.84
N SER A 237 -12.93 -38.87 -78.54
CA SER A 237 -12.48 -40.00 -79.33
C SER A 237 -11.61 -39.54 -80.51
N SER A 238 -11.68 -38.25 -80.84
CA SER A 238 -10.99 -37.73 -82.03
C SER A 238 -9.49 -37.97 -81.98
N GLU A 239 -8.87 -37.73 -80.81
CA GLU A 239 -7.43 -37.95 -80.72
C GLU A 239 -7.07 -39.44 -80.91
N TYR A 240 -8.01 -40.32 -80.57
CA TYR A 240 -7.75 -41.76 -80.61
C TYR A 240 -7.96 -42.30 -82.01
N VAL A 241 -8.96 -41.76 -82.71
CA VAL A 241 -9.09 -42.07 -84.12
C VAL A 241 -7.81 -41.66 -84.87
N SER A 242 -7.27 -40.49 -84.54
CA SER A 242 -6.08 -40.00 -85.21
C SER A 242 -4.84 -40.83 -84.91
N LEU A 243 -4.71 -41.27 -83.66
CA LEU A 243 -3.62 -42.16 -83.27
C LEU A 243 -3.77 -43.50 -83.97
N TYR A 244 -4.99 -44.03 -83.98
CA TYR A 244 -5.25 -45.31 -84.65
C TYR A 244 -4.81 -45.28 -86.12
N GLN A 245 -5.17 -44.20 -86.83
CA GLN A 245 -4.84 -44.03 -88.25
C GLN A 245 -3.35 -43.78 -88.49
N TRP A 246 -2.64 -43.40 -87.43
CA TRP A 246 -1.23 -43.01 -87.52
C TRP A 246 -0.28 -44.11 -87.05
N LYS A 247 -0.80 -45.08 -86.29
CA LYS A 247 0.06 -45.99 -85.53
C LYS A 247 0.95 -46.86 -86.42
N ASP A 248 0.57 -47.06 -87.67
CA ASP A 248 1.32 -47.93 -88.56
C ASP A 248 2.22 -47.14 -89.54
N THR A 249 2.28 -45.83 -89.35
CA THR A 249 3.18 -45.01 -90.18
C THR A 249 4.63 -45.45 -90.00
N PRO A 250 5.34 -45.71 -91.11
CA PRO A 250 6.74 -46.15 -90.98
C PRO A 250 7.61 -45.01 -90.43
N ASN A 251 8.54 -45.35 -89.55
CA ASN A 251 9.51 -44.40 -89.00
C ASN A 251 8.84 -43.24 -88.26
N LYS A 252 7.69 -43.48 -87.66
CA LYS A 252 6.86 -42.36 -87.18
C LYS A 252 7.50 -41.57 -86.03
N ILE A 253 8.26 -42.23 -85.15
CA ILE A 253 8.87 -41.46 -84.07
C ILE A 253 10.06 -40.68 -84.59
N GLU A 254 10.83 -41.30 -85.47
CA GLU A 254 11.97 -40.62 -86.09
C GLU A 254 11.52 -39.33 -86.79
N THR A 255 10.40 -39.41 -87.49
CA THR A 255 9.82 -38.23 -88.13
C THR A 255 9.37 -37.19 -87.11
N LEU A 256 8.71 -37.64 -86.05
CA LEU A 256 8.31 -36.78 -84.95
C LEU A 256 9.53 -36.03 -84.36
N GLU A 257 10.59 -36.77 -84.01
CA GLU A 257 11.83 -36.17 -83.51
CA GLU A 257 11.81 -36.16 -83.51
C GLU A 257 12.34 -35.12 -84.48
N GLY A 258 12.36 -35.49 -85.76
CA GLY A 258 12.89 -34.62 -86.80
C GLY A 258 12.13 -33.33 -86.96
N GLU A 259 10.86 -33.33 -86.56
CA GLU A 259 10.05 -32.13 -86.72
C GLU A 259 10.04 -31.22 -85.48
N VAL A 260 10.82 -31.58 -84.46
CA VAL A 260 10.90 -30.69 -83.30
C VAL A 260 11.44 -29.32 -83.73
N SER A 261 12.51 -29.33 -84.52
CA SER A 261 13.16 -28.09 -84.99
C SER A 261 12.23 -27.32 -85.90
N LEU A 262 11.39 -28.07 -86.62
CA LEU A 262 10.39 -27.51 -87.51
C LEU A 262 9.36 -26.72 -86.69
N LEU A 263 8.88 -27.32 -85.60
CA LEU A 263 7.99 -26.60 -84.70
C LEU A 263 8.73 -25.42 -84.07
N ALA A 264 9.95 -25.67 -83.59
CA ALA A 264 10.71 -24.62 -82.88
C ALA A 264 10.96 -23.38 -83.74
N ASN A 265 11.45 -23.60 -84.97
CA ASN A 265 11.78 -22.49 -85.86
C ASN A 265 10.52 -21.73 -86.27
N TYR A 266 9.42 -22.45 -86.40
CA TYR A 266 8.14 -21.82 -86.68
C TYR A 266 7.75 -20.90 -85.54
N LEU A 267 7.82 -21.38 -84.30
CA LEU A 267 7.48 -20.51 -83.17
C LEU A 267 8.45 -19.31 -83.09
N ALA A 268 9.71 -19.54 -83.48
CA ALA A 268 10.76 -18.54 -83.36
C ALA A 268 10.66 -17.45 -84.45
N GLY A 269 9.82 -17.69 -85.45
CA GLY A 269 9.66 -16.79 -86.60
C GLY A 269 10.80 -16.83 -87.60
N THR A 270 11.54 -17.94 -87.63
CA THR A 270 12.67 -18.05 -88.56
C THR A 270 12.34 -18.94 -89.74
N SER A 271 11.13 -19.48 -89.75
CA SER A 271 10.60 -20.23 -90.87
C SER A 271 9.09 -20.08 -90.94
N PRO A 272 8.53 -19.94 -92.16
CA PRO A 272 7.06 -19.95 -92.26
C PRO A 272 6.48 -21.38 -92.30
N ASP A 273 7.36 -22.38 -92.35
CA ASP A 273 6.95 -23.79 -92.46
C ASP A 273 6.67 -24.41 -91.12
N ALA A 274 5.55 -25.11 -91.03
CA ALA A 274 5.15 -25.70 -89.77
C ALA A 274 5.01 -27.21 -89.92
N PRO A 275 5.14 -27.94 -88.80
CA PRO A 275 4.94 -29.37 -88.94
C PRO A 275 3.49 -29.66 -89.27
N LYS A 276 3.28 -30.70 -90.06
CA LYS A 276 1.94 -31.20 -90.33
C LYS A 276 1.77 -32.50 -89.55
N GLY A 277 0.54 -32.75 -89.12
CA GLY A 277 0.22 -33.98 -88.43
C GLY A 277 0.74 -34.01 -87.02
N MET A 278 1.14 -35.20 -86.58
CA MET A 278 1.45 -35.44 -85.19
C MET A 278 2.61 -34.58 -84.68
N GLY A 279 3.50 -34.21 -85.59
CA GLY A 279 4.63 -33.36 -85.26
C GLY A 279 4.25 -31.99 -84.70
N ASN A 280 3.01 -31.54 -84.94
CA ASN A 280 2.63 -30.25 -84.37
C ASN A 280 1.77 -30.46 -83.13
N ARG A 281 1.63 -31.71 -82.72
CA ARG A 281 0.73 -32.03 -81.61
C ARG A 281 1.50 -32.61 -80.43
N TYR A 282 2.38 -33.57 -80.71
CA TYR A 282 3.06 -34.33 -79.68
C TYR A 282 4.56 -34.00 -79.55
N ASN A 283 4.93 -32.77 -79.90
CA ASN A 283 6.30 -32.31 -79.75
C ASN A 283 6.44 -31.16 -78.75
N TRP A 284 5.33 -30.70 -78.19
CA TRP A 284 5.33 -29.51 -77.32
C TRP A 284 6.17 -29.73 -76.06
N HIS A 285 6.16 -30.95 -75.55
CA HIS A 285 6.94 -31.27 -74.36
C HIS A 285 8.45 -31.20 -74.61
N LYS A 286 8.85 -31.17 -75.88
CA LYS A 286 10.27 -31.04 -76.23
C LYS A 286 10.73 -29.58 -76.14
N LEU A 287 9.78 -28.67 -76.06
CA LEU A 287 10.08 -27.23 -76.12
C LEU A 287 9.62 -26.49 -74.87
N TYR A 288 8.61 -27.03 -74.21
CA TYR A 288 8.04 -26.39 -73.01
C TYR A 288 7.69 -27.45 -71.99
N ASP A 289 7.56 -27.03 -70.74
CA ASP A 289 7.05 -27.92 -69.69
C ASP A 289 5.58 -28.22 -70.02
N THR A 290 5.32 -29.43 -70.52
CA THR A 290 4.02 -29.79 -71.10
C THR A 290 3.48 -31.08 -70.47
N ASP A 291 2.20 -31.06 -70.08
CA ASP A 291 1.46 -32.25 -69.70
C ASP A 291 0.44 -32.58 -70.79
N TYR A 292 0.39 -33.85 -71.20
CA TYR A 292 -0.66 -34.33 -72.09
C TYR A 292 -1.67 -35.16 -71.31
N TYR A 293 -2.86 -34.63 -71.05
CA TYR A 293 -3.85 -35.41 -70.34
C TYR A 293 -4.63 -36.27 -71.31
N PHE A 294 -4.40 -37.56 -71.20
CA PHE A 294 -5.06 -38.54 -72.04
C PHE A 294 -6.36 -38.99 -71.40
N LEU A 295 -7.44 -38.90 -72.18
CA LEU A 295 -8.71 -39.50 -71.82
C LEU A 295 -8.53 -40.99 -71.52
N ARG A 296 -7.75 -41.68 -72.35
CA ARG A 296 -7.40 -43.08 -72.08
C ARG A 296 -5.90 -43.29 -72.26
N GLU A 297 -5.13 -42.98 -71.22
CA GLU A 297 -3.68 -43.09 -71.34
C GLU A 297 -3.25 -44.52 -71.61
N ASP A 298 -4.06 -45.47 -71.15
CA ASP A 298 -3.71 -46.89 -71.32
C ASP A 298 -3.76 -47.32 -72.79
N TYR A 299 -4.30 -46.48 -73.67
CA TYR A 299 -4.25 -46.77 -75.10
C TYR A 299 -2.80 -46.89 -75.54
N LEU A 300 -1.93 -46.10 -74.92
CA LEU A 300 -0.50 -46.14 -75.16
C LEU A 300 0.14 -47.45 -74.72
N ASP A 301 -0.55 -48.20 -73.86
CA ASP A 301 -0.05 -49.51 -73.41
C ASP A 301 -0.65 -50.67 -74.21
N VAL A 302 -1.97 -50.65 -74.38
CA VAL A 302 -2.65 -51.79 -75.01
C VAL A 302 -2.39 -51.83 -76.52
N GLU A 303 -2.23 -50.68 -77.16
CA GLU A 303 -1.89 -50.69 -78.58
C GLU A 303 -0.38 -50.80 -78.76
N ALA A 304 0.09 -51.98 -79.12
CA ALA A 304 1.53 -52.22 -79.15
C ALA A 304 2.24 -51.28 -80.11
N ASN A 305 1.56 -50.89 -81.19
CA ASN A 305 2.20 -50.01 -82.16
C ASN A 305 2.25 -48.55 -81.71
N LEU A 306 1.84 -48.29 -80.47
CA LEU A 306 1.98 -46.96 -79.89
C LEU A 306 2.96 -46.94 -78.70
N HIS A 307 3.62 -48.07 -78.44
CA HIS A 307 4.65 -48.15 -77.41
C HIS A 307 5.79 -47.15 -77.68
N ASP A 308 6.09 -46.92 -78.96
CA ASP A 308 7.16 -46.00 -79.28
C ASP A 308 6.74 -44.54 -78.96
N LEU A 309 5.47 -44.21 -79.15
CA LEU A 309 4.98 -42.90 -78.74
C LEU A 309 4.93 -42.81 -77.22
N ARG A 310 4.49 -43.89 -76.58
CA ARG A 310 4.50 -43.94 -75.12
C ARG A 310 5.87 -43.56 -74.57
N ASP A 311 6.92 -44.17 -75.15
CA ASP A 311 8.27 -43.91 -74.72
C ASP A 311 8.71 -42.47 -75.02
N TYR A 312 8.31 -41.98 -76.19
CA TYR A 312 8.67 -40.63 -76.63
C TYR A 312 8.07 -39.55 -75.72
N LEU A 313 6.83 -39.77 -75.31
CA LEU A 313 6.17 -38.82 -74.43
C LEU A 313 6.68 -38.95 -73.00
N GLY A 314 6.99 -40.18 -72.60
CA GLY A 314 7.51 -40.42 -71.27
C GLY A 314 6.60 -39.86 -70.19
N SER A 315 7.20 -39.20 -69.22
CA SER A 315 6.46 -38.68 -68.07
C SER A 315 5.50 -37.54 -68.43
N SER A 316 5.58 -36.98 -69.63
CA SER A 316 4.67 -35.89 -70.00
CA SER A 316 4.67 -35.89 -69.99
C SER A 316 3.25 -36.41 -70.26
N ALA A 317 3.13 -37.71 -70.59
CA ALA A 317 1.82 -38.31 -70.78
C ALA A 317 1.21 -38.59 -69.41
N LYS A 318 -0.03 -38.12 -69.22
CA LYS A 318 -0.73 -38.28 -67.95
C LYS A 318 -2.14 -38.81 -68.16
N GLN A 319 -2.73 -39.41 -67.13
CA GLN A 319 -4.11 -39.86 -67.21
C GLN A 319 -5.02 -38.73 -66.79
N MET A 320 -5.97 -38.36 -67.63
CA MET A 320 -6.95 -37.36 -67.23
C MET A 320 -7.75 -37.86 -66.04
N PRO A 321 -7.87 -37.03 -65.00
CA PRO A 321 -8.54 -37.46 -63.78
C PRO A 321 -10.06 -37.29 -63.87
N TRP A 322 -10.81 -38.13 -63.14
CA TRP A 322 -12.26 -38.02 -63.12
C TRP A 322 -12.80 -37.64 -61.76
N ASP A 323 -11.95 -37.61 -60.75
CA ASP A 323 -12.43 -37.44 -59.38
C ASP A 323 -12.11 -36.09 -58.74
N GLU A 324 -11.63 -35.14 -59.51
CA GLU A 324 -11.23 -33.86 -58.93
C GLU A 324 -12.43 -33.08 -58.42
N PHE A 325 -13.58 -33.22 -59.08
CA PHE A 325 -14.81 -32.56 -58.62
C PHE A 325 -15.17 -32.97 -57.17
N ALA A 326 -15.02 -34.25 -56.87
CA ALA A 326 -15.38 -34.74 -55.54
C ALA A 326 -14.40 -34.22 -54.48
N LYS A 327 -13.21 -33.83 -54.91
CA LYS A 327 -12.19 -33.29 -54.01
C LYS A 327 -12.36 -31.78 -53.83
N LEU A 328 -13.25 -31.16 -54.60
CA LEU A 328 -13.57 -29.74 -54.37
C LEU A 328 -14.39 -29.61 -53.11
N SER A 329 -14.42 -28.41 -52.52
CA SER A 329 -15.28 -28.18 -51.37
C SER A 329 -16.74 -28.13 -51.81
N ASP A 330 -17.66 -28.17 -50.85
CA ASP A 330 -19.08 -28.09 -51.17
C ASP A 330 -19.41 -26.82 -51.97
N SER A 331 -18.90 -25.67 -51.53
CA SER A 331 -19.16 -24.42 -52.24
C SER A 331 -18.49 -24.40 -53.62
N GLN A 332 -17.29 -24.96 -53.70
CA GLN A 332 -16.60 -25.06 -54.98
C GLN A 332 -17.36 -25.95 -55.96
N GLN A 333 -17.91 -27.04 -55.46
CA GLN A 333 -18.77 -27.93 -56.24
C GLN A 333 -20.01 -27.19 -56.73
N THR A 334 -20.65 -26.44 -55.82
CA THR A 334 -21.81 -25.65 -56.19
C THR A 334 -21.48 -24.66 -57.31
N LEU A 335 -20.31 -24.04 -57.25
CA LEU A 335 -19.90 -23.09 -58.29
C LEU A 335 -19.75 -23.79 -59.63
N PHE A 336 -19.07 -24.93 -59.63
CA PHE A 336 -18.92 -25.72 -60.85
C PHE A 336 -20.28 -26.04 -61.44
N LEU A 337 -21.15 -26.59 -60.59
CA LEU A 337 -22.46 -27.05 -61.04
C LEU A 337 -23.27 -25.90 -61.61
N ASP A 338 -23.16 -24.75 -60.95
CA ASP A 338 -23.87 -23.55 -61.38
C ASP A 338 -23.37 -23.08 -62.74
N ILE A 339 -22.05 -23.09 -62.93
CA ILE A 339 -21.49 -22.66 -64.21
C ILE A 339 -21.88 -23.58 -65.36
N VAL A 340 -21.81 -24.89 -65.16
CA VAL A 340 -22.14 -25.84 -66.23
C VAL A 340 -23.65 -26.06 -66.36
N GLY A 341 -24.42 -25.55 -65.40
CA GLY A 341 -25.87 -25.61 -65.46
C GLY A 341 -26.47 -26.98 -65.17
N PHE A 342 -25.80 -27.74 -64.29
CA PHE A 342 -26.24 -29.08 -63.93
C PHE A 342 -26.86 -29.09 -62.54
N ASP A 343 -28.17 -29.35 -62.47
CA ASP A 343 -28.86 -29.54 -61.21
C ASP A 343 -28.64 -30.98 -60.80
N LYS A 344 -27.51 -31.22 -60.14
CA LYS A 344 -27.13 -32.55 -59.74
C LYS A 344 -28.15 -33.16 -58.77
N GLU A 345 -28.59 -32.39 -57.79
CA GLU A 345 -29.53 -32.91 -56.80
C GLU A 345 -30.84 -33.41 -57.42
N GLN A 346 -31.35 -32.69 -58.40
CA GLN A 346 -32.57 -33.10 -59.09
C GLN A 346 -32.36 -34.47 -59.75
N LEU A 347 -31.23 -34.63 -60.43
CA LEU A 347 -30.99 -35.90 -61.10
C LEU A 347 -30.86 -37.06 -60.09
N GLN A 348 -30.22 -36.79 -58.96
CA GLN A 348 -30.11 -37.82 -57.92
C GLN A 348 -31.46 -38.21 -57.36
N GLN A 349 -32.34 -37.22 -57.22
CA GLN A 349 -33.71 -37.47 -56.79
C GLN A 349 -34.43 -38.32 -57.84
N GLN A 350 -34.21 -37.99 -59.11
CA GLN A 350 -34.84 -38.75 -60.20
C GLN A 350 -34.33 -40.19 -60.25
N TYR A 351 -33.02 -40.37 -60.11
CA TYR A 351 -32.43 -41.70 -59.98
C TYR A 351 -33.06 -42.48 -58.84
N SER A 352 -33.47 -41.79 -57.78
CA SER A 352 -34.01 -42.49 -56.61
C SER A 352 -35.53 -42.60 -56.57
N GLN A 353 -36.24 -41.98 -57.53
CA GLN A 353 -37.71 -42.00 -57.56
C GLN A 353 -38.25 -43.43 -57.49
N SER A 354 -37.62 -44.29 -58.29
CA SER A 354 -37.90 -45.73 -58.31
C SER A 354 -36.66 -46.48 -57.86
N PRO A 355 -36.84 -47.61 -57.15
CA PRO A 355 -35.65 -48.29 -56.64
C PRO A 355 -34.92 -49.11 -57.71
N LEU A 356 -35.45 -49.15 -58.92
CA LEU A 356 -34.80 -49.87 -60.02
C LEU A 356 -33.49 -49.18 -60.43
N PRO A 357 -32.51 -49.98 -60.89
CA PRO A 357 -31.29 -49.37 -61.45
C PRO A 357 -31.64 -48.50 -62.65
N ASN A 358 -30.74 -47.57 -62.99
CA ASN A 358 -31.06 -46.52 -63.93
C ASN A 358 -30.40 -46.68 -65.29
N PHE A 359 -31.18 -46.50 -66.36
CA PHE A 359 -30.69 -46.66 -67.71
C PHE A 359 -30.84 -45.37 -68.51
N ILE A 360 -29.74 -44.89 -69.09
CA ILE A 360 -29.83 -43.75 -69.99
C ILE A 360 -29.76 -44.17 -71.46
N PHE A 361 -30.78 -43.82 -72.23
CA PHE A 361 -30.71 -44.09 -73.67
C PHE A 361 -30.10 -42.87 -74.34
N THR A 362 -29.05 -43.09 -75.12
CA THR A 362 -28.42 -42.00 -75.86
C THR A 362 -29.11 -41.82 -77.20
N GLY A 363 -29.77 -40.69 -77.36
CA GLY A 363 -30.52 -40.43 -78.59
C GLY A 363 -29.65 -39.65 -79.56
N THR A 364 -30.05 -39.69 -80.82
CA THR A 364 -29.38 -38.90 -81.85
C THR A 364 -30.42 -38.12 -82.61
N THR A 365 -29.96 -37.30 -83.54
CA THR A 365 -30.86 -36.53 -84.38
C THR A 365 -31.31 -37.39 -85.56
N THR A 366 -30.68 -37.19 -86.72
CA THR A 366 -30.99 -37.99 -87.89
C THR A 366 -29.74 -38.63 -88.46
N TRP A 367 -29.92 -39.52 -89.43
CA TRP A 367 -28.79 -40.09 -90.15
C TRP A 367 -29.15 -40.18 -91.65
N ALA A 368 -28.39 -40.96 -92.41
CA ALA A 368 -28.60 -41.06 -93.85
C ALA A 368 -29.94 -41.70 -94.22
N GLY A 369 -30.26 -41.70 -95.50
CA GLY A 369 -31.48 -42.32 -95.99
C GLY A 369 -32.52 -41.34 -96.53
N GLY A 370 -32.33 -40.05 -96.25
CA GLY A 370 -33.24 -39.06 -96.81
C GLY A 370 -34.60 -39.06 -96.12
N GLU A 371 -34.66 -39.83 -95.03
CA GLU A 371 -35.89 -40.15 -94.32
C GLU A 371 -36.62 -38.99 -93.62
N THR A 372 -37.90 -39.23 -93.31
CA THR A 372 -38.72 -38.27 -92.59
C THR A 372 -38.29 -38.30 -91.12
N LYS A 373 -38.63 -37.25 -90.40
CA LYS A 373 -38.24 -37.16 -89.00
C LYS A 373 -38.99 -38.14 -88.08
N GLU A 374 -40.23 -38.47 -88.44
CA GLU A 374 -41.00 -39.45 -87.68
C GLU A 374 -40.44 -40.87 -87.82
N TYR A 375 -39.46 -41.06 -88.70
CA TYR A 375 -38.85 -42.36 -88.89
C TYR A 375 -37.63 -42.48 -88.00
N TYR A 376 -36.81 -41.43 -87.99
CA TYR A 376 -35.62 -41.41 -87.14
C TYR A 376 -36.01 -41.53 -85.68
N ALA A 377 -37.13 -40.93 -85.29
CA ALA A 377 -37.63 -41.08 -83.93
C ALA A 377 -38.22 -42.48 -83.71
N GLN A 378 -38.93 -42.99 -84.71
CA GLN A 378 -39.60 -44.28 -84.58
C GLN A 378 -38.59 -45.42 -84.49
N GLN A 379 -37.50 -45.29 -85.23
CA GLN A 379 -36.44 -46.28 -85.19
C GLN A 379 -35.75 -46.27 -83.82
N GLN A 380 -35.57 -45.08 -83.26
CA GLN A 380 -34.96 -44.98 -81.94
C GLN A 380 -35.89 -45.59 -80.91
N VAL A 381 -37.19 -45.37 -81.07
CA VAL A 381 -38.20 -45.99 -80.22
C VAL A 381 -38.12 -47.52 -80.30
N ASN A 382 -37.88 -48.05 -81.50
CA ASN A 382 -37.75 -49.49 -81.67
C ASN A 382 -36.55 -50.08 -80.93
N VAL A 383 -35.44 -49.36 -80.95
CA VAL A 383 -34.24 -49.76 -80.22
C VAL A 383 -34.51 -49.83 -78.72
N ILE A 384 -35.16 -48.80 -78.18
CA ILE A 384 -35.50 -48.79 -76.76
C ILE A 384 -36.46 -49.93 -76.42
N ASN A 385 -37.46 -50.11 -77.27
CA ASN A 385 -38.40 -51.22 -77.09
C ASN A 385 -37.65 -52.55 -77.02
N ASN A 386 -36.69 -52.76 -77.92
CA ASN A 386 -35.90 -53.99 -77.87
C ASN A 386 -35.13 -54.12 -76.56
N ALA A 387 -34.54 -53.02 -76.11
CA ALA A 387 -33.72 -53.01 -74.90
C ALA A 387 -34.48 -53.45 -73.65
N ILE A 388 -35.75 -53.05 -73.55
CA ILE A 388 -36.54 -53.34 -72.35
C ILE A 388 -37.44 -54.56 -72.52
N ASN A 389 -37.41 -55.16 -73.70
CA ASN A 389 -38.16 -56.39 -73.98
C ASN A 389 -37.39 -57.61 -73.52
N GLU A 390 -37.94 -58.33 -72.54
CA GLU A 390 -37.27 -59.48 -71.94
C GLU A 390 -36.93 -60.58 -72.95
N THR A 391 -37.67 -60.66 -74.04
CA THR A 391 -37.48 -61.73 -75.02
C THR A 391 -36.47 -61.36 -76.11
N SER A 392 -36.07 -60.10 -76.15
CA SER A 392 -35.08 -59.65 -77.14
C SER A 392 -33.68 -60.15 -76.80
N PRO A 393 -32.92 -60.51 -77.82
CA PRO A 393 -31.54 -60.92 -77.56
C PRO A 393 -30.69 -59.78 -77.02
N TYR A 394 -31.13 -58.54 -77.23
CA TYR A 394 -30.37 -57.39 -76.74
C TYR A 394 -31.04 -56.70 -75.56
N TYR A 395 -31.83 -57.48 -74.83
CA TYR A 395 -32.40 -57.08 -73.55
C TYR A 395 -31.32 -56.51 -72.61
N LEU A 396 -31.63 -55.41 -71.93
CA LEU A 396 -30.64 -54.77 -71.05
C LEU A 396 -30.13 -55.68 -69.95
N GLY A 397 -30.90 -56.73 -69.63
CA GLY A 397 -30.46 -57.71 -68.65
C GLY A 397 -31.33 -57.77 -67.40
N LYS A 398 -31.91 -56.62 -67.04
CA LYS A 398 -32.82 -56.57 -65.90
C LYS A 398 -33.74 -55.37 -66.01
N ASP A 399 -34.60 -55.20 -65.02
CA ASP A 399 -35.52 -54.07 -65.03
C ASP A 399 -34.80 -52.78 -64.69
N TYR A 400 -34.92 -51.78 -65.55
CA TYR A 400 -34.32 -50.47 -65.31
C TYR A 400 -35.37 -49.37 -65.39
N ASP A 401 -35.15 -48.30 -64.63
CA ASP A 401 -35.86 -47.05 -64.85
C ASP A 401 -35.31 -46.37 -66.11
N LEU A 402 -36.20 -45.85 -66.95
CA LEU A 402 -35.78 -45.25 -68.20
C LEU A 402 -35.45 -43.76 -68.07
N PHE A 403 -34.31 -43.40 -68.66
CA PHE A 403 -33.88 -42.01 -68.79
C PHE A 403 -33.48 -41.74 -70.23
N PHE A 404 -33.59 -40.49 -70.66
CA PHE A 404 -33.35 -40.14 -72.05
C PHE A 404 -32.41 -38.97 -72.16
N LYS A 405 -31.33 -39.14 -72.90
CA LYS A 405 -30.47 -38.03 -73.26
C LYS A 405 -30.46 -37.90 -74.75
N GLY A 406 -31.26 -36.97 -75.25
CA GLY A 406 -31.35 -36.78 -76.68
C GLY A 406 -30.27 -35.84 -77.10
N HIS A 407 -30.13 -35.67 -78.40
CA HIS A 407 -29.12 -34.77 -78.95
C HIS A 407 -29.52 -33.34 -78.63
N PRO A 408 -28.53 -32.50 -78.28
CA PRO A 408 -28.76 -31.08 -77.94
C PRO A 408 -29.66 -30.36 -78.93
N ALA A 409 -29.68 -30.83 -80.17
CA ALA A 409 -30.53 -30.25 -81.20
C ALA A 409 -31.57 -31.24 -81.71
N GLY A 410 -31.89 -32.24 -80.90
CA GLY A 410 -32.83 -33.28 -81.30
C GLY A 410 -34.24 -32.78 -81.60
N GLY A 411 -34.69 -31.77 -80.86
CA GLY A 411 -35.99 -31.15 -81.10
C GLY A 411 -37.21 -32.06 -80.97
N VAL A 412 -38.07 -32.01 -81.98
CA VAL A 412 -39.29 -32.80 -81.99
C VAL A 412 -39.01 -34.31 -82.08
N ILE A 413 -37.82 -34.70 -82.55
CA ILE A 413 -37.43 -36.11 -82.48
C ILE A 413 -37.40 -36.53 -81.02
N ASN A 414 -36.78 -35.68 -80.20
CA ASN A 414 -36.72 -35.89 -78.76
C ASN A 414 -38.13 -35.98 -78.17
N ASP A 415 -39.00 -35.08 -78.60
CA ASP A 415 -40.38 -35.05 -78.12
C ASP A 415 -41.15 -36.32 -78.48
N ILE A 416 -40.97 -36.80 -79.71
CA ILE A 416 -41.65 -38.01 -80.16
C ILE A 416 -41.16 -39.22 -79.35
N ILE A 417 -39.84 -39.36 -79.20
CA ILE A 417 -39.26 -40.45 -78.44
C ILE A 417 -39.70 -40.43 -76.97
N LEU A 418 -39.61 -39.27 -76.32
CA LEU A 418 -40.07 -39.11 -74.95
C LEU A 418 -41.55 -39.43 -74.79
N GLY A 419 -42.38 -38.95 -75.70
CA GLY A 419 -43.82 -39.16 -75.59
C GLY A 419 -44.22 -40.62 -75.74
N SER A 420 -43.29 -41.45 -76.20
CA SER A 420 -43.59 -42.85 -76.42
C SER A 420 -43.34 -43.69 -75.16
N PHE A 421 -42.74 -43.06 -74.15
CA PHE A 421 -42.45 -43.75 -72.89
C PHE A 421 -42.75 -42.82 -71.71
N PRO A 422 -43.98 -42.88 -71.21
CA PRO A 422 -44.57 -41.99 -70.20
C PRO A 422 -43.70 -41.82 -68.95
N ASP A 423 -43.13 -42.91 -68.44
CA ASP A 423 -42.34 -42.84 -67.21
C ASP A 423 -40.87 -42.53 -67.44
N MET A 424 -40.46 -42.42 -68.70
CA MET A 424 -39.05 -42.15 -69.00
C MET A 424 -38.72 -40.72 -68.64
N ILE A 425 -37.64 -40.54 -67.89
CA ILE A 425 -37.28 -39.22 -67.41
C ILE A 425 -36.26 -38.55 -68.32
N ASN A 426 -36.55 -37.32 -68.73
CA ASN A 426 -35.65 -36.56 -69.60
C ASN A 426 -34.47 -35.96 -68.85
N ILE A 427 -33.29 -36.09 -69.44
CA ILE A 427 -32.10 -35.41 -68.96
C ILE A 427 -31.75 -34.35 -69.98
N PRO A 428 -31.77 -33.08 -69.56
CA PRO A 428 -31.67 -31.99 -70.54
C PRO A 428 -30.46 -32.12 -71.46
N ALA A 429 -30.72 -31.93 -72.74
CA ALA A 429 -29.72 -32.15 -73.76
C ALA A 429 -28.53 -31.23 -73.61
N LYS A 430 -28.77 -30.07 -72.98
CA LYS A 430 -27.75 -29.06 -72.69
C LYS A 430 -26.68 -29.59 -71.72
N ILE A 431 -27.02 -30.66 -71.01
CA ILE A 431 -26.13 -31.35 -70.07
C ILE A 431 -25.31 -32.45 -70.73
N SER A 432 -24.06 -32.15 -71.06
CA SER A 432 -23.19 -33.13 -71.73
C SER A 432 -22.92 -34.36 -70.86
N PHE A 433 -22.63 -35.49 -71.50
CA PHE A 433 -22.25 -36.71 -70.80
C PHE A 433 -20.95 -36.63 -69.98
N GLU A 434 -20.02 -35.77 -70.38
CA GLU A 434 -18.76 -35.59 -69.66
C GLU A 434 -19.03 -35.04 -68.25
N VAL A 435 -19.99 -34.13 -68.15
CA VAL A 435 -20.42 -33.63 -66.86
C VAL A 435 -20.88 -34.76 -65.94
N LEU A 436 -21.64 -35.71 -66.48
CA LEU A 436 -22.12 -36.81 -65.65
C LEU A 436 -20.97 -37.62 -65.07
N MET A 437 -19.97 -37.92 -65.90
CA MET A 437 -18.83 -38.72 -65.46
C MET A 437 -17.97 -37.98 -64.42
N MET A 438 -17.77 -36.69 -64.64
CA MET A 438 -16.92 -35.91 -63.75
C MET A 438 -17.55 -35.65 -62.39
N THR A 439 -18.88 -35.62 -62.34
CA THR A 439 -19.58 -35.38 -61.08
C THR A 439 -20.09 -36.69 -60.50
N ASP A 440 -19.56 -37.80 -61.00
CA ASP A 440 -19.88 -39.11 -60.47
C ASP A 440 -21.39 -39.37 -60.56
N MET A 441 -22.00 -38.99 -61.67
CA MET A 441 -23.44 -39.14 -61.83
C MET A 441 -23.82 -40.06 -62.98
N LEU A 442 -22.90 -40.93 -63.37
CA LEU A 442 -23.21 -41.93 -64.37
C LEU A 442 -24.31 -42.85 -63.85
N PRO A 443 -25.18 -43.31 -64.75
CA PRO A 443 -26.26 -44.23 -64.38
C PRO A 443 -25.72 -45.63 -64.21
N ASP A 444 -26.58 -46.62 -64.07
CA ASP A 444 -26.12 -47.98 -63.92
C ASP A 444 -25.69 -48.58 -65.25
N THR A 445 -26.37 -48.16 -66.32
CA THR A 445 -26.04 -48.67 -67.65
C THR A 445 -26.40 -47.63 -68.71
N VAL A 446 -25.67 -47.63 -69.81
CA VAL A 446 -25.87 -46.67 -70.90
C VAL A 446 -25.95 -47.42 -72.21
N ALA A 447 -26.90 -47.05 -73.06
CA ALA A 447 -27.03 -47.68 -74.37
C ALA A 447 -27.78 -46.79 -75.34
N GLY A 448 -27.72 -47.15 -76.62
CA GLY A 448 -28.46 -46.45 -77.65
C GLY A 448 -27.64 -46.17 -78.89
N ILE A 449 -27.99 -45.10 -79.59
CA ILE A 449 -27.28 -44.75 -80.82
C ILE A 449 -25.85 -44.39 -80.45
N ALA A 450 -24.93 -45.02 -81.17
CA ALA A 450 -23.52 -44.86 -80.92
C ALA A 450 -23.04 -43.48 -81.28
N SER A 451 -22.04 -43.02 -80.54
CA SER A 451 -21.33 -41.79 -80.81
C SER A 451 -20.13 -41.72 -79.88
N SER A 452 -19.36 -40.65 -80.03
CA SER A 452 -18.12 -40.43 -79.29
C SER A 452 -18.28 -40.37 -77.77
N LEU A 453 -19.49 -40.15 -77.27
CA LEU A 453 -19.71 -40.07 -75.82
C LEU A 453 -19.34 -41.38 -75.10
N TYR A 454 -19.45 -42.50 -75.80
CA TYR A 454 -19.24 -43.82 -75.17
C TYR A 454 -17.78 -44.03 -74.85
N PHE A 455 -16.94 -43.27 -75.54
CA PHE A 455 -15.50 -43.36 -75.38
C PHE A 455 -15.11 -42.92 -73.98
N THR A 456 -16.08 -42.26 -73.37
CA THR A 456 -15.94 -41.62 -72.08
C THR A 456 -16.46 -42.47 -70.89
N ILE A 457 -17.35 -43.43 -71.20
CA ILE A 457 -18.00 -44.29 -70.20
C ILE A 457 -17.22 -45.57 -69.87
N PRO A 458 -17.15 -45.94 -68.57
CA PRO A 458 -16.53 -47.20 -68.14
C PRO A 458 -17.22 -48.43 -68.74
N ALA A 459 -16.44 -49.44 -69.11
CA ALA A 459 -16.97 -50.59 -69.84
C ALA A 459 -18.16 -51.29 -69.18
N ASP A 460 -18.16 -51.44 -67.85
CA ASP A 460 -19.23 -52.21 -67.22
C ASP A 460 -20.55 -51.42 -67.27
N LYS A 461 -20.49 -50.14 -67.63
CA LYS A 461 -21.69 -49.32 -67.70
C LYS A 461 -22.20 -49.14 -69.13
N VAL A 462 -21.45 -49.65 -70.10
CA VAL A 462 -21.90 -49.62 -71.48
C VAL A 462 -22.62 -50.93 -71.82
N ASN A 463 -23.92 -50.84 -72.10
CA ASN A 463 -24.71 -52.04 -72.40
C ASN A 463 -24.57 -52.43 -73.87
N PHE A 464 -24.95 -51.51 -74.76
CA PHE A 464 -24.76 -51.71 -76.20
C PHE A 464 -24.75 -50.37 -76.92
N ILE A 465 -24.17 -50.36 -78.12
CA ILE A 465 -24.18 -49.16 -78.96
C ILE A 465 -24.71 -49.48 -80.36
N VAL A 466 -25.44 -48.54 -80.94
CA VAL A 466 -26.14 -48.79 -82.21
C VAL A 466 -25.64 -47.85 -83.30
N PHE A 467 -25.15 -48.42 -84.40
CA PHE A 467 -24.75 -47.61 -85.56
C PHE A 467 -25.82 -47.59 -86.63
N THR A 468 -25.97 -46.44 -87.26
CA THR A 468 -27.00 -46.22 -88.25
C THR A 468 -26.39 -45.97 -89.63
N SER A 469 -27.22 -46.02 -90.67
CA SER A 469 -26.74 -45.77 -92.03
C SER A 469 -26.13 -44.38 -92.15
N SER A 470 -24.96 -44.32 -92.77
CA SER A 470 -24.31 -43.05 -93.06
C SER A 470 -23.64 -43.10 -94.42
N ASP A 471 -22.86 -42.06 -94.72
CA ASP A 471 -22.05 -42.03 -95.91
C ASP A 471 -21.05 -43.19 -95.95
N THR A 472 -20.58 -43.59 -94.77
CA THR A 472 -19.53 -44.62 -94.69
C THR A 472 -19.95 -45.92 -94.00
N ILE A 473 -21.13 -45.95 -93.39
CA ILE A 473 -21.54 -47.15 -92.66
C ILE A 473 -22.92 -47.62 -93.16
N THR A 474 -22.97 -48.79 -93.79
CA THR A 474 -24.25 -49.25 -94.35
C THR A 474 -24.67 -50.64 -93.84
N ASP A 475 -23.81 -51.27 -93.05
CA ASP A 475 -24.19 -52.50 -92.35
C ASP A 475 -23.28 -52.71 -91.15
N ARG A 476 -23.56 -53.76 -90.38
CA ARG A 476 -22.85 -54.00 -89.13
C ARG A 476 -21.36 -54.19 -89.35
N GLU A 477 -21.02 -54.94 -90.39
CA GLU A 477 -19.62 -55.21 -90.70
C GLU A 477 -18.81 -53.94 -90.96
N GLU A 478 -19.42 -52.94 -91.60
CA GLU A 478 -18.69 -51.69 -91.82
C GLU A 478 -18.55 -50.89 -90.52
N ALA A 479 -19.56 -50.99 -89.66
CA ALA A 479 -19.49 -50.37 -88.33
C ALA A 479 -18.32 -50.94 -87.53
N LEU A 480 -18.20 -52.26 -87.52
CA LEU A 480 -17.19 -52.95 -86.72
C LEU A 480 -15.77 -52.61 -87.17
N LYS A 481 -15.59 -52.36 -88.46
CA LYS A 481 -14.26 -52.06 -88.99
C LYS A 481 -13.90 -50.58 -88.93
N SER A 482 -14.87 -49.74 -88.59
CA SER A 482 -14.62 -48.31 -88.50
C SER A 482 -13.56 -48.03 -87.43
N PRO A 483 -12.77 -46.95 -87.59
CA PRO A 483 -11.70 -46.66 -86.63
C PRO A 483 -12.20 -46.51 -85.19
N LEU A 484 -13.31 -45.82 -85.01
CA LEU A 484 -13.85 -45.57 -83.68
C LEU A 484 -14.11 -46.87 -82.95
N VAL A 485 -14.72 -47.84 -83.63
CA VAL A 485 -15.05 -49.10 -83.00
C VAL A 485 -13.78 -49.91 -82.72
N GLN A 486 -12.86 -49.90 -83.68
CA GLN A 486 -11.61 -50.63 -83.51
C GLN A 486 -10.85 -50.18 -82.25
N VAL A 487 -10.79 -48.87 -82.03
CA VAL A 487 -10.18 -48.35 -80.80
C VAL A 487 -10.96 -48.75 -79.57
N MET A 488 -12.29 -48.64 -79.61
CA MET A 488 -13.09 -49.07 -78.47
C MET A 488 -12.94 -50.56 -78.18
N LEU A 489 -12.84 -51.38 -79.23
CA LEU A 489 -12.58 -52.83 -79.02
C LEU A 489 -11.24 -53.03 -78.34
N THR A 490 -10.20 -52.35 -78.83
CA THR A 490 -8.86 -52.47 -78.24
C THR A 490 -8.84 -52.01 -76.77
N LEU A 491 -9.60 -50.98 -76.45
CA LEU A 491 -9.65 -50.47 -75.08
C LEU A 491 -10.58 -51.27 -74.18
N GLY A 492 -11.33 -52.19 -74.79
CA GLY A 492 -12.25 -53.04 -74.06
C GLY A 492 -13.50 -52.31 -73.58
N ILE A 493 -13.83 -51.21 -74.25
CA ILE A 493 -15.02 -50.42 -73.91
C ILE A 493 -16.26 -51.21 -74.34
N VAL A 494 -16.15 -51.79 -75.53
CA VAL A 494 -17.19 -52.72 -76.00
C VAL A 494 -16.55 -54.01 -76.50
N LYS A 495 -17.36 -55.07 -76.59
CA LYS A 495 -17.01 -56.26 -77.35
C LYS A 495 -17.82 -56.22 -78.64
N GLU A 496 -17.41 -57.00 -79.65
CA GLU A 496 -18.11 -56.98 -80.93
C GLU A 496 -19.60 -57.23 -80.77
N LYS A 497 -19.98 -58.12 -79.84
CA LYS A 497 -21.38 -58.42 -79.59
C LYS A 497 -22.17 -57.18 -79.13
N ASP A 498 -21.47 -56.18 -78.61
CA ASP A 498 -22.12 -54.97 -78.10
C ASP A 498 -22.37 -53.96 -79.21
N VAL A 499 -21.91 -54.26 -80.43
CA VAL A 499 -22.06 -53.32 -81.53
C VAL A 499 -23.18 -53.76 -82.46
N LEU A 500 -24.17 -52.88 -82.60
CA LEU A 500 -25.37 -53.15 -83.39
C LEU A 500 -25.49 -52.21 -84.58
N PHE A 501 -26.24 -52.61 -85.60
CA PHE A 501 -26.51 -51.72 -86.72
C PHE A 501 -28.01 -51.55 -86.98
N TRP A 502 -28.40 -50.32 -87.23
CA TRP A 502 -29.77 -49.93 -87.53
C TRP A 502 -29.93 -49.08 -88.78
N ALA A 503 -29.99 -49.73 -89.94
CA ALA A 503 -30.26 -49.15 -91.28
C ALA A 503 -30.97 -47.79 -91.36
N GLU B 31 4.68 -25.96 -38.57
CA GLU B 31 5.00 -24.56 -38.81
C GLU B 31 5.27 -23.83 -37.51
N THR B 32 4.80 -24.41 -36.40
CA THR B 32 5.05 -23.85 -35.07
C THR B 32 5.56 -24.92 -34.11
N VAL B 33 6.74 -24.67 -33.55
CA VAL B 33 7.33 -25.55 -32.55
C VAL B 33 7.51 -24.78 -31.24
N SER B 34 6.91 -25.30 -30.17
CA SER B 34 7.02 -24.68 -28.84
C SER B 34 7.73 -25.64 -27.89
N SER B 35 8.62 -25.11 -27.06
CA SER B 35 9.32 -25.95 -26.08
C SER B 35 9.32 -25.29 -24.72
N ASN B 36 9.33 -26.12 -23.69
CA ASN B 36 9.50 -25.61 -22.33
C ASN B 36 10.03 -26.65 -21.38
N SER B 37 10.47 -26.20 -20.23
CA SER B 37 11.07 -27.06 -19.22
C SER B 37 10.47 -26.72 -17.87
N ALA B 38 10.25 -27.73 -17.05
CA ALA B 38 9.77 -27.47 -15.71
C ALA B 38 10.25 -28.55 -14.76
N ASP B 39 10.48 -28.13 -13.53
CA ASP B 39 10.72 -29.03 -12.42
C ASP B 39 9.37 -29.41 -11.85
N VAL B 40 9.17 -30.69 -11.57
CA VAL B 40 7.96 -31.15 -10.91
C VAL B 40 8.36 -31.84 -9.60
N VAL B 41 7.84 -31.36 -8.49
CA VAL B 41 8.13 -31.98 -7.20
C VAL B 41 7.51 -33.38 -7.15
N GLU B 42 8.27 -34.34 -6.63
CA GLU B 42 7.76 -35.69 -6.41
C GLU B 42 6.38 -35.64 -5.76
N THR B 43 5.46 -36.48 -6.28
CA THR B 43 4.06 -36.58 -5.86
C THR B 43 3.15 -35.44 -6.31
N GLU B 44 3.72 -34.37 -6.85
CA GLU B 44 2.88 -33.28 -7.35
C GLU B 44 2.50 -33.50 -8.81
N THR B 45 1.53 -32.74 -9.28
CA THR B 45 0.96 -32.97 -10.61
C THR B 45 1.34 -31.87 -11.58
N TYR B 46 1.67 -32.26 -12.80
CA TYR B 46 1.90 -31.28 -13.85
C TYR B 46 0.98 -31.60 -15.01
N GLN B 47 0.26 -30.59 -15.49
CA GLN B 47 -0.60 -30.82 -16.63
C GLN B 47 0.14 -30.57 -17.93
N LEU B 48 0.37 -31.65 -18.67
CA LEU B 48 0.91 -31.55 -20.02
C LEU B 48 -0.19 -31.06 -20.94
N THR B 49 0.15 -30.11 -21.81
CA THR B 49 -0.84 -29.45 -22.64
C THR B 49 -0.13 -28.76 -23.80
N PRO B 50 -0.80 -28.63 -24.96
CA PRO B 50 -0.13 -27.90 -26.03
C PRO B 50 0.09 -26.43 -25.65
N ILE B 51 1.22 -25.88 -26.07
CA ILE B 51 1.51 -24.48 -25.84
C ILE B 51 0.96 -23.61 -26.97
N ASP B 52 0.11 -22.66 -26.62
CA ASP B 52 -0.47 -21.69 -27.57
C ASP B 52 -1.02 -22.33 -28.84
N ALA B 53 -1.90 -23.32 -28.64
CA ALA B 53 -2.47 -24.03 -29.76
C ALA B 53 -3.99 -23.97 -29.67
N PRO B 54 -4.69 -24.21 -30.78
CA PRO B 54 -6.15 -24.21 -30.72
C PRO B 54 -6.69 -25.35 -29.87
N SER B 55 -8.00 -25.35 -29.63
CA SER B 55 -8.61 -26.33 -28.74
C SER B 55 -9.07 -27.58 -29.49
N SER B 56 -8.97 -27.54 -30.82
CA SER B 56 -9.37 -28.67 -31.64
C SER B 56 -8.44 -28.89 -32.83
N PHE B 57 -8.29 -30.15 -33.23
CA PHE B 57 -7.37 -30.54 -34.29
C PHE B 57 -8.00 -31.60 -35.18
N LEU B 58 -7.66 -31.58 -36.47
CA LEU B 58 -8.04 -32.66 -37.37
C LEU B 58 -7.35 -33.94 -36.90
N SER B 59 -6.10 -33.80 -36.50
CA SER B 59 -5.36 -34.90 -35.89
C SER B 59 -4.40 -34.36 -34.84
N HIS B 60 -4.11 -35.19 -33.85
CA HIS B 60 -3.28 -34.79 -32.71
C HIS B 60 -2.77 -36.02 -31.98
N SER B 61 -1.64 -35.89 -31.30
CA SER B 61 -1.13 -37.02 -30.53
C SER B 61 -0.11 -36.61 -29.49
N TRP B 62 -0.07 -37.34 -28.39
CA TRP B 62 1.02 -37.23 -27.43
C TRP B 62 1.96 -38.41 -27.57
N GLU B 63 3.24 -38.10 -27.46
CA GLU B 63 4.31 -39.07 -27.48
C GLU B 63 5.21 -38.82 -26.28
N GLN B 64 5.73 -39.88 -25.68
CA GLN B 64 6.79 -39.75 -24.70
C GLN B 64 8.04 -40.13 -25.46
N THR B 65 9.08 -39.29 -25.41
CA THR B 65 10.24 -39.57 -26.25
C THR B 65 11.47 -39.95 -25.43
N CYS B 66 11.39 -39.79 -24.11
CA CYS B 66 12.41 -40.34 -23.21
C CYS B 66 11.98 -40.29 -21.73
N GLY B 67 12.72 -41.00 -20.88
CA GLY B 67 12.37 -41.20 -19.49
C GLY B 67 11.57 -42.48 -19.37
N THR B 68 11.47 -43.00 -18.15
CA THR B 68 10.69 -44.20 -17.86
C THR B 68 9.29 -44.08 -18.41
N PRO B 69 8.84 -45.09 -19.16
CA PRO B 69 7.51 -45.05 -19.77
C PRO B 69 6.45 -44.88 -18.69
N ILE B 70 5.56 -43.91 -18.90
CA ILE B 70 4.61 -43.53 -17.88
C ILE B 70 3.32 -43.09 -18.56
N LEU B 71 3.42 -42.88 -19.86
CA LEU B 71 2.31 -42.39 -20.66
C LEU B 71 1.19 -43.43 -20.82
N ASN B 72 -0.02 -43.08 -20.39
CA ASN B 72 -1.20 -43.94 -20.59
C ASN B 72 -1.63 -43.96 -22.04
N GLU B 73 -2.20 -45.07 -22.47
CA GLU B 73 -2.69 -45.20 -23.84
C GLU B 73 -3.77 -44.14 -24.12
N SER B 74 -4.63 -43.91 -23.15
CA SER B 74 -5.70 -42.94 -23.28
C SER B 74 -5.14 -41.53 -23.43
N ASP B 75 -3.99 -41.30 -22.82
CA ASP B 75 -3.34 -39.99 -22.85
C ASP B 75 -2.74 -39.66 -24.21
N LYS B 76 -2.49 -40.69 -25.02
CA LYS B 76 -1.96 -40.49 -26.36
C LYS B 76 -2.93 -39.66 -27.20
N GLN B 77 -4.21 -39.78 -26.89
CA GLN B 77 -5.25 -39.06 -27.64
C GLN B 77 -5.86 -37.90 -26.87
N ALA B 78 -5.32 -37.62 -25.69
CA ALA B 78 -5.79 -36.49 -24.92
C ALA B 78 -5.18 -35.20 -25.45
N ILE B 79 -5.87 -34.09 -25.24
CA ILE B 79 -5.27 -32.77 -25.50
C ILE B 79 -4.43 -32.40 -24.30
N SER B 80 -5.06 -32.40 -23.12
CA SER B 80 -4.35 -32.18 -21.87
C SER B 80 -4.44 -33.44 -20.99
N PHE B 81 -3.39 -33.70 -20.22
CA PHE B 81 -3.43 -34.82 -19.26
C PHE B 81 -2.45 -34.60 -18.13
N ASP B 82 -2.65 -35.35 -17.05
CA ASP B 82 -1.90 -35.16 -15.83
C ASP B 82 -0.66 -36.03 -15.72
N PHE B 83 0.47 -35.39 -15.44
CA PHE B 83 1.70 -36.07 -15.06
C PHE B 83 1.85 -35.98 -13.54
N VAL B 84 1.82 -37.11 -12.87
CA VAL B 84 2.06 -37.15 -11.45
C VAL B 84 3.48 -37.65 -11.22
N ALA B 85 4.33 -36.79 -10.67
CA ALA B 85 5.75 -37.11 -10.54
C ALA B 85 5.96 -38.28 -9.60
N PRO B 86 6.64 -39.33 -10.08
CA PRO B 86 6.97 -40.50 -9.28
C PRO B 86 8.03 -40.18 -8.23
N GLU B 87 8.19 -41.07 -7.26
CA GLU B 87 9.22 -40.90 -6.25
C GLU B 87 10.46 -41.66 -6.68
N LEU B 88 11.58 -40.95 -6.76
CA LEU B 88 12.78 -41.51 -7.39
C LEU B 88 14.00 -41.47 -6.48
N LYS B 89 15.09 -42.06 -6.97
CA LYS B 89 16.34 -42.05 -6.23
C LYS B 89 17.19 -40.84 -6.54
N GLN B 90 16.94 -40.28 -7.73
CA GLN B 90 17.70 -39.15 -8.28
C GLN B 90 16.81 -38.37 -9.22
N ASP B 91 17.20 -37.15 -9.59
CA ASP B 91 16.48 -36.40 -10.62
C ASP B 91 16.45 -37.22 -11.90
N GLU B 92 15.34 -37.14 -12.61
CA GLU B 92 15.13 -37.92 -13.81
C GLU B 92 14.25 -37.09 -14.74
N LYS B 93 14.56 -37.16 -16.03
CA LYS B 93 13.85 -36.37 -17.02
C LYS B 93 12.77 -37.16 -17.71
N TYR B 94 11.64 -36.50 -17.97
CA TYR B 94 10.57 -37.08 -18.75
C TYR B 94 10.23 -36.09 -19.86
N CYS B 95 10.37 -36.50 -21.12
CA CYS B 95 10.06 -35.62 -22.25
C CYS B 95 8.81 -36.04 -22.98
N PHE B 96 7.97 -35.08 -23.31
CA PHE B 96 6.76 -35.36 -24.06
C PHE B 96 6.60 -34.46 -25.27
N THR B 97 6.18 -35.05 -26.39
CA THR B 97 5.93 -34.27 -27.59
C THR B 97 4.48 -34.40 -28.04
N PHE B 98 3.82 -33.24 -28.17
CA PHE B 98 2.50 -33.15 -28.75
C PHE B 98 2.61 -32.68 -30.20
N LYS B 99 1.91 -33.36 -31.10
CA LYS B 99 1.83 -32.93 -32.50
C LYS B 99 0.37 -32.69 -32.87
N GLY B 100 0.09 -31.50 -33.39
CA GLY B 100 -1.26 -31.15 -33.79
C GLY B 100 -1.27 -30.51 -35.16
N ILE B 101 -2.17 -30.98 -36.02
CA ILE B 101 -2.22 -30.47 -37.39
C ILE B 101 -3.60 -29.93 -37.72
N THR B 102 -3.65 -28.67 -38.17
CA THR B 102 -4.89 -28.10 -38.71
C THR B 102 -4.83 -27.87 -40.23
N GLY B 103 -5.87 -27.20 -40.74
CA GLY B 103 -6.02 -26.89 -42.14
C GLY B 103 -5.04 -25.90 -42.77
N ASP B 104 -4.12 -25.38 -41.97
CA ASP B 104 -3.15 -24.40 -42.47
C ASP B 104 -1.93 -24.31 -41.57
N HIS B 105 -1.88 -25.19 -40.57
CA HIS B 105 -0.90 -25.03 -39.51
C HIS B 105 -0.54 -26.36 -38.85
N ARG B 106 0.75 -26.57 -38.63
CA ARG B 106 1.23 -27.70 -37.84
C ARG B 106 1.81 -27.22 -36.51
N TYR B 107 1.37 -27.85 -35.42
CA TYR B 107 1.75 -27.43 -34.06
C TYR B 107 2.54 -28.51 -33.35
N ILE B 108 3.72 -28.18 -32.86
CA ILE B 108 4.48 -29.11 -32.04
C ILE B 108 4.76 -28.47 -30.68
N THR B 109 4.51 -29.23 -29.62
CA THR B 109 4.93 -28.84 -28.27
C THR B 109 5.85 -29.93 -27.70
N ASN B 110 7.04 -29.53 -27.32
CA ASN B 110 7.98 -30.43 -26.64
C ASN B 110 8.12 -29.99 -25.19
N THR B 111 7.66 -30.80 -24.26
CA THR B 111 7.78 -30.42 -22.84
C THR B 111 8.69 -31.38 -22.11
N THR B 112 9.69 -30.82 -21.45
CA THR B 112 10.64 -31.62 -20.69
C THR B 112 10.44 -31.43 -19.20
N LEU B 113 10.05 -32.50 -18.53
CA LEU B 113 9.82 -32.42 -17.10
C LEU B 113 10.92 -33.14 -16.33
N THR B 114 11.48 -32.43 -15.36
CA THR B 114 12.46 -33.00 -14.45
C THR B 114 11.80 -33.21 -13.10
N VAL B 115 11.74 -34.45 -12.66
CA VAL B 115 11.21 -34.75 -11.35
C VAL B 115 12.29 -34.50 -10.30
N VAL B 116 11.98 -33.63 -9.35
CA VAL B 116 12.93 -33.19 -8.34
C VAL B 116 12.42 -33.43 -6.92
N ALA B 117 13.35 -33.48 -5.97
CA ALA B 117 12.98 -33.60 -4.57
C ALA B 117 12.29 -32.33 -4.10
N PRO B 118 11.38 -32.46 -3.13
CA PRO B 118 10.81 -31.26 -2.50
C PRO B 118 11.90 -30.50 -1.77
N THR B 119 11.66 -29.21 -1.55
CA THR B 119 12.59 -28.36 -0.79
C THR B 119 11.89 -27.76 0.45
N LEU B 120 12.51 -27.93 1.61
CA LEU B 120 12.07 -27.29 2.84
C LEU B 120 13.01 -26.15 3.17
N GLU B 121 12.46 -24.95 3.34
CA GLU B 121 13.26 -23.78 3.70
C GLU B 121 13.14 -23.51 5.18
N VAL B 122 14.28 -23.42 5.86
CA VAL B 122 14.32 -23.25 7.30
C VAL B 122 15.01 -21.93 7.68
N TYR B 123 14.29 -21.10 8.42
CA TYR B 123 14.71 -19.74 8.78
C TYR B 123 14.79 -19.61 10.30
N ILE B 124 15.97 -19.22 10.79
CA ILE B 124 16.21 -19.10 12.22
C ILE B 124 17.00 -17.81 12.52
N ASP B 125 16.42 -16.91 13.31
CA ASP B 125 17.12 -15.69 13.69
C ASP B 125 16.47 -14.99 14.87
N HIS B 126 17.31 -14.44 15.73
CA HIS B 126 16.88 -13.74 16.92
C HIS B 126 17.05 -12.24 16.71
N ALA B 127 17.71 -11.83 15.63
CA ALA B 127 18.07 -10.43 15.47
C ALA B 127 17.10 -9.74 14.51
N SER B 128 17.50 -8.61 13.94
CA SER B 128 16.65 -7.83 13.03
C SER B 128 17.03 -8.00 11.57
N LEU B 129 18.27 -7.65 11.25
CA LEU B 129 18.72 -7.63 9.87
C LEU B 129 18.57 -8.97 9.12
N PRO B 130 19.04 -10.10 9.71
CA PRO B 130 18.87 -11.38 8.99
C PRO B 130 17.40 -11.72 8.77
N SER B 131 16.55 -11.48 9.75
CA SER B 131 15.14 -11.76 9.58
C SER B 131 14.51 -10.93 8.46
N LEU B 132 14.86 -9.66 8.38
CA LEU B 132 14.32 -8.77 7.34
C LEU B 132 14.78 -9.17 5.95
N GLN B 133 16.06 -9.51 5.82
CA GLN B 133 16.61 -9.95 4.54
C GLN B 133 15.92 -11.23 4.12
N GLN B 134 15.76 -12.11 5.09
CA GLN B 134 15.12 -13.40 4.86
C GLN B 134 13.65 -13.22 4.46
N LEU B 135 12.97 -12.26 5.08
CA LEU B 135 11.56 -12.03 4.76
C LEU B 135 11.39 -11.63 3.29
N ILE B 136 12.27 -10.75 2.82
CA ILE B 136 12.28 -10.38 1.41
C ILE B 136 12.50 -11.60 0.53
N HIS B 137 13.46 -12.44 0.93
CA HIS B 137 13.74 -13.64 0.15
C HIS B 137 12.52 -14.55 0.11
N ILE B 138 11.82 -14.69 1.23
CA ILE B 138 10.62 -15.52 1.30
C ILE B 138 9.51 -14.99 0.38
N ILE B 139 9.32 -13.69 0.40
CA ILE B 139 8.28 -13.09 -0.43
C ILE B 139 8.58 -13.39 -1.89
N GLN B 140 9.85 -13.24 -2.29
CA GLN B 140 10.27 -13.63 -3.63
C GLN B 140 10.08 -15.15 -3.87
N ALA B 141 10.49 -15.96 -2.90
CA ALA B 141 10.55 -17.41 -3.11
C ALA B 141 9.16 -18.03 -3.15
N LYS B 142 8.20 -17.41 -2.49
CA LYS B 142 6.80 -17.85 -2.60
C LYS B 142 6.35 -17.83 -4.07
N ASP B 143 6.74 -16.79 -4.81
CA ASP B 143 6.33 -16.68 -6.20
C ASP B 143 7.13 -17.61 -7.11
N GLU B 144 8.44 -17.69 -6.89
CA GLU B 144 9.31 -18.49 -7.75
C GLU B 144 9.23 -20.00 -7.45
N TYR B 145 8.99 -20.36 -6.20
CA TYR B 145 8.92 -21.76 -5.76
C TYR B 145 7.69 -22.00 -4.89
N PRO B 146 6.50 -22.00 -5.51
CA PRO B 146 5.24 -22.04 -4.78
C PRO B 146 4.99 -23.35 -4.03
N SER B 147 5.76 -24.39 -4.34
CA SER B 147 5.58 -25.69 -3.67
C SER B 147 6.37 -25.80 -2.36
N ASN B 148 7.37 -24.94 -2.17
CA ASN B 148 8.23 -25.02 -0.98
C ASN B 148 7.54 -24.69 0.32
N GLN B 149 7.70 -25.57 1.30
N GLN B 149 7.64 -25.57 1.30
CA GLN B 149 7.26 -25.33 2.67
CA GLN B 149 7.17 -25.22 2.63
C GLN B 149 8.35 -24.52 3.40
C GLN B 149 8.30 -24.54 3.41
N ARG B 150 7.93 -23.66 4.33
CA ARG B 150 8.88 -22.84 5.06
C ARG B 150 8.65 -22.94 6.55
N PHE B 151 9.73 -23.22 7.27
CA PHE B 151 9.68 -23.23 8.72
C PHE B 151 10.42 -21.99 9.21
N VAL B 152 9.74 -21.16 10.00
CA VAL B 152 10.31 -19.85 10.39
C VAL B 152 10.28 -19.62 11.89
N SER B 153 11.45 -19.35 12.47
CA SER B 153 11.57 -18.93 13.86
C SER B 153 12.28 -17.58 13.96
N TRP B 154 11.50 -16.52 14.10
CA TRP B 154 12.02 -15.16 14.19
C TRP B 154 11.59 -14.56 15.51
N LYS B 155 12.46 -13.79 16.14
CA LYS B 155 12.14 -13.17 17.42
C LYS B 155 11.58 -11.76 17.26
N ARG B 156 12.07 -11.05 16.24
CA ARG B 156 11.81 -9.61 16.09
C ARG B 156 10.91 -9.28 14.91
N VAL B 157 10.50 -10.30 14.17
CA VAL B 157 9.53 -10.17 13.11
C VAL B 157 8.42 -11.20 13.33
N THR B 158 7.18 -10.71 13.40
CA THR B 158 6.04 -11.58 13.66
C THR B 158 5.19 -11.74 12.42
N VAL B 159 4.88 -12.99 12.08
CA VAL B 159 4.03 -13.27 10.94
C VAL B 159 2.72 -13.87 11.44
N ASP B 160 1.62 -13.16 11.23
CA ASP B 160 0.32 -13.64 11.69
C ASP B 160 -0.16 -14.80 10.84
N ALA B 161 -1.29 -15.38 11.22
CA ALA B 161 -1.79 -16.58 10.57
C ALA B 161 -2.05 -16.30 9.09
N ASP B 162 -2.69 -15.16 8.82
CA ASP B 162 -3.08 -14.78 7.47
C ASP B 162 -1.88 -14.64 6.53
N ASN B 163 -0.89 -13.86 6.95
CA ASN B 163 0.32 -13.66 6.16
C ASN B 163 1.16 -14.92 6.04
N ALA B 164 1.19 -15.72 7.11
CA ALA B 164 1.91 -16.99 7.08
C ALA B 164 1.37 -17.88 5.97
N ASN B 165 0.04 -17.96 5.87
CA ASN B 165 -0.60 -18.74 4.81
C ASN B 165 -0.23 -18.20 3.44
N LYS B 166 -0.18 -16.87 3.31
CA LYS B 166 0.25 -16.25 2.06
C LYS B 166 1.65 -16.65 1.62
N LEU B 167 2.53 -16.95 2.58
CA LEU B 167 3.92 -17.21 2.23
C LEU B 167 4.33 -18.67 2.45
N ASN B 168 3.34 -19.54 2.68
CA ASN B 168 3.58 -20.95 3.00
C ASN B 168 4.52 -21.12 4.18
N ILE B 169 4.29 -20.31 5.19
CA ILE B 169 5.07 -20.33 6.40
C ILE B 169 4.38 -21.08 7.53
N HIS B 170 5.14 -21.95 8.18
CA HIS B 170 4.72 -22.48 9.47
C HIS B 170 5.71 -21.90 10.48
N THR B 171 5.21 -21.21 11.49
CA THR B 171 6.11 -20.56 12.46
C THR B 171 6.35 -21.47 13.65
N TYR B 172 7.55 -21.36 14.21
CA TYR B 172 7.94 -22.13 15.39
C TYR B 172 8.68 -21.22 16.37
N PRO B 173 8.58 -21.53 17.68
CA PRO B 173 9.28 -20.71 18.66
C PRO B 173 10.80 -20.86 18.62
N LEU B 174 11.52 -19.92 19.22
CA LEU B 174 12.93 -20.09 19.55
C LEU B 174 13.07 -20.65 20.95
N LYS B 175 14.19 -21.33 21.21
CA LYS B 175 14.60 -21.58 22.59
C LYS B 175 15.62 -20.52 22.95
N GLY B 176 15.21 -19.53 23.73
CA GLY B 176 16.04 -18.37 23.92
C GLY B 176 16.22 -17.62 22.63
N ASN B 177 17.46 -17.59 22.13
CA ASN B 177 17.77 -16.92 20.87
C ASN B 177 17.97 -17.91 19.74
N ASN B 178 17.85 -19.19 20.07
CA ASN B 178 18.28 -20.20 19.12
C ASN B 178 17.22 -21.24 18.84
N THR B 179 17.53 -22.13 17.90
CA THR B 179 16.63 -23.19 17.45
C THR B 179 15.94 -23.90 18.62
N SER B 180 14.62 -24.03 18.52
CA SER B 180 13.81 -24.67 19.55
C SER B 180 13.65 -26.18 19.33
N PRO B 181 13.36 -26.93 20.40
CA PRO B 181 13.04 -28.35 20.21
C PRO B 181 11.83 -28.51 19.30
N GLU B 182 10.90 -27.57 19.35
CA GLU B 182 9.74 -27.60 18.47
C GLU B 182 10.13 -27.68 17.00
N MET B 183 11.07 -26.84 16.58
CA MET B 183 11.49 -26.80 15.18
C MET B 183 12.24 -28.04 14.75
N VAL B 184 13.14 -28.52 15.61
CA VAL B 184 13.93 -29.72 15.31
C VAL B 184 13.02 -30.91 15.05
N ALA B 185 11.98 -31.05 15.88
CA ALA B 185 11.01 -32.15 15.75
C ALA B 185 10.18 -31.99 14.48
N ALA B 186 9.76 -30.76 14.20
CA ALA B 186 8.96 -30.49 13.01
C ALA B 186 9.73 -30.88 11.76
N ILE B 187 10.99 -30.51 11.72
CA ILE B 187 11.86 -30.86 10.60
C ILE B 187 12.05 -32.37 10.54
N ASP B 188 12.18 -33.00 11.70
CA ASP B 188 12.34 -34.45 11.73
C ASP B 188 11.16 -35.17 11.10
N GLU B 189 9.94 -34.86 11.54
CA GLU B 189 8.78 -35.55 10.99
C GLU B 189 8.56 -35.18 9.52
N TYR B 190 8.92 -33.95 9.13
CA TYR B 190 8.75 -33.53 7.75
C TYR B 190 9.63 -34.40 6.86
N ALA B 191 10.90 -34.53 7.25
CA ALA B 191 11.83 -35.36 6.49
C ALA B 191 11.37 -36.82 6.45
N GLN B 192 10.83 -37.30 7.56
CA GLN B 192 10.36 -38.69 7.60
C GLN B 192 9.31 -39.00 6.54
N SER B 193 8.46 -38.00 6.28
CA SER B 193 7.34 -38.14 5.37
C SER B 193 7.70 -38.08 3.89
N LYS B 194 8.94 -37.72 3.59
CA LYS B 194 9.36 -37.52 2.21
C LYS B 194 10.27 -38.62 1.69
N ASN B 195 10.11 -38.97 0.41
CA ASN B 195 11.00 -39.90 -0.30
C ASN B 195 12.43 -39.36 -0.43
N ARG B 196 12.53 -38.08 -0.77
CA ARG B 196 13.78 -37.34 -0.89
C ARG B 196 13.50 -35.95 -0.35
N LEU B 197 14.52 -35.26 0.16
CA LEU B 197 14.31 -33.89 0.63
C LEU B 197 15.57 -33.04 0.54
N ASN B 198 15.42 -31.84 -0.02
CA ASN B 198 16.46 -30.82 0.09
C ASN B 198 16.10 -29.81 1.15
N ILE B 199 17.08 -29.49 1.99
CA ILE B 199 16.88 -28.46 3.00
C ILE B 199 17.76 -27.24 2.71
N GLU B 200 17.13 -26.08 2.67
CA GLU B 200 17.88 -24.83 2.60
C GLU B 200 17.86 -24.14 3.95
N PHE B 201 19.02 -23.71 4.44
CA PHE B 201 19.09 -22.99 5.72
C PHE B 201 19.33 -21.50 5.52
N TYR B 202 18.68 -20.69 6.35
CA TYR B 202 18.87 -19.22 6.40
C TYR B 202 19.00 -18.83 7.85
N THR B 203 20.15 -18.33 8.30
CA THR B 203 20.27 -17.96 9.71
C THR B 203 21.32 -16.84 9.86
N ASN B 204 21.60 -16.42 11.09
CA ASN B 204 22.58 -15.34 11.26
C ASN B 204 23.98 -15.90 11.43
N THR B 205 24.95 -15.15 10.96
CA THR B 205 26.31 -15.64 10.86
C THR B 205 26.92 -15.91 12.22
N ALA B 206 26.74 -14.98 13.16
CA ALA B 206 27.39 -15.11 14.47
C ALA B 206 26.99 -16.41 15.19
N HIS B 207 25.74 -16.80 15.04
CA HIS B 207 25.20 -17.92 15.80
C HIS B 207 24.81 -19.12 14.95
N VAL B 208 25.42 -19.22 13.78
CA VAL B 208 25.15 -20.35 12.89
C VAL B 208 25.45 -21.66 13.64
N PHE B 209 26.49 -21.66 14.46
CA PHE B 209 26.85 -22.88 15.18
C PHE B 209 25.83 -23.24 16.26
N ASN B 210 25.15 -22.23 16.82
CA ASN B 210 24.10 -22.53 17.78
C ASN B 210 22.82 -22.99 17.09
N ASN B 211 22.65 -22.64 15.81
CA ASN B 211 21.35 -22.88 15.17
C ASN B 211 21.27 -24.12 14.26
N LEU B 212 22.32 -24.46 13.55
CA LEU B 212 22.22 -25.47 12.52
C LEU B 212 22.57 -26.91 12.97
N PRO B 213 23.63 -27.10 13.78
CA PRO B 213 23.92 -28.47 14.25
C PRO B 213 22.76 -29.25 14.91
N PRO B 214 21.90 -28.60 15.72
CA PRO B 214 20.81 -29.41 16.29
C PRO B 214 19.85 -30.00 15.25
N ILE B 215 19.86 -29.44 14.04
CA ILE B 215 19.04 -29.94 12.96
C ILE B 215 19.84 -30.89 12.07
N ILE B 216 21.08 -30.50 11.78
CA ILE B 216 21.93 -31.31 10.89
C ILE B 216 22.30 -32.66 11.50
N GLN B 217 22.63 -32.68 12.80
CA GLN B 217 23.12 -33.91 13.41
C GLN B 217 22.16 -35.10 13.30
N PRO B 218 20.88 -34.93 13.72
CA PRO B 218 20.05 -36.13 13.70
C PRO B 218 19.63 -36.54 12.28
N LEU B 219 19.89 -35.68 11.30
CA LEU B 219 19.58 -35.96 9.90
C LEU B 219 20.81 -36.47 9.13
N TYR B 220 21.97 -36.46 9.77
CA TYR B 220 23.24 -36.61 9.02
C TYR B 220 23.39 -37.93 8.27
N ASN B 221 22.94 -39.02 8.89
CA ASN B 221 23.09 -40.35 8.32
C ASN B 221 21.87 -40.73 7.48
N ASN B 222 21.00 -39.74 7.23
CA ASN B 222 19.83 -39.96 6.39
C ASN B 222 20.13 -39.62 4.94
N GLU B 223 20.35 -40.67 4.15
CA GLU B 223 20.78 -40.51 2.76
C GLU B 223 19.75 -39.80 1.87
N LYS B 224 18.48 -39.78 2.26
CA LYS B 224 17.47 -39.16 1.41
C LYS B 224 17.36 -37.64 1.66
N VAL B 225 17.97 -37.16 2.73
CA VAL B 225 17.93 -35.72 3.03
C VAL B 225 19.24 -35.05 2.69
N LYS B 226 19.20 -33.96 1.90
CA LYS B 226 20.41 -33.22 1.58
C LYS B 226 20.30 -31.76 2.03
N ILE B 227 21.34 -31.24 2.66
CA ILE B 227 21.42 -29.80 2.94
C ILE B 227 21.93 -29.14 1.66
N SER B 228 21.02 -28.54 0.90
CA SER B 228 21.36 -28.08 -0.44
C SER B 228 21.93 -26.66 -0.47
N HIS B 229 21.64 -25.86 0.55
CA HIS B 229 22.17 -24.49 0.55
C HIS B 229 22.13 -23.92 1.94
N ILE B 230 23.09 -23.05 2.25
CA ILE B 230 23.12 -22.34 3.53
C ILE B 230 23.39 -20.87 3.22
N SER B 231 22.52 -20.00 3.71
CA SER B 231 22.70 -18.56 3.62
C SER B 231 22.87 -17.94 5.00
N LEU B 232 24.01 -17.31 5.23
CA LEU B 232 24.32 -16.73 6.53
C LEU B 232 24.37 -15.20 6.40
N TYR B 233 23.73 -14.50 7.33
CA TYR B 233 23.62 -13.03 7.32
C TYR B 233 24.20 -12.41 8.60
N ASP B 234 25.03 -11.38 8.44
CA ASP B 234 25.44 -10.54 9.57
C ASP B 234 24.22 -9.95 10.25
N ASP B 235 24.25 -9.80 11.57
CA ASP B 235 23.13 -9.08 12.18
C ASP B 235 23.51 -7.63 12.48
N GLY B 236 24.81 -7.35 12.52
CA GLY B 236 25.24 -5.98 12.75
C GLY B 236 26.71 -5.90 13.08
N SER B 237 27.09 -4.92 13.91
CA SER B 237 28.50 -4.68 14.16
C SER B 237 29.19 -5.82 14.91
N SER B 238 28.40 -6.71 15.52
CA SER B 238 28.96 -7.78 16.34
C SER B 238 29.96 -8.63 15.56
N GLU B 239 29.60 -8.99 14.33
CA GLU B 239 30.50 -9.81 13.52
C GLU B 239 31.80 -9.08 13.21
N TYR B 240 31.74 -7.75 13.15
CA TYR B 240 32.91 -6.96 12.77
C TYR B 240 33.80 -6.70 13.97
N VAL B 241 33.19 -6.52 15.14
CA VAL B 241 34.00 -6.46 16.35
C VAL B 241 34.73 -7.79 16.54
N SER B 242 34.05 -8.91 16.29
CA SER B 242 34.70 -10.21 16.49
C SER B 242 35.84 -10.42 15.49
N LEU B 243 35.64 -9.98 14.25
CA LEU B 243 36.72 -10.05 13.25
C LEU B 243 37.90 -9.15 13.64
N TYR B 244 37.57 -7.96 14.12
CA TYR B 244 38.56 -7.00 14.57
C TYR B 244 39.43 -7.61 15.66
N GLN B 245 38.79 -8.26 16.62
CA GLN B 245 39.50 -8.87 17.74
C GLN B 245 40.29 -10.10 17.32
N TRP B 246 39.94 -10.66 16.18
CA TRP B 246 40.54 -11.91 15.71
C TRP B 246 41.64 -11.71 14.69
N LYS B 247 41.66 -10.53 14.05
CA LYS B 247 42.43 -10.34 12.82
C LYS B 247 43.94 -10.55 12.96
N ASP B 248 44.45 -10.42 14.18
CA ASP B 248 45.90 -10.50 14.39
C ASP B 248 46.34 -11.84 14.97
N THR B 249 45.42 -12.80 15.12
CA THR B 249 45.80 -14.13 15.61
C THR B 249 46.80 -14.77 14.65
N PRO B 250 47.95 -15.23 15.17
CA PRO B 250 48.92 -15.81 14.25
C PRO B 250 48.46 -17.11 13.61
N ASN B 251 48.74 -17.25 12.32
CA ASN B 251 48.43 -18.46 11.55
C ASN B 251 46.95 -18.79 11.58
N LYS B 252 46.13 -17.75 11.66
CA LYS B 252 44.70 -17.93 11.93
C LYS B 252 44.00 -18.69 10.81
N ILE B 253 44.42 -18.50 9.56
CA ILE B 253 43.74 -19.19 8.45
C ILE B 253 44.14 -20.67 8.44
N GLU B 254 45.40 -20.94 8.73
CA GLU B 254 45.87 -22.31 8.84
C GLU B 254 45.08 -23.03 9.93
N THR B 255 44.88 -22.34 11.05
CA THR B 255 44.09 -22.87 12.15
C THR B 255 42.64 -23.09 11.73
N LEU B 256 42.08 -22.11 11.06
CA LEU B 256 40.74 -22.20 10.49
C LEU B 256 40.58 -23.45 9.62
N GLU B 257 41.51 -23.61 8.69
CA GLU B 257 41.52 -24.74 7.79
C GLU B 257 41.57 -26.07 8.55
N GLY B 258 42.39 -26.12 9.59
CA GLY B 258 42.55 -27.30 10.40
C GLY B 258 41.29 -27.70 11.15
N GLU B 259 40.41 -26.72 11.38
CA GLU B 259 39.20 -26.95 12.15
C GLU B 259 37.99 -27.35 11.31
N VAL B 260 38.16 -27.45 10.00
CA VAL B 260 37.08 -27.94 9.14
C VAL B 260 36.68 -29.37 9.56
N SER B 261 37.69 -30.23 9.75
CA SER B 261 37.42 -31.62 10.14
C SER B 261 36.78 -31.67 11.52
N LEU B 262 37.13 -30.70 12.37
CA LEU B 262 36.55 -30.62 13.69
C LEU B 262 35.05 -30.34 13.59
N LEU B 263 34.66 -29.37 12.76
CA LEU B 263 33.25 -29.11 12.51
C LEU B 263 32.56 -30.32 11.85
N ALA B 264 33.21 -30.89 10.84
CA ALA B 264 32.64 -32.01 10.09
C ALA B 264 32.34 -33.22 10.99
N ASN B 265 33.33 -33.60 11.80
CA ASN B 265 33.17 -34.77 12.67
C ASN B 265 32.11 -34.53 13.74
N TYR B 266 32.02 -33.30 14.22
CA TYR B 266 30.98 -32.96 15.16
C TYR B 266 29.61 -33.15 14.51
N LEU B 267 29.44 -32.61 13.30
CA LEU B 267 28.18 -32.80 12.60
C LEU B 267 27.89 -34.27 12.31
N ALA B 268 28.94 -35.04 12.02
CA ALA B 268 28.75 -36.45 11.65
C ALA B 268 28.49 -37.36 12.85
N GLY B 269 28.65 -36.82 14.05
CA GLY B 269 28.48 -37.61 15.26
C GLY B 269 29.63 -38.55 15.55
N THR B 270 30.82 -38.23 15.05
CA THR B 270 31.99 -39.06 15.31
C THR B 270 32.88 -38.42 16.35
N SER B 271 32.52 -37.23 16.78
CA SER B 271 33.23 -36.55 17.85
C SER B 271 32.30 -35.61 18.62
N PRO B 272 32.48 -35.54 19.94
CA PRO B 272 31.73 -34.59 20.76
C PRO B 272 32.38 -33.21 20.76
N ASP B 273 33.58 -33.10 20.20
CA ASP B 273 34.32 -31.84 20.21
C ASP B 273 33.96 -30.94 19.04
N ALA B 274 33.72 -29.66 19.32
CA ALA B 274 33.32 -28.73 18.27
C ALA B 274 34.32 -27.58 18.21
N PRO B 275 34.43 -26.95 17.03
CA PRO B 275 35.36 -25.82 16.98
C PRO B 275 34.85 -24.71 17.88
N LYS B 276 35.76 -23.98 18.50
CA LYS B 276 35.42 -22.81 19.26
C LYS B 276 35.86 -21.63 18.40
N GLY B 277 35.13 -20.53 18.49
CA GLY B 277 35.49 -19.34 17.73
C GLY B 277 35.19 -19.41 16.24
N MET B 278 36.05 -18.76 15.45
CA MET B 278 35.80 -18.55 14.02
C MET B 278 35.65 -19.89 13.26
N GLY B 279 36.29 -20.92 13.78
CA GLY B 279 36.21 -22.25 13.17
C GLY B 279 34.81 -22.83 13.09
N ASN B 280 33.88 -22.32 13.90
CA ASN B 280 32.52 -22.81 13.80
C ASN B 280 31.61 -21.84 13.06
N ARG B 281 32.21 -20.80 12.49
CA ARG B 281 31.48 -19.73 11.86
C ARG B 281 31.81 -19.61 10.37
N TYR B 282 33.10 -19.58 10.03
CA TYR B 282 33.48 -19.32 8.63
C TYR B 282 34.04 -20.59 7.97
N ASN B 283 33.55 -21.75 8.42
CA ASN B 283 33.97 -23.01 7.82
C ASN B 283 32.80 -23.71 7.13
N TRP B 284 31.63 -23.11 7.20
CA TRP B 284 30.44 -23.76 6.64
C TRP B 284 30.51 -23.94 5.11
N HIS B 285 31.13 -22.99 4.41
CA HIS B 285 31.29 -23.08 2.96
C HIS B 285 32.25 -24.20 2.58
N LYS B 286 32.98 -24.73 3.56
CA LYS B 286 33.87 -25.86 3.30
C LYS B 286 33.12 -27.18 3.27
N LEU B 287 31.90 -27.17 3.79
CA LEU B 287 31.15 -28.41 3.99
C LEU B 287 29.83 -28.41 3.23
N TYR B 288 29.26 -27.23 2.99
CA TYR B 288 27.98 -27.11 2.28
C TYR B 288 28.02 -25.94 1.32
N ASP B 289 27.13 -25.91 0.33
CA ASP B 289 27.02 -24.73 -0.53
C ASP B 289 26.53 -23.54 0.34
N THR B 290 27.43 -22.60 0.61
CA THR B 290 27.16 -21.56 1.60
C THR B 290 27.43 -20.14 1.07
N ASP B 291 26.51 -19.21 1.30
CA ASP B 291 26.75 -17.77 1.10
C ASP B 291 26.88 -17.06 2.44
N TYR B 292 27.90 -16.23 2.58
CA TYR B 292 28.04 -15.34 3.72
C TYR B 292 27.66 -13.94 3.30
N TYR B 293 26.51 -13.46 3.74
CA TYR B 293 26.14 -12.11 3.39
C TYR B 293 26.72 -11.16 4.44
N PHE B 294 27.70 -10.39 4.00
CA PHE B 294 28.36 -9.39 4.85
C PHE B 294 27.64 -8.04 4.77
N LEU B 295 27.31 -7.50 5.94
CA LEU B 295 26.82 -6.13 6.06
C LEU B 295 27.78 -5.13 5.40
N ARG B 296 29.08 -5.32 5.61
CA ARG B 296 30.10 -4.54 4.93
C ARG B 296 31.18 -5.47 4.40
N GLU B 297 30.95 -6.04 3.22
CA GLU B 297 31.91 -7.00 2.67
C GLU B 297 33.25 -6.33 2.41
N ASP B 298 33.24 -5.02 2.17
CA ASP B 298 34.51 -4.34 1.88
C ASP B 298 35.43 -4.29 3.12
N TYR B 299 34.92 -4.64 4.30
CA TYR B 299 35.80 -4.77 5.47
C TYR B 299 36.93 -5.75 5.19
N LEU B 300 36.61 -6.83 4.46
CA LEU B 300 37.63 -7.81 4.08
C LEU B 300 38.63 -7.24 3.08
N ASP B 301 38.30 -6.13 2.44
CA ASP B 301 39.21 -5.45 1.52
C ASP B 301 40.05 -4.38 2.21
N VAL B 302 39.40 -3.53 3.02
CA VAL B 302 40.12 -2.39 3.59
C VAL B 302 41.01 -2.80 4.77
N GLU B 303 40.61 -3.82 5.52
CA GLU B 303 41.46 -4.33 6.60
C GLU B 303 42.45 -5.36 6.07
N ALA B 304 43.71 -4.96 5.94
CA ALA B 304 44.72 -5.80 5.30
C ALA B 304 44.90 -7.15 5.97
N ASN B 305 44.73 -7.19 7.29
CA ASN B 305 44.92 -8.43 8.04
C ASN B 305 43.74 -9.41 7.92
N LEU B 306 42.75 -9.07 7.10
CA LEU B 306 41.65 -9.98 6.80
C LEU B 306 41.66 -10.42 5.33
N HIS B 307 42.69 -10.01 4.59
CA HIS B 307 42.82 -10.46 3.20
C HIS B 307 42.93 -11.98 3.09
N ASP B 308 43.59 -12.59 4.07
CA ASP B 308 43.73 -14.05 4.05
C ASP B 308 42.37 -14.74 4.28
N LEU B 309 41.51 -14.14 5.11
CA LEU B 309 40.15 -14.64 5.27
C LEU B 309 39.34 -14.40 4.00
N ARG B 310 39.54 -13.23 3.39
CA ARG B 310 38.90 -12.91 2.12
C ARG B 310 39.15 -14.02 1.10
N ASP B 311 40.41 -14.44 0.99
CA ASP B 311 40.77 -15.50 0.04
C ASP B 311 40.16 -16.84 0.43
N TYR B 312 40.18 -17.12 1.73
CA TYR B 312 39.68 -18.37 2.27
C TYR B 312 38.19 -18.52 1.96
N LEU B 313 37.46 -17.42 2.06
CA LEU B 313 36.02 -17.44 1.77
C LEU B 313 35.72 -17.45 0.27
N GLY B 314 36.57 -16.80 -0.51
CA GLY B 314 36.39 -16.73 -1.95
C GLY B 314 35.01 -16.20 -2.34
N SER B 315 34.40 -16.83 -3.33
CA SER B 315 33.13 -16.35 -3.87
C SER B 315 31.98 -16.54 -2.87
N SER B 316 32.22 -17.27 -1.78
CA SER B 316 31.19 -17.44 -0.76
C SER B 316 30.87 -16.14 -0.04
N ALA B 317 31.83 -15.21 -0.02
CA ALA B 317 31.60 -13.89 0.59
C ALA B 317 30.78 -13.00 -0.34
N LYS B 318 29.67 -12.48 0.17
CA LYS B 318 28.78 -11.65 -0.65
C LYS B 318 28.42 -10.38 0.12
N GLN B 319 28.03 -9.34 -0.62
CA GLN B 319 27.61 -8.10 -0.01
C GLN B 319 26.09 -8.16 0.21
N MET B 320 25.66 -7.93 1.43
CA MET B 320 24.23 -7.87 1.71
C MET B 320 23.60 -6.73 0.92
N PRO B 321 22.48 -7.01 0.25
CA PRO B 321 21.80 -6.01 -0.58
C PRO B 321 20.85 -5.13 0.22
N TRP B 322 20.67 -3.91 -0.26
CA TRP B 322 19.77 -2.94 0.34
C TRP B 322 18.61 -2.54 -0.53
N ASP B 323 18.65 -2.96 -1.79
CA ASP B 323 17.70 -2.44 -2.77
C ASP B 323 16.66 -3.47 -3.22
N GLU B 324 16.58 -4.61 -2.55
CA GLU B 324 15.66 -5.66 -3.00
C GLU B 324 14.19 -5.31 -2.77
N PHE B 325 13.90 -4.57 -1.69
CA PHE B 325 12.53 -4.14 -1.43
C PHE B 325 11.99 -3.34 -2.62
N ALA B 326 12.84 -2.50 -3.18
CA ALA B 326 12.40 -1.62 -4.25
C ALA B 326 12.10 -2.39 -5.53
N LYS B 327 12.68 -3.58 -5.69
CA LYS B 327 12.45 -4.41 -6.86
C LYS B 327 11.22 -5.31 -6.71
N LEU B 328 10.65 -5.38 -5.50
CA LEU B 328 9.44 -6.17 -5.31
C LEU B 328 8.26 -5.47 -6.00
N SER B 329 7.20 -6.21 -6.28
CA SER B 329 5.98 -5.61 -6.82
C SER B 329 5.28 -4.81 -5.72
N ASP B 330 4.29 -4.01 -6.10
CA ASP B 330 3.52 -3.24 -5.12
C ASP B 330 2.84 -4.10 -4.05
N SER B 331 2.20 -5.20 -4.46
CA SER B 331 1.53 -6.06 -3.48
C SER B 331 2.58 -6.70 -2.55
N GLN B 332 3.72 -7.09 -3.12
CA GLN B 332 4.80 -7.68 -2.31
C GLN B 332 5.38 -6.66 -1.33
N GLN B 333 5.57 -5.42 -1.79
CA GLN B 333 6.07 -4.37 -0.89
C GLN B 333 5.07 -4.14 0.24
N THR B 334 3.79 -4.06 -0.14
CA THR B 334 2.72 -3.89 0.83
C THR B 334 2.73 -5.02 1.86
N LEU B 335 2.94 -6.25 1.38
CA LEU B 335 2.99 -7.40 2.25
C LEU B 335 4.18 -7.32 3.23
N PHE B 336 5.35 -6.97 2.71
CA PHE B 336 6.53 -6.74 3.56
C PHE B 336 6.25 -5.69 4.64
N LEU B 337 5.73 -4.53 4.24
CA LEU B 337 5.47 -3.43 5.15
C LEU B 337 4.46 -3.84 6.23
N ASP B 338 3.46 -4.62 5.82
CA ASP B 338 2.44 -5.09 6.75
C ASP B 338 3.01 -6.04 7.80
N ILE B 339 3.86 -6.96 7.38
CA ILE B 339 4.44 -7.91 8.31
C ILE B 339 5.34 -7.16 9.31
N VAL B 340 6.14 -6.22 8.82
CA VAL B 340 7.00 -5.47 9.73
C VAL B 340 6.24 -4.34 10.44
N GLY B 341 5.04 -4.02 9.98
CA GLY B 341 4.22 -3.04 10.67
C GLY B 341 4.69 -1.62 10.43
N PHE B 342 5.22 -1.36 9.24
CA PHE B 342 5.74 -0.04 8.91
C PHE B 342 4.78 0.72 7.98
N ASP B 343 4.19 1.78 8.49
CA ASP B 343 3.37 2.68 7.68
C ASP B 343 4.33 3.64 6.98
N LYS B 344 4.87 3.20 5.86
CA LYS B 344 5.85 3.96 5.10
C LYS B 344 5.25 5.27 4.61
N GLU B 345 4.02 5.21 4.10
CA GLU B 345 3.37 6.42 3.60
C GLU B 345 3.22 7.48 4.68
N GLN B 346 2.90 7.05 5.91
CA GLN B 346 2.80 7.98 7.04
C GLN B 346 4.13 8.69 7.27
N LEU B 347 5.23 7.94 7.30
CA LEU B 347 6.53 8.56 7.53
C LEU B 347 6.91 9.51 6.38
N GLN B 348 6.61 9.13 5.14
CA GLN B 348 6.82 9.99 3.97
CA GLN B 348 6.90 10.03 4.03
C GLN B 348 6.10 11.33 4.17
N GLN B 349 4.87 11.25 4.68
CA GLN B 349 4.05 12.43 4.93
C GLN B 349 4.70 13.32 5.99
N GLN B 350 5.21 12.70 7.05
CA GLN B 350 5.85 13.43 8.13
C GLN B 350 7.15 14.11 7.68
N TYR B 351 7.96 13.38 6.90
CA TYR B 351 9.16 13.93 6.26
C TYR B 351 8.82 15.16 5.41
N SER B 352 7.66 15.16 4.78
CA SER B 352 7.27 16.25 3.90
C SER B 352 6.43 17.34 4.56
N GLN B 353 6.03 17.16 5.84
CA GLN B 353 5.20 18.14 6.56
C GLN B 353 5.82 19.54 6.50
N SER B 354 7.14 19.56 6.71
CA SER B 354 7.94 20.77 6.59
C SER B 354 8.95 20.51 5.47
N PRO B 355 9.29 21.52 4.66
CA PRO B 355 10.19 21.22 3.55
C PRO B 355 11.67 21.12 3.96
N LEU B 356 11.98 21.33 5.24
CA LEU B 356 13.36 21.20 5.72
C LEU B 356 13.83 19.76 5.62
N PRO B 357 15.15 19.57 5.41
CA PRO B 357 15.71 18.22 5.47
C PRO B 357 15.45 17.64 6.84
N ASN B 358 15.50 16.32 6.93
CA ASN B 358 15.05 15.63 8.13
C ASN B 358 16.19 15.02 8.90
N PHE B 359 16.17 15.26 10.21
CA PHE B 359 17.20 14.79 11.13
C PHE B 359 16.60 13.84 12.16
N ILE B 360 17.14 12.64 12.24
CA ILE B 360 16.74 11.72 13.31
C ILE B 360 17.78 11.68 14.44
N PHE B 361 17.35 11.96 15.67
CA PHE B 361 18.21 11.79 16.82
C PHE B 361 18.04 10.39 17.41
N THR B 362 19.16 9.68 17.56
CA THR B 362 19.12 8.35 18.16
C THR B 362 19.26 8.47 19.66
N GLY B 363 18.20 8.08 20.35
CA GLY B 363 18.14 8.19 21.78
C GLY B 363 18.55 6.89 22.44
N THR B 364 18.87 6.98 23.72
CA THR B 364 19.14 5.78 24.48
C THR B 364 18.39 5.84 25.79
N THR B 365 18.51 4.78 26.59
CA THR B 365 17.87 4.74 27.89
C THR B 365 18.75 5.47 28.89
N THR B 366 19.49 4.70 29.68
CA THR B 366 20.44 5.27 30.63
C THR B 366 21.82 4.63 30.45
N TRP B 367 22.82 5.18 31.13
CA TRP B 367 24.14 4.58 31.08
C TRP B 367 24.76 4.59 32.48
N ALA B 368 26.07 4.40 32.56
CA ALA B 368 26.74 4.31 33.85
C ALA B 368 26.64 5.63 34.62
N GLY B 369 27.06 5.60 35.88
CA GLY B 369 27.05 6.81 36.68
C GLY B 369 26.09 6.85 37.85
N GLY B 370 25.15 5.91 37.90
CA GLY B 370 24.26 5.84 39.06
C GLY B 370 23.21 6.93 39.14
N GLU B 371 23.26 7.85 38.18
CA GLU B 371 22.48 9.06 38.19
C GLU B 371 20.98 8.77 38.07
N THR B 372 20.16 9.78 38.36
CA THR B 372 18.71 9.62 38.26
C THR B 372 18.25 9.67 36.81
N LYS B 373 17.17 8.96 36.51
CA LYS B 373 16.63 8.88 35.16
C LYS B 373 16.38 10.23 34.46
N GLU B 374 16.01 11.25 35.22
CA GLU B 374 15.78 12.60 34.67
C GLU B 374 17.07 13.30 34.22
N TYR B 375 18.20 12.69 34.53
CA TYR B 375 19.52 13.21 34.21
C TYR B 375 19.94 12.67 32.86
N TYR B 376 19.72 11.37 32.67
CA TYR B 376 20.00 10.73 31.40
C TYR B 376 19.13 11.33 30.30
N ALA B 377 17.90 11.72 30.66
CA ALA B 377 17.03 12.40 29.70
C ALA B 377 17.51 13.81 29.43
N GLN B 378 17.97 14.50 30.47
CA GLN B 378 18.39 15.88 30.33
C GLN B 378 19.68 15.98 29.52
N GLN B 379 20.57 15.00 29.69
CA GLN B 379 21.83 14.98 28.95
C GLN B 379 21.59 14.79 27.45
N GLN B 380 20.63 13.93 27.11
CA GLN B 380 20.30 13.72 25.72
C GLN B 380 19.70 14.99 25.14
N VAL B 381 18.90 15.69 25.95
CA VAL B 381 18.36 16.98 25.54
C VAL B 381 19.49 17.96 25.27
N ASN B 382 20.52 17.92 26.11
CA ASN B 382 21.67 18.79 25.93
C ASN B 382 22.40 18.50 24.63
N VAL B 383 22.51 17.22 24.28
CA VAL B 383 23.12 16.81 23.01
C VAL B 383 22.34 17.40 21.81
N ILE B 384 21.02 17.26 21.84
CA ILE B 384 20.18 17.80 20.78
C ILE B 384 20.24 19.33 20.68
N ASN B 385 20.22 19.99 21.83
CA ASN B 385 20.33 21.45 21.91
C ASN B 385 21.55 21.94 21.16
N ASN B 386 22.69 21.31 21.43
CA ASN B 386 23.96 21.63 20.79
C ASN B 386 23.92 21.37 19.30
N ALA B 387 23.33 20.26 18.91
CA ALA B 387 23.26 19.88 17.51
C ALA B 387 22.55 20.93 16.68
N ILE B 388 21.50 21.53 17.23
CA ILE B 388 20.69 22.49 16.46
C ILE B 388 21.08 23.93 16.76
N ASN B 389 22.04 24.13 17.65
CA ASN B 389 22.52 25.47 17.98
C ASN B 389 23.55 25.94 16.95
N GLU B 390 23.22 27.03 16.25
CA GLU B 390 24.06 27.55 15.16
C GLU B 390 25.49 27.88 15.57
N THR B 391 25.70 28.20 16.84
CA THR B 391 27.03 28.63 17.27
C THR B 391 27.88 27.46 17.76
N SER B 392 27.26 26.29 17.90
CA SER B 392 27.99 25.12 18.38
C SER B 392 28.95 24.56 17.32
N PRO B 393 30.11 24.08 17.73
CA PRO B 393 31.04 23.51 16.74
C PRO B 393 30.49 22.23 16.12
N TYR B 394 29.53 21.61 16.78
CA TYR B 394 28.93 20.38 16.28
C TYR B 394 27.50 20.61 15.79
N TYR B 395 27.22 21.86 15.43
CA TYR B 395 26.00 22.23 14.73
C TYR B 395 25.79 21.31 13.51
N LEU B 396 24.57 20.84 13.33
CA LEU B 396 24.29 19.88 12.26
C LEU B 396 24.64 20.42 10.88
N GLY B 397 24.73 21.75 10.78
CA GLY B 397 25.15 22.38 9.54
C GLY B 397 24.12 23.31 8.89
N LYS B 398 22.84 23.02 9.10
CA LYS B 398 21.76 23.86 8.58
C LYS B 398 20.49 23.56 9.37
N ASP B 399 19.39 24.20 8.99
CA ASP B 399 18.11 23.97 9.65
C ASP B 399 17.52 22.62 9.25
N TYR B 400 17.14 21.81 10.25
CA TYR B 400 16.49 20.51 10.03
C TYR B 400 15.15 20.41 10.73
N ASP B 401 14.25 19.60 10.18
CA ASP B 401 13.09 19.11 10.93
C ASP B 401 13.57 18.03 11.89
N LEU B 402 13.10 18.06 13.13
CA LEU B 402 13.57 17.10 14.15
C LEU B 402 12.72 15.85 14.23
N PHE B 403 13.38 14.70 14.25
CA PHE B 403 12.75 13.40 14.44
C PHE B 403 13.48 12.64 15.56
N PHE B 404 12.79 11.72 16.23
CA PHE B 404 13.34 11.05 17.39
C PHE B 404 13.15 9.54 17.29
N LYS B 405 14.25 8.81 17.39
CA LYS B 405 14.17 7.35 17.56
C LYS B 405 14.79 7.00 18.88
N GLY B 406 13.93 6.84 19.88
CA GLY B 406 14.37 6.50 21.20
C GLY B 406 14.37 5.00 21.39
N HIS B 407 14.88 4.57 22.54
CA HIS B 407 14.88 3.17 22.90
C HIS B 407 13.45 2.76 23.26
N PRO B 408 12.99 1.61 22.76
CA PRO B 408 11.63 1.09 22.99
C PRO B 408 11.22 1.09 24.47
N ALA B 409 12.19 1.06 25.37
CA ALA B 409 11.93 1.04 26.80
C ALA B 409 12.40 2.31 27.51
N GLY B 410 12.51 3.40 26.78
CA GLY B 410 12.94 4.67 27.37
C GLY B 410 12.00 5.21 28.43
N GLY B 411 10.70 4.98 28.24
CA GLY B 411 9.69 5.47 29.17
C GLY B 411 9.64 6.98 29.28
N VAL B 412 9.63 7.48 30.52
CA VAL B 412 9.55 8.92 30.76
C VAL B 412 10.76 9.65 30.18
N ILE B 413 11.86 8.93 29.93
CA ILE B 413 13.02 9.52 29.28
C ILE B 413 12.64 10.04 27.91
N ASN B 414 11.96 9.20 27.14
CA ASN B 414 11.42 9.57 25.85
C ASN B 414 10.43 10.73 25.96
N ASP B 415 9.57 10.69 26.98
CA ASP B 415 8.59 11.75 27.20
C ASP B 415 9.29 13.08 27.46
N ILE B 416 10.33 13.04 28.28
CA ILE B 416 11.07 14.26 28.60
C ILE B 416 11.76 14.83 27.36
N ILE B 417 12.45 13.97 26.61
CA ILE B 417 13.16 14.40 25.41
C ILE B 417 12.20 14.98 24.36
N LEU B 418 11.13 14.24 24.08
CA LEU B 418 10.12 14.70 23.13
C LEU B 418 9.49 16.03 23.53
N GLY B 419 9.14 16.15 24.81
CA GLY B 419 8.50 17.35 25.31
C GLY B 419 9.42 18.56 25.29
N SER B 420 10.70 18.32 25.11
CA SER B 420 11.67 19.42 25.13
C SER B 420 11.83 20.04 23.75
N PHE B 421 11.22 19.40 22.74
CA PHE B 421 11.27 19.90 21.37
C PHE B 421 9.89 19.65 20.76
N PRO B 422 9.02 20.66 20.86
CA PRO B 422 7.58 20.59 20.56
C PRO B 422 7.22 19.92 19.22
N ASP B 423 7.87 20.30 18.12
CA ASP B 423 7.50 19.69 16.84
C ASP B 423 8.35 18.45 16.53
N MET B 424 9.19 18.00 17.46
CA MET B 424 9.98 16.82 17.15
C MET B 424 9.02 15.64 17.04
N ILE B 425 9.15 14.93 15.93
CA ILE B 425 8.26 13.83 15.64
C ILE B 425 8.87 12.48 16.05
N ASN B 426 8.11 11.72 16.83
CA ASN B 426 8.55 10.39 17.27
C ASN B 426 8.42 9.37 16.15
N ILE B 427 9.45 8.54 16.01
CA ILE B 427 9.40 7.36 15.16
C ILE B 427 9.47 6.11 16.05
N PRO B 428 8.42 5.29 16.04
CA PRO B 428 8.28 4.12 16.93
C PRO B 428 9.46 3.18 16.83
N ALA B 429 9.89 2.61 17.95
CA ALA B 429 11.07 1.76 17.96
C ALA B 429 10.91 0.54 17.05
N LYS B 430 9.67 0.14 16.79
CA LYS B 430 9.41 -1.00 15.92
C LYS B 430 9.90 -0.71 14.50
N ILE B 431 10.02 0.57 14.13
CA ILE B 431 10.55 0.90 12.81
C ILE B 431 12.05 1.06 12.96
N SER B 432 12.77 -0.06 12.85
CA SER B 432 14.22 -0.08 13.02
C SER B 432 14.94 0.65 11.92
N PHE B 433 16.17 1.08 12.19
CA PHE B 433 16.98 1.66 11.14
C PHE B 433 17.22 0.70 10.00
N GLU B 434 17.19 -0.60 10.28
CA GLU B 434 17.35 -1.59 9.23
C GLU B 434 16.14 -1.51 8.27
N VAL B 435 14.94 -1.40 8.84
CA VAL B 435 13.73 -1.19 8.05
C VAL B 435 13.80 0.09 7.20
N LEU B 436 14.29 1.17 7.80
CA LEU B 436 14.39 2.44 7.08
C LEU B 436 15.35 2.30 5.91
N MET B 437 16.47 1.64 6.15
CA MET B 437 17.52 1.49 5.16
C MET B 437 17.04 0.61 3.99
N MET B 438 16.35 -0.46 4.33
CA MET B 438 15.92 -1.41 3.31
C MET B 438 14.79 -0.87 2.45
N THR B 439 13.96 0.01 3.02
CA THR B 439 12.82 0.59 2.30
C THR B 439 13.08 2.01 1.79
N ASP B 440 14.35 2.40 1.77
N ASP B 440 14.35 2.40 1.67
CA ASP B 440 14.82 3.70 1.27
CA ASP B 440 14.71 3.73 1.21
C ASP B 440 14.16 4.87 2.00
C ASP B 440 13.99 4.82 1.99
N MET B 441 14.03 4.75 3.31
CA MET B 441 13.35 5.76 4.12
C MET B 441 14.28 6.38 5.14
N LEU B 442 15.58 6.32 4.89
CA LEU B 442 16.54 7.01 5.75
C LEU B 442 16.30 8.51 5.64
N PRO B 443 16.52 9.24 6.73
CA PRO B 443 16.37 10.70 6.65
C PRO B 443 17.60 11.33 6.02
N ASP B 444 17.70 12.65 6.06
CA ASP B 444 18.88 13.32 5.48
C ASP B 444 20.12 13.20 6.38
N THR B 445 19.92 13.15 7.69
CA THR B 445 21.07 13.04 8.58
C THR B 445 20.66 12.34 9.85
N VAL B 446 21.61 11.63 10.45
CA VAL B 446 21.37 10.88 11.67
C VAL B 446 22.49 11.20 12.66
N ALA B 447 22.12 11.45 13.92
CA ALA B 447 23.11 11.72 14.97
C ALA B 447 22.56 11.43 16.36
N GLY B 448 23.44 11.38 17.35
CA GLY B 448 23.02 11.20 18.73
C GLY B 448 23.85 10.17 19.47
N ILE B 449 23.23 9.50 20.44
CA ILE B 449 23.92 8.50 21.25
C ILE B 449 24.29 7.33 20.34
N ALA B 450 25.56 6.93 20.42
CA ALA B 450 26.13 5.88 19.58
C ALA B 450 25.59 4.50 19.87
N SER B 451 25.56 3.67 18.83
CA SER B 451 25.25 2.25 18.96
C SER B 451 25.46 1.58 17.61
N SER B 452 25.22 0.27 17.59
CA SER B 452 25.43 -0.58 16.42
C SER B 452 24.64 -0.16 15.20
N LEU B 453 23.56 0.58 15.40
CA LEU B 453 22.72 0.97 14.27
C LEU B 453 23.47 1.84 13.25
N TYR B 454 24.47 2.57 13.72
CA TYR B 454 25.23 3.49 12.84
C TYR B 454 26.09 2.70 11.88
N PHE B 455 26.34 1.46 12.27
CA PHE B 455 27.15 0.57 11.48
C PHE B 455 26.44 0.24 10.17
N THR B 456 25.13 0.48 10.16
CA THR B 456 24.25 0.19 9.04
C THR B 456 23.99 1.42 8.15
N ILE B 457 24.17 2.61 8.73
CA ILE B 457 23.87 3.88 8.03
C ILE B 457 25.03 4.35 7.16
N PRO B 458 24.73 4.80 5.92
CA PRO B 458 25.75 5.35 5.02
C PRO B 458 26.48 6.55 5.63
N ALA B 459 27.80 6.62 5.40
CA ALA B 459 28.65 7.60 6.05
C ALA B 459 28.19 9.04 5.85
N ASP B 460 27.69 9.34 4.66
CA ASP B 460 27.33 10.70 4.30
C ASP B 460 26.06 11.17 5.05
N LYS B 461 25.37 10.21 5.69
CA LYS B 461 24.18 10.51 6.49
C LYS B 461 24.45 10.54 8.00
N VAL B 462 25.67 10.19 8.39
CA VAL B 462 26.07 10.26 9.79
C VAL B 462 26.70 11.58 10.12
N ASN B 463 26.04 12.31 11.00
CA ASN B 463 26.53 13.63 11.38
C ASN B 463 27.55 13.53 12.51
N PHE B 464 27.13 12.96 13.64
CA PHE B 464 28.04 12.67 14.76
C PHE B 464 27.47 11.56 15.65
N ILE B 465 28.35 10.88 16.39
CA ILE B 465 27.89 9.85 17.33
C ILE B 465 28.45 10.15 18.72
N VAL B 466 27.65 9.88 19.76
CA VAL B 466 28.01 10.24 21.12
C VAL B 466 28.14 9.01 21.99
N PHE B 467 29.32 8.83 22.60
CA PHE B 467 29.49 7.73 23.54
C PHE B 467 29.34 8.27 24.94
N THR B 468 28.75 7.47 25.81
CA THR B 468 28.48 7.90 27.17
C THR B 468 29.30 7.02 28.13
N SER B 469 29.40 7.40 29.41
CA SER B 469 30.13 6.58 30.38
C SER B 469 29.56 5.17 30.46
N SER B 470 30.46 4.20 30.46
CA SER B 470 30.08 2.80 30.66
C SER B 470 31.14 2.16 31.52
N ASP B 471 31.04 0.84 31.67
CA ASP B 471 32.06 0.07 32.36
C ASP B 471 33.42 0.19 31.69
N THR B 472 33.45 0.34 30.36
CA THR B 472 34.73 0.33 29.64
C THR B 472 35.09 1.65 28.95
N ILE B 473 34.18 2.61 28.95
CA ILE B 473 34.47 3.91 28.34
C ILE B 473 34.19 5.03 29.34
N THR B 474 35.23 5.75 29.73
CA THR B 474 35.05 6.82 30.73
C THR B 474 35.53 8.17 30.22
N ASP B 475 36.10 8.19 29.02
CA ASP B 475 36.45 9.45 28.36
C ASP B 475 36.54 9.24 26.84
N ARG B 476 36.74 10.33 26.10
CA ARG B 476 36.74 10.28 24.64
C ARG B 476 37.81 9.37 24.06
N GLU B 477 39.01 9.42 24.63
CA GLU B 477 40.10 8.58 24.17
C GLU B 477 39.73 7.11 24.26
N GLU B 478 39.02 6.72 25.31
CA GLU B 478 38.62 5.33 25.44
C GLU B 478 37.53 4.98 24.45
N ALA B 479 36.66 5.94 24.15
CA ALA B 479 35.66 5.72 23.12
C ALA B 479 36.33 5.45 21.78
N LEU B 480 37.28 6.30 21.42
CA LEU B 480 37.94 6.25 20.12
C LEU B 480 38.74 4.98 19.92
N LYS B 481 39.31 4.44 21.01
CA LYS B 481 40.13 3.24 20.92
C LYS B 481 39.30 1.96 20.98
N SER B 482 38.01 2.10 21.27
CA SER B 482 37.14 0.92 21.37
C SER B 482 37.07 0.17 20.04
N PRO B 483 36.85 -1.16 20.09
CA PRO B 483 36.82 -1.95 18.86
C PRO B 483 35.78 -1.43 17.88
N LEU B 484 34.59 -1.12 18.38
CA LEU B 484 33.51 -0.64 17.53
C LEU B 484 33.92 0.58 16.72
N VAL B 485 34.54 1.55 17.39
CA VAL B 485 34.92 2.78 16.71
C VAL B 485 36.11 2.55 15.77
N GLN B 486 37.07 1.72 16.20
CA GLN B 486 38.20 1.41 15.35
C GLN B 486 37.73 0.82 14.00
N VAL B 487 36.75 -0.09 14.06
CA VAL B 487 36.14 -0.65 12.84
C VAL B 487 35.42 0.43 12.00
N MET B 488 34.61 1.25 12.65
CA MET B 488 33.88 2.31 11.91
C MET B 488 34.85 3.30 11.28
N LEU B 489 35.95 3.61 11.97
CA LEU B 489 36.97 4.48 11.39
C LEU B 489 37.57 3.84 10.16
N THR B 490 37.90 2.55 10.26
CA THR B 490 38.51 1.84 9.15
C THR B 490 37.57 1.78 7.96
N LEU B 491 36.27 1.63 8.23
CA LEU B 491 35.26 1.55 7.19
C LEU B 491 34.84 2.91 6.64
N GLY B 492 35.34 3.96 7.27
CA GLY B 492 35.02 5.31 6.83
C GLY B 492 33.61 5.72 7.18
N ILE B 493 33.01 5.05 8.15
CA ILE B 493 31.66 5.40 8.57
C ILE B 493 31.71 6.74 9.31
N VAL B 494 32.70 6.89 10.18
CA VAL B 494 32.96 8.15 10.85
C VAL B 494 34.43 8.49 10.71
N LYS B 495 34.77 9.76 10.94
CA LYS B 495 36.14 10.16 11.23
C LYS B 495 36.20 10.47 12.72
N GLU B 496 37.39 10.53 13.29
CA GLU B 496 37.56 10.79 14.71
C GLU B 496 36.80 12.06 15.13
N LYS B 497 36.78 13.04 14.26
CA LYS B 497 36.06 14.29 14.52
C LYS B 497 34.55 14.08 14.74
N ASP B 498 33.99 12.97 14.28
CA ASP B 498 32.57 12.73 14.44
C ASP B 498 32.20 12.05 15.75
N VAL B 499 33.21 11.66 16.52
CA VAL B 499 33.01 10.89 17.73
C VAL B 499 33.10 11.77 18.98
N LEU B 500 32.02 11.80 19.76
CA LEU B 500 31.94 12.61 20.96
C LEU B 500 31.75 11.75 22.20
N PHE B 501 32.12 12.30 23.35
CA PHE B 501 31.89 11.64 24.63
C PHE B 501 31.13 12.52 25.61
N TRP B 502 30.17 11.93 26.32
CA TRP B 502 29.40 12.64 27.32
C TRP B 502 29.45 11.79 28.59
N ALA B 503 30.07 12.30 29.65
CA ALA B 503 30.14 11.54 30.91
C ALA B 503 28.75 11.07 31.34
N LYS C 30 -4.51 20.37 21.65
CA LYS C 30 -4.77 18.96 21.38
C LYS C 30 -4.33 18.01 22.49
N GLU C 31 -3.11 18.20 22.99
CA GLU C 31 -2.52 17.27 23.97
C GLU C 31 -2.10 17.96 25.26
N THR C 32 -2.62 17.48 26.39
CA THR C 32 -2.31 18.04 27.70
C THR C 32 -1.92 16.99 28.73
N VAL C 33 -0.73 17.16 29.32
CA VAL C 33 -0.25 16.30 30.40
C VAL C 33 -0.05 17.13 31.65
N SER C 34 -0.73 16.75 32.74
CA SER C 34 -0.59 17.41 34.04
C SER C 34 -0.12 16.43 35.11
N SER C 35 0.74 16.90 36.00
CA SER C 35 1.23 16.07 37.10
C SER C 35 1.18 16.78 38.43
N ASN C 36 1.00 16.01 39.49
CA ASN C 36 1.10 16.57 40.84
C ASN C 36 1.47 15.49 41.84
N SER C 37 1.81 15.95 43.05
CA SER C 37 2.26 15.10 44.14
C SER C 37 1.56 15.52 45.40
N ALA C 38 1.26 14.56 46.27
CA ALA C 38 0.72 14.89 47.57
C ALA C 38 1.09 13.80 48.56
N ASP C 39 1.26 14.22 49.82
CA ASP C 39 1.40 13.31 50.93
C ASP C 39 0.01 13.00 51.43
N VAL C 40 -0.26 11.72 51.66
CA VAL C 40 -1.53 11.32 52.23
C VAL C 40 -1.28 10.59 53.55
N VAL C 41 -1.84 11.10 54.64
CA VAL C 41 -1.69 10.46 55.93
C VAL C 41 -2.43 9.13 55.98
N GLU C 42 -1.79 8.12 56.58
CA GLU C 42 -2.38 6.80 56.77
C GLU C 42 -3.82 6.89 57.30
N THR C 43 -4.70 6.10 56.71
CA THR C 43 -6.14 6.02 57.01
C THR C 43 -6.95 7.22 56.47
N GLU C 44 -6.29 8.28 55.99
CA GLU C 44 -7.02 9.42 55.44
C GLU C 44 -7.28 9.25 53.94
N THR C 45 -8.17 10.07 53.39
CA THR C 45 -8.64 9.89 52.02
C THR C 45 -8.10 10.98 51.12
N TYR C 46 -7.73 10.61 49.89
CA TYR C 46 -7.37 11.57 48.87
C TYR C 46 -8.23 11.33 47.64
N GLN C 47 -8.85 12.37 47.11
CA GLN C 47 -9.67 12.17 45.92
C GLN C 47 -8.84 12.33 44.65
N LEU C 48 -8.66 11.23 43.92
CA LEU C 48 -8.05 11.31 42.59
C LEU C 48 -9.03 11.90 41.61
N THR C 49 -8.56 12.83 40.80
CA THR C 49 -9.43 13.55 39.91
C THR C 49 -8.55 14.12 38.82
N PRO C 50 -9.10 14.28 37.60
CA PRO C 50 -8.30 14.87 36.53
C PRO C 50 -7.94 16.33 36.85
N ILE C 51 -6.75 16.74 36.43
CA ILE C 51 -6.31 18.11 36.66
C ILE C 51 -6.77 18.99 35.49
N ASP C 52 -7.54 20.01 35.81
CA ASP C 52 -7.98 20.99 34.81
C ASP C 52 -8.51 20.35 33.54
N ALA C 53 -9.51 19.49 33.69
CA ALA C 53 -10.06 18.77 32.57
C ALA C 53 -11.57 19.00 32.49
N PRO C 54 -12.18 18.70 31.33
CA PRO C 54 -13.65 18.83 31.27
C PRO C 54 -14.33 17.80 32.18
N SER C 55 -15.65 17.88 32.31
CA SER C 55 -16.36 17.02 33.24
C SER C 55 -16.87 15.75 32.56
N SER C 56 -16.74 15.70 31.24
CA SER C 56 -17.19 14.54 30.47
C SER C 56 -16.21 14.26 29.34
N PHE C 57 -16.11 12.99 28.96
CA PHE C 57 -15.13 12.57 27.96
C PHE C 57 -15.76 11.56 27.01
N LEU C 58 -15.30 11.57 25.77
CA LEU C 58 -15.72 10.56 24.81
C LEU C 58 -15.29 9.19 25.30
N SER C 59 -14.07 9.12 25.83
CA SER C 59 -13.58 7.93 26.52
C SER C 59 -12.60 8.35 27.62
N HIS C 60 -12.47 7.53 28.66
CA HIS C 60 -11.63 7.89 29.79
C HIS C 60 -11.26 6.65 30.61
N SER C 61 -10.15 6.71 31.34
CA SER C 61 -9.76 5.59 32.19
C SER C 61 -8.76 5.99 33.28
N TRP C 62 -8.82 5.29 34.41
CA TRP C 62 -7.76 5.37 35.42
C TRP C 62 -6.92 4.08 35.44
N GLU C 63 -5.60 4.23 35.58
CA GLU C 63 -4.68 3.11 35.75
C GLU C 63 -3.71 3.42 36.90
N GLN C 64 -3.32 2.37 37.61
CA GLN C 64 -2.28 2.49 38.61
C GLN C 64 -0.97 1.98 38.04
N THR C 65 0.08 2.79 38.15
CA THR C 65 1.38 2.49 37.54
C THR C 65 2.48 2.23 38.54
N CYS C 66 2.20 2.38 39.84
CA CYS C 66 3.17 2.03 40.86
C CYS C 66 2.55 1.89 42.24
N GLY C 67 3.25 1.22 43.13
CA GLY C 67 2.73 0.93 44.45
C GLY C 67 1.95 -0.37 44.45
N THR C 68 1.72 -0.90 45.65
CA THR C 68 0.90 -2.10 45.80
C THR C 68 -0.44 -1.91 45.10
N PRO C 69 -0.83 -2.87 44.27
CA PRO C 69 -2.10 -2.73 43.54
C PRO C 69 -3.26 -2.51 44.51
N ILE C 70 -4.05 -1.47 44.24
CA ILE C 70 -5.07 -1.05 45.19
C ILE C 70 -6.28 -0.53 44.43
N LEU C 71 -6.12 -0.33 43.12
CA LEU C 71 -7.19 0.22 42.30
C LEU C 71 -8.35 -0.76 42.09
N ASN C 72 -9.56 -0.34 42.47
CA ASN C 72 -10.78 -1.11 42.24
C ASN C 72 -11.17 -1.12 40.77
N GLU C 73 -11.82 -2.20 40.33
CA GLU C 73 -12.22 -2.30 38.93
C GLU C 73 -13.17 -1.16 38.54
N SER C 74 -14.09 -0.83 39.44
CA SER C 74 -15.05 0.25 39.22
C SER C 74 -14.36 1.62 39.14
N ASP C 75 -13.25 1.78 39.84
CA ASP C 75 -12.57 3.08 39.87
C ASP C 75 -11.89 3.38 38.54
N LYS C 76 -11.59 2.32 37.79
CA LYS C 76 -10.95 2.46 36.48
C LYS C 76 -11.79 3.30 35.52
N GLN C 77 -13.10 3.27 35.70
CA GLN C 77 -13.99 4.02 34.82
C GLN C 77 -14.60 5.26 35.48
N ALA C 78 -14.18 5.58 36.70
CA ALA C 78 -14.65 6.79 37.37
C ALA C 78 -13.89 8.03 36.88
N ILE C 79 -14.54 9.19 37.00
CA ILE C 79 -13.84 10.44 36.73
C ILE C 79 -13.05 10.78 37.99
N SER C 80 -13.75 10.84 39.12
CA SER C 80 -13.10 10.99 40.42
C SER C 80 -13.37 9.76 41.27
N PHE C 81 -12.41 9.42 42.13
CA PHE C 81 -12.61 8.34 43.09
C PHE C 81 -11.67 8.52 44.29
N ASP C 82 -12.01 7.83 45.38
CA ASP C 82 -11.29 8.00 46.64
C ASP C 82 -10.14 7.01 46.82
N PHE C 83 -8.99 7.54 47.19
CA PHE C 83 -7.86 6.74 47.66
C PHE C 83 -7.80 6.84 49.18
N VAL C 84 -7.94 5.70 49.86
CA VAL C 84 -7.81 5.64 51.31
C VAL C 84 -6.44 5.07 51.65
N ALA C 85 -5.60 5.90 52.27
CA ALA C 85 -4.21 5.49 52.53
C ALA C 85 -4.13 4.29 53.46
N PRO C 86 -3.47 3.22 53.02
CA PRO C 86 -3.33 2.06 53.89
C PRO C 86 -2.34 2.32 55.02
N GLU C 87 -2.32 1.46 56.03
CA GLU C 87 -1.32 1.59 57.08
C GLU C 87 -0.13 0.71 56.74
N LEU C 88 1.05 1.31 56.66
CA LEU C 88 2.23 0.65 56.14
C LEU C 88 3.37 0.67 57.15
N LYS C 89 4.46 -0.03 56.87
CA LYS C 89 5.62 0.00 57.75
C LYS C 89 6.60 1.12 57.39
N GLN C 90 6.48 1.63 56.17
CA GLN C 90 7.31 2.74 55.73
C GLN C 90 6.57 3.54 54.66
N ASP C 91 7.04 4.74 54.37
CA ASP C 91 6.45 5.55 53.31
C ASP C 91 6.49 4.77 52.01
N GLU C 92 5.45 4.92 51.20
CA GLU C 92 5.33 4.19 49.95
C GLU C 92 4.57 5.02 48.92
N LYS C 93 4.99 4.94 47.66
CA LYS C 93 4.35 5.72 46.61
C LYS C 93 3.30 4.95 45.86
N TYR C 94 2.22 5.65 45.54
CA TYR C 94 1.16 5.12 44.70
C TYR C 94 0.99 6.11 43.55
N CYS C 95 1.15 5.64 42.32
CA CYS C 95 1.01 6.50 41.16
C CYS C 95 -0.24 6.14 40.38
N PHE C 96 -1.01 7.16 40.01
CA PHE C 96 -2.22 6.93 39.22
C PHE C 96 -2.20 7.82 37.99
N THR C 97 -2.64 7.24 36.87
CA THR C 97 -2.72 7.94 35.61
C THR C 97 -4.14 7.98 35.06
N PHE C 98 -4.65 9.18 34.84
CA PHE C 98 -5.93 9.34 34.16
C PHE C 98 -5.70 9.71 32.70
N LYS C 99 -6.40 9.02 31.81
CA LYS C 99 -6.40 9.37 30.39
C LYS C 99 -7.82 9.66 29.93
N GLY C 100 -8.03 10.85 29.37
CA GLY C 100 -9.34 11.26 28.90
C GLY C 100 -9.32 11.93 27.54
N ILE C 101 -10.24 11.53 26.67
CA ILE C 101 -10.25 12.05 25.32
C ILE C 101 -11.58 12.71 24.96
N THR C 102 -11.52 13.95 24.49
CA THR C 102 -12.68 14.64 23.94
C THR C 102 -12.51 14.69 22.43
N GLY C 103 -13.40 15.36 21.72
CA GLY C 103 -13.29 15.42 20.28
C GLY C 103 -12.12 16.23 19.73
N ASP C 104 -11.60 17.17 20.52
CA ASP C 104 -10.51 18.03 20.06
C ASP C 104 -9.30 18.03 20.98
N HIS C 105 -9.33 17.21 22.02
CA HIS C 105 -8.34 17.33 23.07
C HIS C 105 -8.13 16.00 23.82
N ARG C 106 -6.86 15.66 24.05
CA ARG C 106 -6.51 14.52 24.89
C ARG C 106 -5.88 14.97 26.22
N TYR C 107 -6.39 14.44 27.33
CA TYR C 107 -5.97 14.86 28.67
C TYR C 107 -5.32 13.74 29.48
N ILE C 108 -4.11 14.00 29.97
CA ILE C 108 -3.45 13.07 30.90
C ILE C 108 -3.16 13.75 32.24
N THR C 109 -3.54 13.08 33.32
CA THR C 109 -3.16 13.48 34.66
C THR C 109 -2.36 12.37 35.31
N ASN C 110 -1.16 12.69 35.77
CA ASN C 110 -0.35 11.75 36.53
C ASN C 110 -0.23 12.21 37.96
N THR C 111 -0.83 11.46 38.88
CA THR C 111 -0.78 11.84 40.28
C THR C 111 0.04 10.85 41.09
N THR C 112 1.01 11.37 41.83
CA THR C 112 1.84 10.55 42.69
C THR C 112 1.56 10.84 44.15
N LEU C 113 1.05 9.83 44.84
CA LEU C 113 0.70 9.92 46.24
C LEU C 113 1.71 9.20 47.11
N THR C 114 2.20 9.87 48.15
CA THR C 114 3.07 9.23 49.13
C THR C 114 2.30 9.01 50.42
N VAL C 115 2.19 7.75 50.84
CA VAL C 115 1.54 7.47 52.11
C VAL C 115 2.52 7.72 53.24
N VAL C 116 2.15 8.62 54.15
CA VAL C 116 3.07 9.03 55.23
C VAL C 116 2.45 8.81 56.60
N ALA C 117 3.29 8.74 57.63
CA ALA C 117 2.82 8.65 59.01
C ALA C 117 2.10 9.92 59.42
N PRO C 118 1.15 9.82 60.35
CA PRO C 118 0.60 11.04 60.94
C PRO C 118 1.67 11.77 61.75
N THR C 119 1.46 13.07 61.95
CA THR C 119 2.39 13.89 62.72
C THR C 119 1.72 14.47 63.96
N LEU C 120 2.42 14.29 65.08
CA LEU C 120 1.99 14.93 66.32
C LEU C 120 2.95 16.06 66.63
N GLU C 121 2.40 17.25 66.84
CA GLU C 121 3.23 18.42 67.17
C GLU C 121 3.16 18.67 68.68
N VAL C 122 4.31 18.73 69.31
CA VAL C 122 4.37 18.85 70.77
C VAL C 122 5.06 20.17 71.15
N TYR C 123 4.34 21.00 71.90
CA TYR C 123 4.77 22.35 72.26
C TYR C 123 4.93 22.46 73.78
N ILE C 124 6.11 22.86 74.22
CA ILE C 124 6.41 22.96 75.65
C ILE C 124 7.23 24.23 75.94
N ASP C 125 6.70 25.12 76.77
CA ASP C 125 7.40 26.35 77.14
C ASP C 125 6.80 26.98 78.38
N HIS C 126 7.67 27.57 79.20
CA HIS C 126 7.27 28.23 80.44
C HIS C 126 7.37 29.75 80.33
N ALA C 127 7.98 30.23 79.24
CA ALA C 127 8.33 31.64 79.10
C ALA C 127 7.34 32.39 78.20
N SER C 128 7.76 33.52 77.64
CA SER C 128 6.84 34.25 76.78
C SER C 128 7.14 34.08 75.30
N LEU C 129 8.35 34.45 74.90
CA LEU C 129 8.74 34.49 73.50
C LEU C 129 8.60 33.17 72.75
N PRO C 130 9.09 32.04 73.31
CA PRO C 130 8.91 30.79 72.57
C PRO C 130 7.44 30.43 72.39
N SER C 131 6.61 30.62 73.41
CA SER C 131 5.19 30.33 73.29
C SER C 131 4.51 31.20 72.21
N LEU C 132 4.88 32.47 72.16
CA LEU C 132 4.26 33.37 71.18
C LEU C 132 4.67 32.99 69.76
N GLN C 133 5.95 32.65 69.58
CA GLN C 133 6.46 32.27 68.27
C GLN C 133 5.78 30.99 67.83
N GLN C 134 5.64 30.09 68.77
CA GLN C 134 4.98 28.81 68.52
C GLN C 134 3.50 28.99 68.17
N LEU C 135 2.83 29.94 68.83
CA LEU C 135 1.42 30.17 68.53
C LEU C 135 1.26 30.59 67.08
N ILE C 136 2.13 31.48 66.63
CA ILE C 136 2.10 31.90 65.23
C ILE C 136 2.30 30.71 64.30
N HIS C 137 3.29 29.89 64.60
CA HIS C 137 3.54 28.72 63.78
C HIS C 137 2.32 27.76 63.74
N ILE C 138 1.66 27.57 64.88
CA ILE C 138 0.46 26.72 64.95
C ILE C 138 -0.69 27.27 64.09
N ILE C 139 -0.88 28.58 64.15
CA ILE C 139 -1.94 29.19 63.37
C ILE C 139 -1.68 28.91 61.90
N GLN C 140 -0.42 29.06 61.48
CA GLN C 140 -0.06 28.73 60.11
C GLN C 140 -0.24 27.25 59.80
N ALA C 141 0.21 26.40 60.71
CA ALA C 141 0.28 24.96 60.46
C ALA C 141 -1.09 24.30 60.44
N LYS C 142 -2.03 24.91 61.17
CA LYS C 142 -3.42 24.47 61.12
C LYS C 142 -3.90 24.51 59.67
N ASP C 143 -3.56 25.58 58.95
CA ASP C 143 -3.99 25.67 57.56
C ASP C 143 -3.13 24.81 56.65
N GLU C 144 -1.82 24.81 56.85
CA GLU C 144 -0.95 24.04 55.96
C GLU C 144 -1.01 22.53 56.22
N TYR C 145 -1.21 22.14 57.47
CA TYR C 145 -1.27 20.72 57.85
C TYR C 145 -2.46 20.43 58.74
N PRO C 146 -3.67 20.40 58.14
CA PRO C 146 -4.96 20.30 58.82
C PRO C 146 -5.15 18.98 59.52
N SER C 147 -4.34 17.98 59.20
CA SER C 147 -4.51 16.69 59.83
C SER C 147 -3.76 16.55 61.15
N ASN C 148 -2.76 17.40 61.37
CA ASN C 148 -1.92 17.29 62.56
C ASN C 148 -2.62 17.57 63.87
N GLN C 149 -2.42 16.66 64.83
N GLN C 149 -2.46 16.68 64.84
CA GLN C 149 -2.81 16.86 66.22
CA GLN C 149 -2.91 16.99 66.18
C GLN C 149 -1.73 17.69 66.92
C GLN C 149 -1.76 17.63 66.97
N ARG C 150 -2.13 18.52 67.88
CA ARG C 150 -1.16 19.34 68.62
C ARG C 150 -1.36 19.19 70.10
N PHE C 151 -0.27 18.93 70.82
CA PHE C 151 -0.29 18.93 72.29
C PHE C 151 0.46 20.15 72.80
N VAL C 152 -0.17 20.94 73.65
CA VAL C 152 0.42 22.23 74.07
C VAL C 152 0.48 22.41 75.59
N SER C 153 1.69 22.63 76.10
CA SER C 153 1.92 22.98 77.49
C SER C 153 2.64 24.31 77.59
N TRP C 154 1.86 25.37 77.80
CA TRP C 154 2.37 26.74 77.91
C TRP C 154 2.00 27.31 79.27
N LYS C 155 2.90 28.09 79.87
CA LYS C 155 2.60 28.70 81.16
C LYS C 155 2.01 30.10 81.00
N ARG C 156 2.45 30.86 80.00
CA ARG C 156 2.13 32.28 79.95
C ARG C 156 1.15 32.62 78.82
N VAL C 157 0.76 31.60 78.07
CA VAL C 157 -0.28 31.75 77.06
C VAL C 157 -1.34 30.68 77.30
N THR C 158 -2.58 31.11 77.47
CA THR C 158 -3.67 30.18 77.74
C THR C 158 -4.58 30.06 76.53
N VAL C 159 -4.82 28.84 76.10
CA VAL C 159 -5.70 28.58 74.96
C VAL C 159 -6.97 27.93 75.49
N ASP C 160 -8.08 28.65 75.40
CA ASP C 160 -9.34 28.10 75.90
C ASP C 160 -9.86 27.01 74.97
N ALA C 161 -10.95 26.36 75.38
CA ALA C 161 -11.45 25.19 74.67
C ALA C 161 -11.83 25.50 73.23
N ASP C 162 -12.55 26.60 73.03
CA ASP C 162 -12.99 27.00 71.70
C ASP C 162 -11.80 27.30 70.76
N ASN C 163 -10.85 28.10 71.23
CA ASN C 163 -9.68 28.38 70.40
C ASN C 163 -8.83 27.13 70.18
N ALA C 164 -8.75 26.29 71.20
CA ALA C 164 -8.02 25.03 71.07
C ALA C 164 -8.60 24.18 69.94
N ASN C 165 -9.93 24.12 69.88
CA ASN C 165 -10.57 23.33 68.83
C ASN C 165 -10.27 23.91 67.45
N LYS C 166 -10.25 25.23 67.34
CA LYS C 166 -9.89 25.89 66.09
C LYS C 166 -8.50 25.51 65.60
N LEU C 167 -7.58 25.19 66.52
CA LEU C 167 -6.20 24.95 66.14
C LEU C 167 -5.77 23.49 66.32
N ASN C 168 -6.75 22.61 66.55
CA ASN C 168 -6.50 21.18 66.81
C ASN C 168 -5.49 20.99 67.94
N ILE C 169 -5.69 21.77 69.00
CA ILE C 169 -4.86 21.73 70.20
C ILE C 169 -5.51 20.97 71.35
N HIS C 170 -4.75 20.09 72.00
CA HIS C 170 -5.13 19.58 73.31
C HIS C 170 -4.12 20.14 74.31
N THR C 171 -4.56 20.81 75.36
CA THR C 171 -3.62 21.43 76.31
C THR C 171 -3.31 20.49 77.47
N TYR C 172 -2.08 20.54 77.99
CA TYR C 172 -1.68 19.75 79.14
C TYR C 172 -0.91 20.63 80.11
N PRO C 173 -0.97 20.30 81.41
CA PRO C 173 -0.19 21.14 82.33
C PRO C 173 1.30 20.93 82.17
N LEU C 174 2.06 21.88 82.72
CA LEU C 174 3.48 21.74 83.02
C LEU C 174 3.63 21.20 84.43
N LYS C 175 4.74 20.50 84.70
CA LYS C 175 5.16 20.26 86.07
C LYS C 175 6.24 21.28 86.42
N GLY C 176 5.89 22.29 87.21
CA GLY C 176 6.76 23.43 87.39
C GLY C 176 6.90 24.18 86.07
N ASN C 177 8.09 24.20 85.50
CA ASN C 177 8.32 24.90 84.24
C ASN C 177 8.45 23.92 83.10
N ASN C 178 8.35 22.63 83.42
CA ASN C 178 8.78 21.64 82.45
C ASN C 178 7.76 20.55 82.17
N THR C 179 8.10 19.69 81.21
CA THR C 179 7.20 18.63 80.74
C THR C 179 6.55 17.91 81.90
N SER C 180 5.22 17.77 81.85
CA SER C 180 4.51 17.07 82.91
C SER C 180 4.36 15.58 82.63
N PRO C 181 4.16 14.79 83.70
CA PRO C 181 3.78 13.38 83.51
C PRO C 181 2.50 13.23 82.71
N GLU C 182 1.56 14.16 82.88
CA GLU C 182 0.34 14.14 82.08
C GLU C 182 0.66 14.20 80.57
N MET C 183 1.53 15.10 80.15
CA MET C 183 1.92 15.20 78.74
CA MET C 183 1.81 15.14 78.72
C MET C 183 2.62 13.94 78.25
N VAL C 184 3.53 13.44 79.09
CA VAL C 184 4.29 12.25 78.71
C VAL C 184 3.32 11.07 78.49
N ALA C 185 2.33 10.91 79.36
CA ALA C 185 1.36 9.82 79.25
C ALA C 185 0.48 10.01 78.02
N ALA C 186 0.07 11.25 77.77
CA ALA C 186 -0.75 11.56 76.62
C ALA C 186 -0.03 11.20 75.31
N ILE C 187 1.24 11.53 75.22
CA ILE C 187 2.04 11.21 74.05
C ILE C 187 2.21 9.69 73.91
N ASP C 188 2.40 9.01 75.05
CA ASP C 188 2.52 7.55 75.06
C ASP C 188 1.29 6.91 74.46
N GLU C 189 0.12 7.33 74.96
CA GLU C 189 -1.14 6.77 74.53
CA GLU C 189 -1.14 6.77 74.54
C GLU C 189 -1.43 7.11 73.07
N TYR C 190 -1.11 8.33 72.66
CA TYR C 190 -1.33 8.73 71.28
C TYR C 190 -0.46 7.88 70.35
N ALA C 191 0.80 7.71 70.70
CA ALA C 191 1.68 6.90 69.88
C ALA C 191 1.18 5.44 69.82
N GLN C 192 0.73 4.91 70.95
CA GLN C 192 0.27 3.52 70.97
C GLN C 192 -0.86 3.28 69.97
N SER C 193 -1.67 4.30 69.79
CA SER C 193 -2.85 4.19 68.93
C SER C 193 -2.58 4.26 67.43
N LYS C 194 -1.37 4.66 67.04
CA LYS C 194 -1.09 4.87 65.63
C LYS C 194 -0.24 3.75 65.07
N ASN C 195 -0.45 3.42 63.79
CA ASN C 195 0.41 2.46 63.10
C ASN C 195 1.87 2.94 63.05
N ARG C 196 2.02 4.21 62.71
CA ARG C 196 3.31 4.91 62.66
C ARG C 196 3.08 6.34 63.17
N LEU C 197 4.12 6.99 63.68
CA LEU C 197 3.99 8.38 64.14
C LEU C 197 5.27 9.20 64.01
N ASN C 198 5.15 10.40 63.45
CA ASN C 198 6.23 11.39 63.50
C ASN C 198 5.90 12.38 64.59
N ILE C 199 6.89 12.72 65.42
CA ILE C 199 6.71 13.76 66.42
C ILE C 199 7.58 14.96 66.08
N GLU C 200 6.97 16.15 66.06
CA GLU C 200 7.72 17.39 65.94
C GLU C 200 7.74 18.07 67.30
N PHE C 201 8.92 18.50 67.74
CA PHE C 201 9.04 19.19 69.02
C PHE C 201 9.27 20.68 68.83
N TYR C 202 8.66 21.46 69.71
CA TYR C 202 8.84 22.91 69.74
C TYR C 202 9.01 23.31 71.20
N THR C 203 10.18 23.79 71.58
CA THR C 203 10.34 24.12 72.97
C THR C 203 11.38 25.24 73.16
N ASN C 204 11.68 25.46 74.42
CA ASN C 204 12.58 26.50 74.89
C ASN C 204 14.04 26.05 74.82
N THR C 205 14.92 26.85 74.21
CA THR C 205 16.31 26.44 74.01
C THR C 205 17.00 26.22 75.37
N ALA C 206 16.82 27.12 76.32
CA ALA C 206 17.49 26.99 77.61
C ALA C 206 17.07 25.69 78.32
N HIS C 207 15.82 25.29 78.16
CA HIS C 207 15.30 24.15 78.93
C HIS C 207 15.02 22.93 78.08
N VAL C 208 15.66 22.84 76.92
CA VAL C 208 15.42 21.72 76.03
C VAL C 208 15.74 20.41 76.74
N PHE C 209 16.81 20.40 77.54
CA PHE C 209 17.18 19.17 78.21
C PHE C 209 16.18 18.80 79.31
N ASN C 210 15.49 19.78 79.88
CA ASN C 210 14.46 19.44 80.87
C ASN C 210 13.16 18.96 80.23
N ASN C 211 12.94 19.34 78.98
CA ASN C 211 11.62 19.11 78.38
C ASN C 211 11.54 17.90 77.46
N LEU C 212 12.60 17.62 76.70
CA LEU C 212 12.49 16.60 75.66
C LEU C 212 12.87 15.16 76.08
N PRO C 213 13.98 14.96 76.84
CA PRO C 213 14.32 13.58 77.28
C PRO C 213 13.20 12.79 77.97
N PRO C 214 12.35 13.41 78.82
CA PRO C 214 11.28 12.59 79.40
C PRO C 214 10.30 12.01 78.38
N ILE C 215 10.22 12.60 77.19
CA ILE C 215 9.34 12.09 76.16
C ILE C 215 10.13 11.18 75.22
N ILE C 216 11.33 11.61 74.87
CA ILE C 216 12.14 10.84 73.91
C ILE C 216 12.58 9.48 74.47
N GLN C 217 13.01 9.45 75.73
CA GLN C 217 13.55 8.22 76.31
C GLN C 217 12.60 7.02 76.28
N PRO C 218 11.36 7.17 76.78
CA PRO C 218 10.55 5.95 76.78
C PRO C 218 10.02 5.56 75.37
N LEU C 219 10.18 6.45 74.41
CA LEU C 219 9.77 6.16 73.03
C LEU C 219 10.94 5.66 72.20
N TYR C 220 12.14 5.66 72.78
CA TYR C 220 13.36 5.56 71.97
C TYR C 220 13.45 4.27 71.17
N ASN C 221 13.04 3.17 71.77
CA ASN C 221 13.13 1.86 71.14
C ASN C 221 11.87 1.50 70.35
N ASN C 222 10.95 2.45 70.24
CA ASN C 222 9.72 2.23 69.51
C ASN C 222 9.93 2.58 68.06
N GLU C 223 10.08 1.52 67.26
CA GLU C 223 10.43 1.61 65.85
C GLU C 223 9.38 2.32 64.98
N LYS C 224 8.14 2.42 65.47
CA LYS C 224 7.09 3.06 64.68
C LYS C 224 7.05 4.60 64.93
N VAL C 225 7.77 5.05 65.95
CA VAL C 225 7.78 6.46 66.29
C VAL C 225 9.11 7.11 65.89
N LYS C 226 9.01 8.22 65.16
CA LYS C 226 10.20 8.98 64.76
C LYS C 226 10.15 10.42 65.23
N ILE C 227 11.27 10.92 65.76
CA ILE C 227 11.38 12.35 66.04
C ILE C 227 11.78 13.03 64.74
N SER C 228 10.82 13.66 64.07
CA SER C 228 11.10 14.13 62.71
C SER C 228 11.68 15.55 62.70
N HIS C 229 11.42 16.32 63.75
CA HIS C 229 11.98 17.69 63.80
C HIS C 229 11.94 18.29 65.18
N ILE C 230 12.91 19.15 65.45
CA ILE C 230 12.98 19.85 66.71
C ILE C 230 13.20 21.34 66.43
N SER C 231 12.34 22.17 67.00
CA SER C 231 12.51 23.62 66.91
C SER C 231 12.76 24.20 68.27
N LEU C 232 13.91 24.87 68.44
CA LEU C 232 14.27 25.44 69.72
C LEU C 232 14.27 26.98 69.64
N TYR C 233 13.64 27.62 70.63
CA TYR C 233 13.49 29.08 70.66
C TYR C 233 14.12 29.69 71.92
N ASP C 234 14.95 30.73 71.74
CA ASP C 234 15.42 31.55 72.84
C ASP C 234 14.24 32.13 73.59
N ASP C 235 14.34 32.29 74.91
CA ASP C 235 13.25 33.01 75.58
C ASP C 235 13.63 34.45 75.85
N GLY C 236 14.92 34.76 75.82
CA GLY C 236 15.33 36.14 76.02
C GLY C 236 16.81 36.25 76.27
N SER C 237 17.20 37.21 77.10
CA SER C 237 18.61 37.49 77.32
C SER C 237 19.33 36.35 78.04
N SER C 238 18.56 35.46 78.67
CA SER C 238 19.18 34.39 79.47
C SER C 238 20.12 33.52 78.65
N GLU C 239 19.72 33.16 77.43
CA GLU C 239 20.59 32.33 76.60
C GLU C 239 21.88 33.07 76.25
N TYR C 240 21.81 34.41 76.21
CA TYR C 240 22.96 35.20 75.79
C TYR C 240 23.91 35.43 76.93
N VAL C 241 23.36 35.60 78.12
CA VAL C 241 24.18 35.70 79.31
C VAL C 241 24.95 34.39 79.47
N SER C 242 24.28 33.27 79.23
CA SER C 242 24.93 31.97 79.38
C SER C 242 26.01 31.78 78.33
N LEU C 243 25.76 32.24 77.11
CA LEU C 243 26.78 32.18 76.07
C LEU C 243 27.96 33.10 76.40
N TYR C 244 27.66 34.31 76.87
CA TYR C 244 28.70 35.24 77.28
C TYR C 244 29.62 34.64 78.35
N GLN C 245 29.04 33.98 79.34
CA GLN C 245 29.85 33.42 80.42
C GLN C 245 30.66 32.21 79.97
N TRP C 246 30.24 31.63 78.85
CA TRP C 246 30.84 30.40 78.36
C TRP C 246 31.90 30.63 77.27
N LYS C 247 31.86 31.80 76.65
CA LYS C 247 32.60 32.02 75.40
C LYS C 247 34.11 31.91 75.51
N ASP C 248 34.67 32.06 76.70
CA ASP C 248 36.11 32.02 76.86
C ASP C 248 36.61 30.69 77.43
N THR C 249 35.70 29.73 77.58
CA THR C 249 36.08 28.39 78.03
C THR C 249 37.08 27.76 77.06
N PRO C 250 38.21 27.27 77.58
CA PRO C 250 39.20 26.70 76.65
C PRO C 250 38.68 25.42 75.99
N ASN C 251 38.96 25.26 74.71
CA ASN C 251 38.64 24.03 73.99
C ASN C 251 37.15 23.73 73.98
N LYS C 252 36.33 24.79 74.02
CA LYS C 252 34.90 24.59 74.31
C LYS C 252 34.16 23.80 73.22
N ILE C 253 34.54 23.93 71.96
CA ILE C 253 33.83 23.19 70.90
C ILE C 253 34.26 21.71 70.91
N GLU C 254 35.54 21.46 71.16
CA GLU C 254 36.03 20.10 71.29
C GLU C 254 35.25 19.40 72.41
N THR C 255 35.08 20.11 73.52
CA THR C 255 34.30 19.59 74.65
C THR C 255 32.86 19.36 74.24
N LEU C 256 32.28 20.36 73.56
CA LEU C 256 30.93 20.23 73.03
C LEU C 256 30.78 18.99 72.14
N GLU C 257 31.67 18.82 71.17
CA GLU C 257 31.63 17.66 70.28
C GLU C 257 31.76 16.33 71.02
N GLY C 258 32.64 16.30 72.02
CA GLY C 258 32.85 15.12 72.84
C GLY C 258 31.59 14.74 73.61
N GLU C 259 30.71 15.71 73.83
CA GLU C 259 29.51 15.42 74.62
C GLU C 259 28.31 15.00 73.79
N VAL C 260 28.49 14.90 72.48
CA VAL C 260 27.40 14.43 71.62
C VAL C 260 27.03 13.01 72.04
N SER C 261 28.05 12.16 72.25
CA SER C 261 27.79 10.78 72.64
C SER C 261 27.15 10.72 74.02
N LEU C 262 27.48 11.67 74.88
CA LEU C 262 26.87 11.70 76.21
C LEU C 262 25.37 11.93 76.09
N LEU C 263 24.99 12.91 75.28
CA LEU C 263 23.58 13.17 75.04
C LEU C 263 22.89 11.97 74.38
N ALA C 264 23.53 11.42 73.34
CA ALA C 264 22.95 10.30 72.57
C ALA C 264 22.68 9.06 73.46
N ASN C 265 23.68 8.69 74.23
CA ASN C 265 23.57 7.50 75.09
C ASN C 265 22.54 7.68 76.18
N TYR C 266 22.43 8.90 76.68
CA TYR C 266 21.46 9.23 77.69
C TYR C 266 20.03 9.03 77.15
N LEU C 267 19.77 9.57 75.96
CA LEU C 267 18.49 9.39 75.30
C LEU C 267 18.27 7.90 74.96
N ALA C 268 19.33 7.21 74.59
CA ALA C 268 19.20 5.81 74.14
C ALA C 268 19.03 4.82 75.29
N GLY C 269 19.27 5.31 76.50
CA GLY C 269 19.25 4.45 77.67
C GLY C 269 20.47 3.53 77.80
N THR C 270 21.59 3.91 77.22
CA THR C 270 22.82 3.09 77.34
C THR C 270 23.79 3.71 78.32
N SER C 271 23.41 4.88 78.85
CA SER C 271 24.16 5.51 79.94
C SER C 271 23.20 6.34 80.77
N PRO C 272 23.37 6.34 82.10
CA PRO C 272 22.61 7.23 82.98
C PRO C 272 23.25 8.61 83.08
N ASP C 273 24.44 8.78 82.51
CA ASP C 273 25.17 10.06 82.62
C ASP C 273 24.68 11.03 81.54
N ALA C 274 24.42 12.27 81.91
CA ALA C 274 23.88 13.23 80.96
C ALA C 274 24.85 14.38 80.77
N PRO C 275 24.79 15.07 79.62
CA PRO C 275 25.71 16.20 79.48
C PRO C 275 25.32 17.31 80.43
N LYS C 276 26.32 18.02 80.94
CA LYS C 276 26.06 19.22 81.70
C LYS C 276 26.46 20.44 80.85
N GLY C 277 25.75 21.54 81.07
CA GLY C 277 26.05 22.77 80.37
C GLY C 277 25.60 22.74 78.93
N MET C 278 26.38 23.40 78.09
CA MET C 278 26.04 23.67 76.70
C MET C 278 25.86 22.38 75.93
N GLY C 279 26.56 21.34 76.38
CA GLY C 279 26.49 20.04 75.74
C GLY C 279 25.09 19.42 75.72
N ASN C 280 24.20 19.88 76.58
CA ASN C 280 22.84 19.36 76.55
C ASN C 280 21.90 20.33 75.85
N ARG C 281 22.46 21.41 75.30
CA ARG C 281 21.67 22.48 74.72
C ARG C 281 21.96 22.62 73.22
N TYR C 282 23.24 22.66 72.86
CA TYR C 282 23.61 22.92 71.48
C TYR C 282 24.15 21.68 70.73
N ASN C 283 23.70 20.49 71.14
CA ASN C 283 24.10 19.27 70.45
C ASN C 283 22.92 18.55 69.79
N TRP C 284 21.72 19.09 69.96
CA TRP C 284 20.54 18.43 69.46
C TRP C 284 20.56 18.29 67.94
N HIS C 285 21.11 19.28 67.24
CA HIS C 285 21.20 19.21 65.78
C HIS C 285 22.13 18.10 65.29
N LYS C 286 22.96 17.55 66.19
CA LYS C 286 23.84 16.44 65.82
C LYS C 286 23.08 15.12 65.82
N LEU C 287 21.89 15.12 66.42
CA LEU C 287 21.14 13.90 66.65
C LEU C 287 19.77 13.89 65.96
N TYR C 288 19.21 15.08 65.73
CA TYR C 288 17.90 15.23 65.09
C TYR C 288 17.92 16.43 64.16
N ASP C 289 16.98 16.46 63.21
CA ASP C 289 16.80 17.64 62.38
CA ASP C 289 16.80 17.65 62.40
C ASP C 289 16.38 18.80 63.29
N THR C 290 17.29 19.71 63.58
CA THR C 290 17.03 20.73 64.60
C THR C 290 17.29 22.16 64.07
N ASP C 291 16.35 23.07 64.34
CA ASP C 291 16.53 24.50 64.13
C ASP C 291 16.68 25.20 65.47
N TYR C 292 17.71 26.05 65.60
CA TYR C 292 17.87 26.90 66.77
C TYR C 292 17.47 28.30 66.36
N TYR C 293 16.32 28.76 66.82
CA TYR C 293 15.91 30.12 66.52
C TYR C 293 16.48 31.08 67.57
N PHE C 294 17.43 31.89 67.12
CA PHE C 294 18.09 32.90 67.96
C PHE C 294 17.36 34.24 67.93
N LEU C 295 17.10 34.78 69.11
CA LEU C 295 16.63 36.14 69.28
C LEU C 295 17.56 37.12 68.57
N ARG C 296 18.86 36.94 68.75
CA ARG C 296 19.89 37.72 68.04
C ARG C 296 20.97 36.80 67.51
N GLU C 297 20.73 36.25 66.32
CA GLU C 297 21.66 35.31 65.73
C GLU C 297 22.97 35.99 65.44
N ASP C 298 22.89 37.31 65.22
CA ASP C 298 24.10 38.05 64.90
C ASP C 298 25.03 38.11 66.11
N TYR C 299 24.54 37.72 67.29
CA TYR C 299 25.45 37.60 68.42
C TYR C 299 26.58 36.63 68.07
N LEU C 300 26.24 35.57 67.33
CA LEU C 300 27.23 34.60 66.88
C LEU C 300 28.24 35.20 65.91
N ASP C 301 27.89 36.34 65.31
CA ASP C 301 28.80 37.04 64.40
C ASP C 301 29.64 38.09 65.11
N VAL C 302 29.00 38.93 65.91
CA VAL C 302 29.69 40.09 66.47
C VAL C 302 30.64 39.68 67.61
N GLU C 303 30.28 38.65 68.37
CA GLU C 303 31.18 38.13 69.40
C GLU C 303 32.14 37.13 68.78
N ALA C 304 33.40 37.54 68.63
CA ALA C 304 34.40 36.77 67.90
C ALA C 304 34.67 35.41 68.54
N ASN C 305 34.56 35.35 69.86
CA ASN C 305 34.81 34.12 70.57
C ASN C 305 33.65 33.12 70.49
N LEU C 306 32.63 33.48 69.72
CA LEU C 306 31.54 32.54 69.45
C LEU C 306 31.52 32.14 67.97
N HIS C 307 32.51 32.57 67.20
CA HIS C 307 32.61 32.14 65.81
C HIS C 307 32.73 30.62 65.73
N ASP C 308 33.41 30.01 66.70
CA ASP C 308 33.54 28.55 66.65
C ASP C 308 32.18 27.86 66.88
N LEU C 309 31.33 28.44 67.73
CA LEU C 309 29.99 27.90 67.93
C LEU C 309 29.14 28.13 66.67
N ARG C 310 29.27 29.32 66.07
CA ARG C 310 28.58 29.60 64.80
C ARG C 310 28.85 28.52 63.76
N ASP C 311 30.11 28.16 63.59
CA ASP C 311 30.51 27.14 62.62
C ASP C 311 29.96 25.77 63.06
N TYR C 312 30.00 25.50 64.36
CA TYR C 312 29.54 24.21 64.88
C TYR C 312 28.06 24.01 64.61
N LEU C 313 27.29 25.08 64.75
CA LEU C 313 25.84 24.99 64.52
C LEU C 313 25.53 25.00 63.03
N GLY C 314 26.33 25.72 62.25
CA GLY C 314 26.10 25.78 60.82
C GLY C 314 24.69 26.22 60.46
N SER C 315 24.07 25.54 59.50
CA SER C 315 22.77 25.96 58.98
C SER C 315 21.66 25.77 60.00
N SER C 316 21.92 25.08 61.11
CA SER C 316 20.89 24.91 62.14
C SER C 316 20.56 26.20 62.89
N ALA C 317 21.50 27.12 62.95
CA ALA C 317 21.26 28.39 63.60
C ALA C 317 20.42 29.28 62.70
N LYS C 318 19.33 29.81 63.22
CA LYS C 318 18.44 30.66 62.43
C LYS C 318 18.08 31.92 63.20
N GLN C 319 17.63 32.94 62.48
CA GLN C 319 17.20 34.17 63.10
C GLN C 319 15.71 34.06 63.40
N MET C 320 15.34 34.30 64.64
CA MET C 320 13.94 34.35 64.98
C MET C 320 13.32 35.54 64.25
N PRO C 321 12.19 35.33 63.58
CA PRO C 321 11.54 36.41 62.82
C PRO C 321 10.61 37.25 63.72
N TRP C 322 10.40 38.52 63.40
CA TRP C 322 9.49 39.37 64.18
C TRP C 322 8.27 39.78 63.40
N ASP C 323 8.27 39.48 62.11
CA ASP C 323 7.26 40.01 61.22
C ASP C 323 6.25 38.97 60.75
N GLU C 324 6.22 37.79 61.37
CA GLU C 324 5.31 36.77 60.85
C GLU C 324 3.85 37.10 61.16
N PHE C 325 3.60 37.74 62.31
CA PHE C 325 2.25 38.15 62.66
C PHE C 325 1.63 39.04 61.60
N ALA C 326 2.42 39.97 61.06
CA ALA C 326 1.88 40.89 60.05
C ALA C 326 1.60 40.16 58.76
N LYS C 327 2.24 39.00 58.55
CA LYS C 327 1.97 38.20 57.37
C LYS C 327 0.77 37.26 57.53
N LEU C 328 0.21 37.16 58.72
CA LEU C 328 -1.02 36.41 58.91
C LEU C 328 -2.20 37.20 58.29
N SER C 329 -3.28 36.49 57.98
CA SER C 329 -4.51 37.15 57.53
C SER C 329 -5.16 37.89 58.69
N ASP C 330 -6.12 38.76 58.40
CA ASP C 330 -6.82 39.47 59.46
C ASP C 330 -7.49 38.50 60.44
N SER C 331 -8.11 37.46 59.92
CA SER C 331 -8.76 36.47 60.77
C SER C 331 -7.76 35.76 61.70
N GLN C 332 -6.61 35.40 61.15
CA GLN C 332 -5.56 34.73 61.91
C GLN C 332 -4.96 35.68 62.95
N GLN C 333 -4.78 36.94 62.57
CA GLN C 333 -4.30 37.93 63.52
C GLN C 333 -5.24 38.09 64.69
N THR C 334 -6.53 38.19 64.39
CA THR C 334 -7.56 38.29 65.41
C THR C 334 -7.54 37.12 66.37
N LEU C 335 -7.33 35.92 65.83
CA LEU C 335 -7.23 34.72 66.65
C LEU C 335 -6.01 34.75 67.57
N PHE C 336 -4.85 35.10 67.02
CA PHE C 336 -3.63 35.29 67.82
C PHE C 336 -3.92 36.26 68.96
N LEU C 337 -4.46 37.42 68.61
CA LEU C 337 -4.73 38.46 69.59
C LEU C 337 -5.74 37.98 70.64
N ASP C 338 -6.75 37.22 70.19
CA ASP C 338 -7.75 36.74 71.14
C ASP C 338 -7.11 35.81 72.17
N ILE C 339 -6.26 34.91 71.70
CA ILE C 339 -5.63 33.94 72.59
C ILE C 339 -4.67 34.59 73.60
N VAL C 340 -3.85 35.53 73.13
CA VAL C 340 -2.91 36.18 74.03
C VAL C 340 -3.59 37.27 74.86
N GLY C 341 -4.83 37.62 74.52
CA GLY C 341 -5.60 38.58 75.29
C GLY C 341 -5.19 40.04 75.10
N PHE C 342 -4.73 40.38 73.89
CA PHE C 342 -4.28 41.75 73.60
C PHE C 342 -5.30 42.48 72.73
N ASP C 343 -5.94 43.50 73.32
CA ASP C 343 -6.82 44.40 72.57
C ASP C 343 -5.91 45.39 71.89
N LYS C 344 -5.40 45.02 70.73
CA LYS C 344 -4.46 45.84 69.98
C LYS C 344 -5.12 47.18 69.59
N GLU C 345 -6.38 47.12 69.18
CA GLU C 345 -7.11 48.30 68.75
C GLU C 345 -7.18 49.34 69.86
N GLN C 346 -7.42 48.87 71.08
CA GLN C 346 -7.44 49.73 72.26
C GLN C 346 -6.10 50.44 72.44
N LEU C 347 -5.01 49.70 72.38
CA LEU C 347 -3.72 50.34 72.59
C LEU C 347 -3.41 51.32 71.45
N GLN C 348 -3.81 51.00 70.23
CA GLN C 348 -3.58 51.91 69.10
C GLN C 348 -4.38 53.22 69.29
N GLN C 349 -5.59 53.10 69.83
CA GLN C 349 -6.39 54.27 70.16
C GLN C 349 -5.76 55.12 71.27
N GLN C 350 -5.24 54.45 72.31
CA GLN C 350 -4.59 55.15 73.41
C GLN C 350 -3.34 55.86 72.90
N TYR C 351 -2.54 55.18 72.08
CA TYR C 351 -1.37 55.79 71.44
C TYR C 351 -1.69 57.02 70.62
N SER C 352 -2.86 57.02 69.98
CA SER C 352 -3.27 58.12 69.10
C SER C 352 -4.15 59.17 69.75
N GLN C 353 -4.54 58.95 71.02
CA GLN C 353 -5.40 59.86 71.77
C GLN C 353 -4.84 61.28 71.72
N SER C 354 -3.54 61.35 71.94
CA SER C 354 -2.77 62.57 71.83
C SER C 354 -1.74 62.31 70.73
N PRO C 355 -1.43 63.34 69.92
CA PRO C 355 -0.52 63.12 68.79
C PRO C 355 0.96 63.11 69.19
N LEU C 356 1.24 63.33 70.47
CA LEU C 356 2.63 63.28 70.93
C LEU C 356 3.13 61.85 70.79
N PRO C 357 4.43 61.69 70.54
CA PRO C 357 5.02 60.35 70.56
C PRO C 357 4.82 59.70 71.93
N ASN C 358 4.93 58.37 71.95
CA ASN C 358 4.56 57.61 73.12
C ASN C 358 5.75 57.02 73.85
N PHE C 359 5.76 57.19 75.18
CA PHE C 359 6.85 56.74 76.02
C PHE C 359 6.33 55.75 77.04
N ILE C 360 6.93 54.55 77.06
CA ILE C 360 6.63 53.57 78.08
C ILE C 360 7.75 53.54 79.12
N PHE C 361 7.38 53.77 80.36
CA PHE C 361 8.29 53.65 81.49
C PHE C 361 8.22 52.24 82.05
N THR C 362 9.38 51.59 82.17
CA THR C 362 9.46 50.25 82.77
C THR C 362 9.68 50.34 84.27
N GLY C 363 8.68 49.90 85.02
CA GLY C 363 8.73 49.98 86.46
C GLY C 363 9.19 48.69 87.09
N THR C 364 9.61 48.75 88.35
CA THR C 364 9.93 47.54 89.08
C THR C 364 9.28 47.57 90.45
N THR C 365 9.46 46.50 91.24
CA THR C 365 8.93 46.49 92.60
C THR C 365 9.92 47.18 93.52
N THR C 366 10.68 46.39 94.25
CA THR C 366 11.69 46.94 95.16
C THR C 366 13.06 46.35 94.85
N TRP C 367 14.11 46.92 95.46
CA TRP C 367 15.44 46.37 95.29
C TRP C 367 16.17 46.37 96.63
N ALA C 368 17.49 46.23 96.62
CA ALA C 368 18.23 46.16 97.88
C ALA C 368 18.10 47.47 98.63
N GLY C 369 18.58 47.49 99.88
CA GLY C 369 18.52 48.69 100.69
C GLY C 369 17.61 48.67 101.91
N GLY C 370 16.74 47.66 102.02
CA GLY C 370 15.91 47.54 103.21
C GLY C 370 14.72 48.47 103.33
N GLU C 371 14.62 49.42 102.42
CA GLU C 371 13.57 50.45 102.47
C GLU C 371 12.14 49.92 102.31
N THR C 372 11.18 50.81 102.60
CA THR C 372 9.75 50.53 102.46
C THR C 372 9.27 50.65 101.02
N LYS C 373 8.12 50.04 100.70
CA LYS C 373 7.58 50.07 99.35
C LYS C 373 7.31 51.49 98.83
N GLU C 374 6.93 52.39 99.73
CA GLU C 374 6.69 53.80 99.38
C GLU C 374 7.96 54.57 99.05
N TYR C 375 9.11 53.96 99.30
CA TYR C 375 10.37 54.64 99.04
C TYR C 375 10.80 54.29 97.64
N TYR C 376 10.70 53.01 97.31
CA TYR C 376 11.05 52.53 95.99
C TYR C 376 10.12 53.12 94.93
N ALA C 377 8.86 53.33 95.30
CA ALA C 377 7.94 53.97 94.40
C ALA C 377 8.33 55.42 94.17
N GLN C 378 8.76 56.10 95.24
CA GLN C 378 9.09 57.51 95.12
C GLN C 378 10.34 57.68 94.26
N GLN C 379 11.25 56.72 94.37
CA GLN C 379 12.49 56.76 93.59
C GLN C 379 12.19 56.63 92.12
N GLN C 380 11.25 55.74 91.79
CA GLN C 380 10.87 55.53 90.41
C GLN C 380 10.18 56.80 89.86
N VAL C 381 9.39 57.46 90.69
CA VAL C 381 8.80 58.75 90.33
C VAL C 381 9.90 59.76 90.00
N ASN C 382 10.97 59.73 90.80
CA ASN C 382 12.10 60.63 90.58
C ASN C 382 12.77 60.37 89.22
N VAL C 383 12.88 59.10 88.85
CA VAL C 383 13.43 58.73 87.55
C VAL C 383 12.61 59.31 86.40
N ILE C 384 11.29 59.15 86.49
CA ILE C 384 10.37 59.68 85.48
C ILE C 384 10.44 61.19 85.46
N ASN C 385 10.44 61.80 86.64
CA ASN C 385 10.56 63.25 86.76
C ASN C 385 11.76 63.77 86.00
N ASN C 386 12.91 63.13 86.17
CA ASN C 386 14.12 63.53 85.46
C ASN C 386 13.97 63.35 83.95
N ALA C 387 13.41 62.21 83.54
CA ALA C 387 13.24 61.89 82.12
C ALA C 387 12.45 62.95 81.36
N ILE C 388 11.45 63.53 82.01
CA ILE C 388 10.59 64.53 81.37
C ILE C 388 11.00 65.96 81.72
N ASN C 389 12.04 66.11 82.54
CA ASN C 389 12.55 67.45 82.86
C ASN C 389 13.49 67.96 81.77
N GLU C 390 13.10 69.06 81.12
CA GLU C 390 13.83 69.60 79.97
C GLU C 390 15.29 69.94 80.25
N THR C 391 15.62 70.20 81.51
CA THR C 391 16.97 70.63 81.88
C THR C 391 17.87 69.46 82.22
N SER C 392 17.29 68.26 82.33
CA SER C 392 18.08 67.08 82.67
C SER C 392 19.00 66.64 81.52
N PRO C 393 20.19 66.15 81.87
CA PRO C 393 21.00 65.61 80.78
C PRO C 393 20.37 64.34 80.19
N TYR C 394 19.50 63.66 80.93
CA TYR C 394 18.86 62.47 80.41
C TYR C 394 17.39 62.71 80.04
N TYR C 395 17.08 63.98 79.78
CA TYR C 395 15.80 64.37 79.21
C TYR C 395 15.49 63.49 78.01
N LEU C 396 14.25 63.02 77.90
CA LEU C 396 13.88 62.13 76.79
C LEU C 396 14.08 62.78 75.41
N GLY C 397 14.12 64.11 75.36
CA GLY C 397 14.39 64.84 74.13
C GLY C 397 13.27 65.74 73.61
N LYS C 398 12.03 65.36 73.88
CA LYS C 398 10.87 66.16 73.51
C LYS C 398 9.66 65.76 74.33
N ASP C 399 8.50 66.35 74.01
CA ASP C 399 7.26 66.05 74.70
C ASP C 399 6.76 64.67 74.34
N TYR C 400 6.45 63.85 75.34
CA TYR C 400 5.88 62.53 75.13
C TYR C 400 4.58 62.31 75.90
N ASP C 401 3.70 61.50 75.33
CA ASP C 401 2.64 60.90 76.09
C ASP C 401 3.23 59.81 76.98
N LEU C 402 2.81 59.80 78.25
CA LEU C 402 3.34 58.84 79.22
C LEU C 402 2.50 57.56 79.28
N PHE C 403 3.20 56.42 79.26
CA PHE C 403 2.63 55.09 79.46
C PHE C 403 3.48 54.34 80.48
N PHE C 404 2.89 53.35 81.15
CA PHE C 404 3.55 52.67 82.26
C PHE C 404 3.43 51.17 82.13
N LYS C 405 4.56 50.48 82.18
CA LYS C 405 4.53 49.01 82.27
C LYS C 405 5.18 48.65 83.58
N GLY C 406 4.36 48.44 84.60
CA GLY C 406 4.90 48.12 85.91
C GLY C 406 5.02 46.64 86.11
N HIS C 407 5.62 46.28 87.24
CA HIS C 407 5.74 44.89 87.60
C HIS C 407 4.38 44.37 88.01
N PRO C 408 4.02 43.18 87.53
CA PRO C 408 2.73 42.54 87.86
C PRO C 408 2.42 42.51 89.36
N ALA C 409 3.43 42.58 90.21
CA ALA C 409 3.21 42.55 91.66
C ALA C 409 3.59 43.86 92.36
N GLY C 410 3.63 44.96 91.61
CA GLY C 410 4.01 46.25 92.16
C GLY C 410 3.11 46.76 93.27
N GLY C 411 1.81 46.47 93.17
CA GLY C 411 0.86 46.88 94.19
C GLY C 411 0.74 48.38 94.36
N VAL C 412 0.87 48.84 95.60
CA VAL C 412 0.76 50.26 95.92
C VAL C 412 1.84 51.07 95.22
N ILE C 413 2.94 50.42 94.87
CA ILE C 413 4.01 51.07 94.11
C ILE C 413 3.51 51.53 92.74
N ASN C 414 2.83 50.63 92.03
CA ASN C 414 2.21 50.97 90.77
C ASN C 414 1.20 52.09 90.93
N ASP C 415 0.37 52.02 91.98
CA ASP C 415 -0.63 53.05 92.22
C ASP C 415 -0.01 54.41 92.47
N ILE C 416 1.06 54.44 93.28
CA ILE C 416 1.75 55.68 93.59
C ILE C 416 2.36 56.31 92.34
N ILE C 417 3.05 55.48 91.56
CA ILE C 417 3.68 55.96 90.34
C ILE C 417 2.64 56.49 89.38
N LEU C 418 1.60 55.70 89.13
CA LEU C 418 0.52 56.10 88.25
C LEU C 418 -0.16 57.40 88.71
N GLY C 419 -0.46 57.48 90.01
CA GLY C 419 -1.13 58.64 90.56
C GLY C 419 -0.28 59.88 90.55
N SER C 420 1.02 59.72 90.31
CA SER C 420 1.94 60.86 90.32
C SER C 420 2.03 61.51 88.95
N PHE C 421 1.39 60.90 87.97
CA PHE C 421 1.39 61.43 86.61
C PHE C 421 -0.01 61.18 86.07
N PRO C 422 -0.91 62.16 86.26
CA PRO C 422 -2.34 61.99 86.01
C PRO C 422 -2.75 61.36 84.67
N ASP C 423 -2.20 61.77 83.53
CA ASP C 423 -2.65 61.14 82.30
C ASP C 423 -1.78 59.95 81.86
N MET C 424 -0.87 59.47 82.73
CA MET C 424 -0.05 58.32 82.34
C MET C 424 -0.94 57.09 82.23
N ILE C 425 -0.83 56.39 81.11
CA ILE C 425 -1.72 55.27 80.88
C ILE C 425 -1.07 53.92 81.22
N ASN C 426 -1.76 53.11 82.01
CA ASN C 426 -1.23 51.81 82.40
C ASN C 426 -1.37 50.80 81.27
N ILE C 427 -0.31 50.03 81.04
CA ILE C 427 -0.35 48.88 80.16
C ILE C 427 -0.16 47.62 81.01
N PRO C 428 -1.19 46.76 81.07
CA PRO C 428 -1.22 45.57 81.92
C PRO C 428 -0.04 44.62 81.64
N ALA C 429 0.46 43.96 82.68
CA ALA C 429 1.62 43.09 82.55
C ALA C 429 1.37 41.94 81.56
N LYS C 430 0.10 41.57 81.35
CA LYS C 430 -0.20 40.52 80.39
C LYS C 430 0.20 40.95 78.98
N ILE C 431 0.28 42.26 78.74
CA ILE C 431 0.73 42.72 77.44
C ILE C 431 2.23 42.93 77.50
N SER C 432 2.95 41.85 77.27
CA SER C 432 4.42 41.81 77.36
C SER C 432 5.12 42.60 76.27
N PHE C 433 6.37 42.97 76.53
CA PHE C 433 7.13 43.58 75.46
C PHE C 433 7.28 42.63 74.27
N GLU C 434 7.25 41.32 74.51
CA GLU C 434 7.33 40.37 73.39
C GLU C 434 6.08 40.48 72.51
N VAL C 435 4.90 40.54 73.14
CA VAL C 435 3.66 40.75 72.39
C VAL C 435 3.69 42.06 71.61
N LEU C 436 4.15 43.15 72.25
CA LEU C 436 4.19 44.45 71.58
C LEU C 436 5.10 44.42 70.38
N MET C 437 6.26 43.78 70.55
CA MET C 437 7.23 43.71 69.45
C MET C 437 6.71 42.88 68.30
N MET C 438 6.09 41.76 68.63
CA MET C 438 5.64 40.86 67.58
C MET C 438 4.45 41.42 66.79
N THR C 439 3.64 42.26 67.41
CA THR C 439 2.49 42.83 66.73
C THR C 439 2.75 44.25 66.26
N ASP C 440 4.02 44.66 66.24
CA ASP C 440 4.40 46.00 65.78
C ASP C 440 3.70 47.07 66.61
N MET C 441 3.66 46.87 67.92
CA MET C 441 2.99 47.82 68.80
C MET C 441 3.93 48.43 69.84
N LEU C 442 5.23 48.39 69.57
CA LEU C 442 6.20 49.08 70.42
C LEU C 442 5.93 50.59 70.36
N PRO C 443 6.20 51.31 71.45
CA PRO C 443 6.00 52.76 71.44
C PRO C 443 7.14 53.45 70.73
N ASP C 444 7.19 54.77 70.78
CA ASP C 444 8.29 55.52 70.17
C ASP C 444 9.55 55.40 71.02
N THR C 445 9.39 55.31 72.32
CA THR C 445 10.57 55.21 73.16
C THR C 445 10.28 54.46 74.46
N VAL C 446 11.28 53.76 74.97
CA VAL C 446 11.16 52.97 76.20
C VAL C 446 12.34 53.28 77.12
N ALA C 447 12.05 53.52 78.40
CA ALA C 447 13.11 53.81 79.37
C ALA C 447 12.63 53.51 80.80
N GLY C 448 13.56 53.42 81.72
CA GLY C 448 13.20 53.19 83.11
C GLY C 448 14.08 52.14 83.76
N ILE C 449 13.54 51.42 84.73
CA ILE C 449 14.31 50.42 85.45
C ILE C 449 14.67 49.29 84.50
N ALA C 450 15.96 48.97 84.48
CA ALA C 450 16.53 47.95 83.60
C ALA C 450 16.08 46.54 83.91
N SER C 451 15.99 45.73 82.87
CA SER C 451 15.76 44.30 82.99
C SER C 451 15.90 43.65 81.63
N SER C 452 15.74 42.34 81.59
CA SER C 452 15.89 41.54 80.38
C SER C 452 14.95 41.94 79.23
N LEU C 453 13.83 42.59 79.55
CA LEU C 453 12.87 42.98 78.51
C LEU C 453 13.53 43.87 77.46
N TYR C 454 14.56 44.61 77.85
CA TYR C 454 15.18 45.55 76.92
C TYR C 454 15.92 44.82 75.81
N PHE C 455 16.17 43.54 76.04
CA PHE C 455 16.90 42.74 75.08
C PHE C 455 16.13 42.59 73.77
N THR C 456 14.83 42.85 73.81
CA THR C 456 13.98 42.69 72.62
C THR C 456 13.67 44.01 71.90
N ILE C 457 13.89 45.14 72.57
CA ILE C 457 13.57 46.43 71.99
C ILE C 457 14.70 46.95 71.10
N PRO C 458 14.35 47.46 69.91
CA PRO C 458 15.34 48.10 69.01
C PRO C 458 16.03 49.28 69.69
N ALA C 459 17.33 49.41 69.44
CA ALA C 459 18.16 50.44 70.09
C ALA C 459 17.57 51.84 69.95
N ASP C 460 16.96 52.13 68.80
CA ASP C 460 16.46 53.46 68.53
C ASP C 460 15.25 53.80 69.39
N LYS C 461 14.67 52.77 70.00
CA LYS C 461 13.52 52.96 70.87
C LYS C 461 13.93 52.89 72.35
N VAL C 462 15.22 52.59 72.60
CA VAL C 462 15.72 52.61 73.97
C VAL C 462 16.34 53.97 74.32
N ASN C 463 15.74 54.67 75.28
CA ASN C 463 16.22 55.98 75.66
C ASN C 463 17.34 55.88 76.71
N PHE C 464 17.03 55.28 77.86
CA PHE C 464 18.04 54.99 78.90
C PHE C 464 17.53 53.84 79.78
N ILE C 465 18.44 53.13 80.44
CA ILE C 465 18.04 52.07 81.35
C ILE C 465 18.71 52.26 82.73
N VAL C 466 17.99 51.93 83.79
CA VAL C 466 18.47 52.25 85.14
C VAL C 466 18.65 50.98 85.96
N PHE C 467 19.88 50.74 86.41
CA PHE C 467 20.14 49.59 87.27
C PHE C 467 20.12 50.08 88.69
N THR C 468 19.54 49.28 89.56
CA THR C 468 19.37 49.65 90.94
C THR C 468 20.24 48.73 91.78
N SER C 469 20.42 49.08 93.05
CA SER C 469 21.26 48.26 93.93
C SER C 469 20.73 46.83 94.04
N SER C 470 21.64 45.87 93.95
CA SER C 470 21.34 44.46 94.13
C SER C 470 22.47 43.79 94.89
N ASP C 471 22.41 42.47 94.97
CA ASP C 471 23.49 41.66 95.51
C ASP C 471 24.80 41.84 94.73
N THR C 472 24.72 42.05 93.42
CA THR C 472 25.92 42.10 92.59
C THR C 472 26.25 43.46 91.92
N ILE C 473 25.33 44.42 92.03
CA ILE C 473 25.55 45.73 91.42
C ILE C 473 25.34 46.82 92.48
N THR C 474 26.40 47.55 92.81
CA THR C 474 26.31 48.55 93.88
C THR C 474 26.71 49.93 93.39
N ASP C 475 27.14 50.00 92.14
CA ASP C 475 27.44 51.25 91.48
C ASP C 475 27.40 51.11 89.96
N ARG C 476 27.54 52.23 89.26
CA ARG C 476 27.40 52.23 87.81
C ARG C 476 28.44 51.36 87.13
N GLU C 477 29.67 51.42 87.62
CA GLU C 477 30.75 50.64 87.03
C GLU C 477 30.43 49.14 87.08
N GLU C 478 29.84 48.68 88.17
CA GLU C 478 29.49 47.26 88.24
C GLU C 478 28.32 46.94 87.32
N ALA C 479 27.39 47.87 87.15
CA ALA C 479 26.30 47.68 86.19
C ALA C 479 26.89 47.49 84.78
N LEU C 480 27.80 48.37 84.40
CA LEU C 480 28.37 48.34 83.05
C LEU C 480 29.14 47.07 82.80
N LYS C 481 29.76 46.53 83.85
CA LYS C 481 30.57 45.32 83.73
C LYS C 481 29.74 44.04 83.82
N SER C 482 28.46 44.16 84.18
CA SER C 482 27.60 42.96 84.30
C SER C 482 27.41 42.24 82.96
N PRO C 483 27.19 40.91 83.00
CA PRO C 483 27.03 40.17 81.74
C PRO C 483 25.90 40.71 80.86
N LEU C 484 24.74 40.99 81.44
CA LEU C 484 23.64 41.51 80.66
C LEU C 484 24.04 42.76 79.89
N VAL C 485 24.73 43.71 80.54
CA VAL C 485 25.06 44.95 79.87
C VAL C 485 26.14 44.75 78.84
N GLN C 486 27.14 43.92 79.18
CA GLN C 486 28.21 43.62 78.23
C GLN C 486 27.65 43.05 76.94
N VAL C 487 26.67 42.15 77.06
CA VAL C 487 26.01 41.59 75.87
C VAL C 487 25.22 42.66 75.09
N MET C 488 24.45 43.49 75.81
CA MET C 488 23.67 44.53 75.12
C MET C 488 24.57 45.54 74.43
N LEU C 489 25.70 45.86 75.05
CA LEU C 489 26.69 46.75 74.45
C LEU C 489 27.24 46.17 73.17
N THR C 490 27.58 44.88 73.21
CA THR C 490 28.13 44.19 72.06
C THR C 490 27.13 44.12 70.90
N LEU C 491 25.86 43.96 71.24
CA LEU C 491 24.80 43.88 70.24
C LEU C 491 24.32 45.25 69.78
N GLY C 492 24.86 46.30 70.39
CA GLY C 492 24.50 47.66 70.01
C GLY C 492 23.11 48.05 70.46
N ILE C 493 22.59 47.34 71.46
CA ILE C 493 21.27 47.65 72.00
C ILE C 493 21.33 48.95 72.80
N VAL C 494 22.38 49.10 73.60
CA VAL C 494 22.64 50.34 74.31
C VAL C 494 24.09 50.76 74.10
N LYS C 495 24.38 52.03 74.37
CA LYS C 495 25.74 52.51 74.56
C LYS C 495 25.95 52.80 76.03
N GLU C 496 27.21 52.93 76.45
CA GLU C 496 27.52 53.14 77.87
C GLU C 496 26.76 54.33 78.43
N LYS C 497 26.61 55.38 77.64
CA LYS C 497 25.87 56.54 78.09
C LYS C 497 24.41 56.22 78.42
N ASP C 498 23.85 55.13 77.91
CA ASP C 498 22.44 54.86 78.16
C ASP C 498 22.24 54.11 79.48
N VAL C 499 23.33 53.72 80.13
CA VAL C 499 23.23 52.92 81.35
C VAL C 499 23.39 53.79 82.58
N LEU C 500 22.37 53.80 83.42
CA LEU C 500 22.38 54.63 84.62
C LEU C 500 22.35 53.72 85.83
N PHE C 501 22.80 54.25 86.96
CA PHE C 501 22.68 53.54 88.22
C PHE C 501 21.94 54.38 89.24
N TRP C 502 21.02 53.74 89.95
CA TRP C 502 20.24 54.38 91.02
C TRP C 502 20.35 53.50 92.28
N ALA C 503 20.87 54.06 93.37
CA ALA C 503 21.03 53.27 94.60
C ALA C 503 19.72 52.67 95.13
N LYS D 30 2.73 21.53 41.06
CA LYS D 30 1.79 21.13 40.01
C LYS D 30 2.29 21.52 38.62
N GLU D 31 2.31 20.55 37.71
CA GLU D 31 2.92 20.72 36.40
C GLU D 31 1.98 20.46 35.25
N THR D 32 1.88 21.40 34.31
CA THR D 32 1.06 21.16 33.11
C THR D 32 1.78 21.54 31.81
N VAL D 33 1.86 20.59 30.89
CA VAL D 33 2.41 20.84 29.57
C VAL D 33 1.35 20.55 28.52
N SER D 34 1.06 21.54 27.69
CA SER D 34 0.10 21.36 26.61
C SER D 34 0.75 21.62 25.26
N SER D 35 0.43 20.81 24.27
CA SER D 35 0.98 21.01 22.92
C SER D 35 -0.10 20.93 21.85
N ASN D 36 0.09 21.68 20.76
CA ASN D 36 -0.81 21.57 19.61
C ASN D 36 -0.13 22.06 18.35
N SER D 37 -0.75 21.77 17.22
N SER D 37 -0.76 21.78 17.22
CA SER D 37 -0.20 22.16 15.92
CA SER D 37 -0.23 22.14 15.92
C SER D 37 -1.33 22.66 15.03
C SER D 37 -1.37 22.71 15.08
N ALA D 38 -1.05 23.62 14.18
CA ALA D 38 -2.04 24.08 13.23
C ALA D 38 -1.39 24.57 11.96
N ASP D 39 -2.12 24.43 10.86
CA ASP D 39 -1.78 25.09 9.63
C ASP D 39 -2.39 26.47 9.62
N VAL D 40 -1.60 27.46 9.21
CA VAL D 40 -2.13 28.81 9.02
C VAL D 40 -1.94 29.19 7.55
N VAL D 41 -3.02 29.47 6.85
CA VAL D 41 -2.93 29.88 5.46
C VAL D 41 -2.30 31.27 5.37
N GLU D 42 -1.41 31.47 4.39
CA GLU D 42 -0.79 32.76 4.14
C GLU D 42 -1.82 33.91 4.18
N THR D 43 -1.45 34.99 4.88
CA THR D 43 -2.26 36.18 5.16
C THR D 43 -3.36 35.97 6.22
N GLU D 44 -3.63 34.73 6.63
CA GLU D 44 -4.64 34.54 7.67
C GLU D 44 -4.00 34.63 9.06
N THR D 45 -4.85 34.78 10.07
CA THR D 45 -4.37 35.04 11.44
C THR D 45 -4.62 33.89 12.39
N TYR D 46 -3.64 33.61 13.23
CA TYR D 46 -3.80 32.64 14.29
C TYR D 46 -3.46 33.31 15.61
N GLN D 47 -4.34 33.16 16.59
CA GLN D 47 -4.10 33.75 17.89
C GLN D 47 -3.28 32.80 18.75
N LEU D 48 -2.04 33.17 19.04
CA LEU D 48 -1.24 32.38 19.96
C LEU D 48 -1.71 32.64 21.36
N THR D 49 -1.87 31.58 22.14
CA THR D 49 -2.47 31.68 23.45
C THR D 49 -2.15 30.44 24.29
N PRO D 50 -2.05 30.61 25.62
CA PRO D 50 -1.85 29.43 26.46
C PRO D 50 -3.06 28.52 26.36
N ILE D 51 -2.85 27.21 26.34
CA ILE D 51 -3.96 26.27 26.22
C ILE D 51 -4.55 25.94 27.58
N ASP D 52 -5.83 26.27 27.75
CA ASP D 52 -6.59 25.97 28.98
C ASP D 52 -5.76 26.33 30.22
N ALA D 53 -5.29 27.57 30.25
CA ALA D 53 -4.42 28.05 31.32
C ALA D 53 -5.00 29.32 31.92
N PRO D 54 -4.49 29.76 33.09
CA PRO D 54 -5.03 31.01 33.62
C PRO D 54 -4.69 32.20 32.72
N SER D 55 -5.31 33.34 33.01
CA SER D 55 -5.12 34.54 32.21
C SER D 55 -4.09 35.48 32.85
N SER D 56 -3.63 35.13 34.05
CA SER D 56 -2.63 35.94 34.75
C SER D 56 -1.61 35.06 35.47
N PHE D 57 -0.37 35.54 35.56
CA PHE D 57 0.73 34.74 36.09
C PHE D 57 1.68 35.57 36.93
N LEU D 58 2.32 34.93 37.90
CA LEU D 58 3.39 35.56 38.65
C LEU D 58 4.53 35.95 37.71
N SER D 59 4.84 35.03 36.79
CA SER D 59 5.78 35.33 35.72
C SER D 59 5.38 34.54 34.48
N HIS D 60 5.75 35.07 33.31
CA HIS D 60 5.36 34.46 32.04
C HIS D 60 6.23 34.96 30.88
N SER D 61 6.31 34.16 29.83
CA SER D 61 7.05 34.55 28.62
C SER D 61 6.64 33.72 27.41
N TRP D 62 6.72 34.33 26.23
CA TRP D 62 6.65 33.58 24.96
C TRP D 62 8.05 33.54 24.36
N GLU D 63 8.41 32.41 23.77
CA GLU D 63 9.68 32.28 23.07
C GLU D 63 9.41 31.71 21.70
N GLN D 64 10.20 32.11 20.72
CA GLN D 64 10.15 31.40 19.45
C GLN D 64 11.31 30.42 19.40
N THR D 65 11.01 29.16 19.11
CA THR D 65 12.00 28.10 19.16
C THR D 65 12.34 27.45 17.81
N CYS D 66 11.66 27.87 16.74
CA CYS D 66 12.06 27.45 15.40
C CYS D 66 11.36 28.34 14.37
N GLY D 67 11.88 28.32 13.14
CA GLY D 67 11.39 29.16 12.07
C GLY D 67 12.08 30.52 11.99
N THR D 68 11.94 31.18 10.84
CA THR D 68 12.45 32.55 10.69
C THR D 68 11.90 33.43 11.80
N PRO D 69 12.78 34.20 12.48
CA PRO D 69 12.33 35.04 13.59
C PRO D 69 11.21 35.96 13.17
N ILE D 70 10.13 35.98 13.94
CA ILE D 70 8.92 36.68 13.56
C ILE D 70 8.23 37.22 14.81
N LEU D 71 8.68 36.75 15.97
CA LEU D 71 8.12 37.17 17.24
C LEU D 71 8.46 38.64 17.55
N ASN D 72 7.44 39.47 17.80
CA ASN D 72 7.67 40.86 18.21
C ASN D 72 8.19 40.92 19.65
N GLU D 73 9.02 41.92 19.94
CA GLU D 73 9.55 42.08 21.30
C GLU D 73 8.43 42.29 22.31
N SER D 74 7.42 43.07 21.95
CA SER D 74 6.31 43.36 22.85
C SER D 74 5.47 42.13 23.19
N ASP D 75 5.37 41.20 22.24
CA ASP D 75 4.56 40.00 22.42
C ASP D 75 5.19 38.97 23.37
N LYS D 76 6.48 39.10 23.64
CA LYS D 76 7.15 38.17 24.56
C LYS D 76 6.47 38.20 25.93
N GLN D 77 5.90 39.34 26.31
CA GLN D 77 5.24 39.48 27.59
C GLN D 77 3.72 39.50 27.45
N ALA D 78 3.20 39.24 26.25
CA ALA D 78 1.76 39.13 26.07
C ALA D 78 1.26 37.76 26.52
N ILE D 79 -0.01 37.69 26.90
CA ILE D 79 -0.64 36.40 27.19
C ILE D 79 -1.13 35.77 25.88
N SER D 80 -1.99 36.51 25.17
CA SER D 80 -2.42 36.11 23.83
C SER D 80 -1.97 37.16 22.82
N PHE D 81 -1.64 36.72 21.62
CA PHE D 81 -1.30 37.64 20.54
C PHE D 81 -1.50 36.99 19.20
N ASP D 82 -1.57 37.81 18.17
CA ASP D 82 -1.88 37.35 16.82
C ASP D 82 -0.66 36.98 16.02
N PHE D 83 -0.71 35.78 15.43
CA PHE D 83 0.25 35.38 14.43
C PHE D 83 -0.43 35.62 13.08
N VAL D 84 0.16 36.50 12.28
CA VAL D 84 -0.29 36.76 10.92
C VAL D 84 0.63 36.06 9.95
N ALA D 85 0.13 35.06 9.24
CA ALA D 85 1.00 34.28 8.38
C ALA D 85 1.56 35.12 7.24
N PRO D 86 2.89 35.15 7.11
CA PRO D 86 3.51 35.88 6.01
C PRO D 86 3.30 35.16 4.67
N GLU D 87 3.61 35.87 3.60
CA GLU D 87 3.56 35.26 2.27
C GLU D 87 4.95 34.77 1.94
N LEU D 88 5.09 33.48 1.63
CA LEU D 88 6.43 32.89 1.56
C LEU D 88 6.67 32.31 0.17
N LYS D 89 7.88 31.81 -0.05
CA LYS D 89 8.15 31.09 -1.30
C LYS D 89 7.83 29.61 -1.15
N GLN D 90 7.85 29.11 0.09
CA GLN D 90 7.50 27.72 0.38
C GLN D 90 6.94 27.67 1.81
N ASP D 91 6.28 26.57 2.13
CA ASP D 91 5.75 26.36 3.47
C ASP D 91 6.84 26.45 4.52
N GLU D 92 6.49 26.93 5.71
CA GLU D 92 7.47 27.04 6.78
C GLU D 92 6.80 26.91 8.14
N LYS D 93 7.43 26.16 9.04
CA LYS D 93 6.86 26.01 10.37
C LYS D 93 7.51 26.97 11.34
N TYR D 94 6.70 27.48 12.27
CA TYR D 94 7.12 28.40 13.31
C TYR D 94 6.73 27.79 14.65
N CYS D 95 7.69 27.65 15.55
CA CYS D 95 7.39 27.04 16.85
C CYS D 95 7.42 28.08 17.95
N PHE D 96 6.43 28.05 18.84
CA PHE D 96 6.38 28.98 19.96
C PHE D 96 6.11 28.25 21.28
N THR D 97 6.78 28.70 22.33
CA THR D 97 6.59 28.16 23.68
C THR D 97 6.16 29.24 24.67
N PHE D 98 5.04 28.99 25.34
CA PHE D 98 4.64 29.84 26.44
C PHE D 98 4.99 29.16 27.75
N LYS D 99 5.59 29.92 28.66
CA LYS D 99 5.83 29.43 30.00
C LYS D 99 5.15 30.35 31.00
N GLY D 100 4.33 29.79 31.89
CA GLY D 100 3.63 30.58 32.89
C GLY D 100 3.66 29.96 34.27
N ILE D 101 3.98 30.77 35.28
CA ILE D 101 4.09 30.27 36.64
C ILE D 101 3.14 31.02 37.58
N THR D 102 2.28 30.27 38.27
CA THR D 102 1.46 30.84 39.33
C THR D 102 2.01 30.34 40.66
N GLY D 103 1.35 30.67 41.76
CA GLY D 103 1.86 30.28 43.06
C GLY D 103 1.83 28.79 43.37
N ASP D 104 0.99 28.06 42.65
CA ASP D 104 0.83 26.63 42.89
C ASP D 104 0.96 25.73 41.64
N HIS D 105 1.26 26.33 40.49
CA HIS D 105 1.14 25.62 39.22
C HIS D 105 2.07 26.20 38.17
N ARG D 106 2.77 25.34 37.45
CA ARG D 106 3.55 25.80 36.31
C ARG D 106 2.91 25.30 35.00
N TYR D 107 2.77 26.21 34.04
CA TYR D 107 2.12 25.92 32.78
C TYR D 107 3.04 26.11 31.58
N ILE D 108 3.12 25.10 30.72
CA ILE D 108 3.84 25.26 29.46
C ILE D 108 2.90 24.98 28.29
N THR D 109 2.89 25.88 27.31
CA THR D 109 2.16 25.62 26.06
C THR D 109 3.11 25.69 24.89
N ASN D 110 3.12 24.61 24.11
CA ASN D 110 3.92 24.51 22.89
C ASN D 110 3.03 24.46 21.66
N THR D 111 3.12 25.49 20.85
CA THR D 111 2.34 25.57 19.61
C THR D 111 3.22 25.64 18.38
N THR D 112 2.98 24.76 17.42
CA THR D 112 3.72 24.77 16.16
C THR D 112 2.80 25.18 15.02
N LEU D 113 3.10 26.31 14.39
CA LEU D 113 2.28 26.80 13.28
C LEU D 113 3.01 26.61 11.96
N THR D 114 2.36 25.94 11.01
CA THR D 114 2.95 25.79 9.70
C THR D 114 2.21 26.69 8.73
N VAL D 115 2.93 27.64 8.15
CA VAL D 115 2.32 28.52 7.15
C VAL D 115 2.26 27.80 5.81
N VAL D 116 1.05 27.69 5.28
CA VAL D 116 0.81 26.93 4.07
C VAL D 116 0.16 27.82 3.00
N ALA D 117 0.32 27.42 1.74
CA ALA D 117 -0.36 28.10 0.64
C ALA D 117 -1.84 27.82 0.73
N PRO D 118 -2.67 28.75 0.26
CA PRO D 118 -4.09 28.41 0.17
C PRO D 118 -4.33 27.26 -0.80
N THR D 119 -5.43 26.55 -0.60
CA THR D 119 -5.80 25.48 -1.51
C THR D 119 -7.15 25.79 -2.14
N LEU D 120 -7.23 25.71 -3.45
CA LEU D 120 -8.53 25.83 -4.12
C LEU D 120 -8.94 24.44 -4.59
N GLU D 121 -10.12 23.97 -4.19
CA GLU D 121 -10.63 22.66 -4.62
C GLU D 121 -11.63 22.83 -5.75
N VAL D 122 -11.40 22.14 -6.86
CA VAL D 122 -12.21 22.35 -8.05
C VAL D 122 -12.90 21.04 -8.44
N TYR D 123 -14.23 21.08 -8.51
CA TYR D 123 -15.08 19.90 -8.75
C TYR D 123 -15.85 20.08 -10.05
N ILE D 124 -15.72 19.14 -10.96
CA ILE D 124 -16.42 19.22 -12.25
C ILE D 124 -16.97 17.84 -12.61
N ASP D 125 -18.28 17.76 -12.77
CA ASP D 125 -18.91 16.49 -13.17
C ASP D 125 -20.33 16.67 -13.67
N HIS D 126 -20.71 15.86 -14.65
CA HIS D 126 -22.04 15.89 -15.25
C HIS D 126 -22.86 14.66 -14.80
N ALA D 127 -22.23 13.74 -14.12
CA ALA D 127 -22.88 12.45 -13.82
C ALA D 127 -23.40 12.37 -12.38
N SER D 128 -23.65 11.16 -11.90
CA SER D 128 -24.16 11.02 -10.54
C SER D 128 -23.07 10.56 -9.58
N LEU D 129 -22.49 9.39 -9.86
CA LEU D 129 -21.53 8.80 -8.94
C LEU D 129 -20.32 9.69 -8.56
N PRO D 130 -19.62 10.31 -9.54
CA PRO D 130 -18.49 11.16 -9.11
C PRO D 130 -18.93 12.34 -8.25
N SER D 131 -20.04 12.97 -8.62
CA SER D 131 -20.52 14.10 -7.83
C SER D 131 -20.86 13.67 -6.42
N LEU D 132 -21.47 12.51 -6.28
CA LEU D 132 -21.86 11.99 -4.97
C LEU D 132 -20.62 11.65 -4.14
N GLN D 133 -19.62 11.03 -4.75
CA GLN D 133 -18.36 10.73 -4.07
C GLN D 133 -17.66 12.02 -3.66
N GLN D 134 -17.67 12.98 -4.57
CA GLN D 134 -17.07 14.29 -4.32
C GLN D 134 -17.79 15.05 -3.20
N LEU D 135 -19.12 14.95 -3.14
CA LEU D 135 -19.89 15.64 -2.10
C LEU D 135 -19.48 15.13 -0.70
N ILE D 136 -19.32 13.82 -0.57
CA ILE D 136 -18.83 13.24 0.68
C ILE D 136 -17.45 13.78 1.03
N HIS D 137 -16.57 13.83 0.05
CA HIS D 137 -15.23 14.36 0.30
C HIS D 137 -15.27 15.80 0.77
N ILE D 138 -16.14 16.60 0.17
CA ILE D 138 -16.29 18.02 0.49
C ILE D 138 -16.77 18.20 1.93
N ILE D 139 -17.76 17.40 2.33
CA ILE D 139 -18.26 17.45 3.69
C ILE D 139 -17.13 17.13 4.68
N GLN D 140 -16.33 16.11 4.38
CA GLN D 140 -15.16 15.78 5.20
C GLN D 140 -14.16 16.95 5.20
N ALA D 141 -13.89 17.47 4.02
CA ALA D 141 -12.81 18.45 3.85
C ALA D 141 -13.14 19.82 4.43
N LYS D 142 -14.44 20.15 4.48
CA LYS D 142 -14.83 21.40 5.12
C LYS D 142 -14.39 21.43 6.58
N ASP D 143 -14.53 20.31 7.27
CA ASP D 143 -14.16 20.26 8.68
C ASP D 143 -12.64 20.17 8.85
N GLU D 144 -11.99 19.41 7.97
CA GLU D 144 -10.55 19.22 8.09
C GLU D 144 -9.78 20.42 7.57
N TYR D 145 -10.35 21.13 6.59
CA TYR D 145 -9.71 22.29 5.94
C TYR D 145 -10.67 23.47 5.80
N PRO D 146 -10.92 24.19 6.91
CA PRO D 146 -11.95 25.22 6.97
C PRO D 146 -11.70 26.49 6.14
N SER D 147 -10.46 26.74 5.73
CA SER D 147 -10.14 27.90 4.91
C SER D 147 -10.24 27.61 3.42
N ASN D 148 -10.27 26.33 3.02
CA ASN D 148 -10.28 26.02 1.59
C ASN D 148 -11.55 26.51 0.88
N GLN D 149 -11.36 27.21 -0.23
CA GLN D 149 -12.47 27.58 -1.09
C GLN D 149 -12.75 26.45 -2.10
N ARG D 150 -14.02 26.30 -2.47
CA ARG D 150 -14.41 25.25 -3.41
C ARG D 150 -15.24 25.81 -4.57
N PHE D 151 -14.82 25.49 -5.80
CA PHE D 151 -15.56 25.86 -6.99
C PHE D 151 -16.20 24.57 -7.51
N VAL D 152 -17.51 24.56 -7.66
CA VAL D 152 -18.20 23.33 -7.98
C VAL D 152 -19.11 23.48 -9.21
N SER D 153 -18.89 22.64 -10.22
CA SER D 153 -19.80 22.56 -11.36
C SER D 153 -20.33 21.14 -11.49
N TRP D 154 -21.53 20.92 -10.97
CA TRP D 154 -22.20 19.62 -11.03
C TRP D 154 -23.48 19.76 -11.82
N LYS D 155 -23.86 18.73 -12.55
CA LYS D 155 -25.10 18.75 -13.30
C LYS D 155 -26.27 18.13 -12.51
N ARG D 156 -25.98 17.11 -11.71
CA ARG D 156 -27.03 16.29 -11.12
C ARG D 156 -27.16 16.38 -9.61
N VAL D 157 -26.32 17.18 -9.01
CA VAL D 157 -26.42 17.45 -7.58
C VAL D 157 -26.47 18.95 -7.39
N THR D 158 -27.51 19.43 -6.72
CA THR D 158 -27.66 20.86 -6.51
C THR D 158 -27.44 21.21 -5.03
N VAL D 159 -26.65 22.25 -4.80
CA VAL D 159 -26.37 22.74 -3.45
C VAL D 159 -26.97 24.14 -3.30
N ASP D 160 -27.96 24.28 -2.43
CA ASP D 160 -28.60 25.57 -2.22
C ASP D 160 -27.67 26.56 -1.48
N ALA D 161 -28.13 27.79 -1.30
CA ALA D 161 -27.27 28.82 -0.76
C ALA D 161 -26.76 28.48 0.64
N ASP D 162 -27.65 27.98 1.50
CA ASP D 162 -27.29 27.66 2.87
C ASP D 162 -26.21 26.59 2.92
N ASN D 163 -26.45 25.49 2.20
CA ASN D 163 -25.51 24.40 2.19
C ASN D 163 -24.19 24.78 1.51
N ALA D 164 -24.29 25.56 0.44
CA ALA D 164 -23.09 26.06 -0.25
C ALA D 164 -22.24 26.88 0.72
N ASN D 165 -22.89 27.73 1.50
CA ASN D 165 -22.19 28.53 2.50
C ASN D 165 -21.52 27.68 3.56
N LYS D 166 -22.23 26.65 4.03
CA LYS D 166 -21.67 25.73 5.00
C LYS D 166 -20.40 25.05 4.50
N LEU D 167 -20.32 24.84 3.18
CA LEU D 167 -19.24 24.04 2.63
C LEU D 167 -18.24 24.86 1.84
N ASN D 168 -18.33 26.18 1.97
CA ASN D 168 -17.47 27.10 1.25
C ASN D 168 -17.45 26.81 -0.25
N ILE D 169 -18.63 26.52 -0.80
CA ILE D 169 -18.81 26.25 -2.21
C ILE D 169 -19.29 27.48 -2.96
N HIS D 170 -18.63 27.79 -4.08
CA HIS D 170 -19.18 28.70 -5.08
C HIS D 170 -19.46 27.89 -6.34
N THR D 171 -20.70 27.96 -6.83
CA THR D 171 -21.08 27.14 -7.98
C THR D 171 -20.88 27.88 -9.31
N TYR D 172 -20.58 27.11 -10.34
CA TYR D 172 -20.41 27.63 -11.68
C TYR D 172 -21.14 26.73 -12.62
N PRO D 173 -21.64 27.27 -13.72
CA PRO D 173 -22.33 26.40 -14.66
C PRO D 173 -21.35 25.49 -15.37
N LEU D 174 -21.87 24.43 -15.96
CA LEU D 174 -21.13 23.67 -16.95
C LEU D 174 -21.45 24.29 -18.31
N LYS D 175 -20.53 24.15 -19.25
CA LYS D 175 -20.85 24.37 -20.65
C LYS D 175 -21.19 22.98 -21.23
N GLY D 176 -22.48 22.73 -21.44
CA GLY D 176 -22.96 21.40 -21.76
C GLY D 176 -22.71 20.46 -20.59
N ASN D 177 -21.82 19.50 -20.78
CA ASN D 177 -21.44 18.56 -19.72
C ASN D 177 -20.07 18.84 -19.13
N ASN D 178 -19.41 19.89 -19.63
CA ASN D 178 -18.00 20.07 -19.34
C ASN D 178 -17.66 21.46 -18.79
N THR D 179 -16.41 21.63 -18.43
CA THR D 179 -15.90 22.87 -17.84
C THR D 179 -16.34 24.08 -18.65
N SER D 180 -16.91 25.06 -17.96
CA SER D 180 -17.35 26.29 -18.61
C SER D 180 -16.24 27.33 -18.67
N PRO D 181 -16.32 28.25 -19.64
CA PRO D 181 -15.42 29.41 -19.63
C PRO D 181 -15.57 30.23 -18.34
N GLU D 182 -16.78 30.27 -17.78
CA GLU D 182 -17.02 30.96 -16.52
C GLU D 182 -16.13 30.43 -15.40
N MET D 183 -16.07 29.11 -15.30
CA MET D 183 -15.26 28.52 -14.25
C MET D 183 -13.80 28.80 -14.48
N VAL D 184 -13.37 28.67 -15.73
CA VAL D 184 -11.97 28.87 -16.10
C VAL D 184 -11.54 30.29 -15.73
N ALA D 185 -12.40 31.26 -16.01
CA ALA D 185 -12.10 32.67 -15.71
C ALA D 185 -12.06 32.91 -14.22
N ALA D 186 -12.98 32.29 -13.50
CA ALA D 186 -13.03 32.42 -12.05
C ALA D 186 -11.76 31.87 -11.41
N ILE D 187 -11.32 30.72 -11.89
CA ILE D 187 -10.10 30.11 -11.36
C ILE D 187 -8.89 30.98 -11.69
N ASP D 188 -8.90 31.56 -12.90
CA ASP D 188 -7.82 32.47 -13.29
C ASP D 188 -7.70 33.65 -12.34
N GLU D 189 -8.85 34.28 -12.08
CA GLU D 189 -8.94 35.45 -11.23
C GLU D 189 -8.54 35.14 -9.78
N TYR D 190 -8.95 33.96 -9.32
CA TYR D 190 -8.63 33.54 -7.97
C TYR D 190 -7.13 33.34 -7.80
N ALA D 191 -6.53 32.64 -8.75
CA ALA D 191 -5.10 32.39 -8.71
C ALA D 191 -4.33 33.72 -8.76
N GLN D 192 -4.82 34.64 -9.58
CA GLN D 192 -4.22 35.98 -9.73
C GLN D 192 -4.15 36.72 -8.40
N SER D 193 -5.13 36.49 -7.54
CA SER D 193 -5.21 37.19 -6.25
C SER D 193 -4.33 36.61 -5.14
N LYS D 194 -3.74 35.42 -5.35
CA LYS D 194 -2.99 34.75 -4.30
C LYS D 194 -1.47 34.80 -4.51
N ASN D 195 -0.71 34.89 -3.41
CA ASN D 195 0.76 34.80 -3.50
C ASN D 195 1.22 33.45 -4.04
N ARG D 196 0.62 32.39 -3.51
CA ARG D 196 0.92 31.01 -3.89
C ARG D 196 -0.41 30.30 -3.89
N LEU D 197 -0.56 29.23 -4.68
CA LEU D 197 -1.81 28.49 -4.67
C LEU D 197 -1.65 27.03 -5.07
N ASN D 198 -2.29 26.16 -4.30
CA ASN D 198 -2.45 24.75 -4.65
C ASN D 198 -3.84 24.54 -5.18
N ILE D 199 -3.98 23.84 -6.31
CA ILE D 199 -5.29 23.48 -6.83
C ILE D 199 -5.44 21.96 -6.76
N GLU D 200 -6.55 21.52 -6.18
CA GLU D 200 -6.92 20.09 -6.24
C GLU D 200 -8.07 19.92 -7.23
N PHE D 201 -7.95 18.96 -8.15
CA PHE D 201 -9.03 18.71 -9.11
C PHE D 201 -9.77 17.42 -8.74
N TYR D 202 -11.09 17.46 -8.93
CA TYR D 202 -11.95 16.31 -8.74
C TYR D 202 -12.90 16.21 -9.91
N THR D 203 -12.79 15.16 -10.73
CA THR D 203 -13.69 15.09 -11.87
C THR D 203 -13.91 13.61 -12.30
N ASN D 204 -14.64 13.41 -13.38
CA ASN D 204 -14.92 12.02 -13.80
C ASN D 204 -13.82 11.51 -14.72
N THR D 205 -13.58 10.21 -14.65
CA THR D 205 -12.46 9.66 -15.39
C THR D 205 -12.64 9.76 -16.90
N ALA D 206 -13.82 9.39 -17.38
CA ALA D 206 -14.01 9.30 -18.82
C ALA D 206 -13.78 10.67 -19.52
N HIS D 207 -14.15 11.78 -18.89
CA HIS D 207 -14.05 13.06 -19.58
C HIS D 207 -13.06 14.02 -18.93
N VAL D 208 -12.07 13.45 -18.24
CA VAL D 208 -11.04 14.25 -17.59
C VAL D 208 -10.35 15.16 -18.61
N PHE D 209 -10.11 14.63 -19.81
CA PHE D 209 -9.43 15.43 -20.82
C PHE D 209 -10.29 16.60 -21.29
N ASN D 210 -11.62 16.47 -21.19
CA ASN D 210 -12.50 17.59 -21.55
C ASN D 210 -12.57 18.64 -20.44
N ASN D 211 -12.27 18.25 -19.21
CA ASN D 211 -12.57 19.15 -18.10
C ASN D 211 -11.34 19.89 -17.53
N LEU D 212 -10.19 19.23 -17.50
CA LEU D 212 -9.03 19.80 -16.79
C LEU D 212 -8.06 20.65 -17.65
N PRO D 213 -7.73 20.19 -18.87
CA PRO D 213 -6.84 21.02 -19.69
C PRO D 213 -7.25 22.49 -19.86
N PRO D 214 -8.56 22.81 -20.01
CA PRO D 214 -8.87 24.24 -20.17
C PRO D 214 -8.50 25.10 -18.97
N ILE D 215 -8.33 24.48 -17.81
CA ILE D 215 -7.96 25.16 -16.59
C ILE D 215 -6.43 25.14 -16.42
N ILE D 216 -5.83 23.98 -16.67
CA ILE D 216 -4.39 23.83 -16.50
C ILE D 216 -3.57 24.65 -17.49
N GLN D 217 -3.99 24.69 -18.75
CA GLN D 217 -3.19 25.34 -19.78
C GLN D 217 -2.90 26.81 -19.44
N PRO D 218 -3.93 27.63 -19.14
CA PRO D 218 -3.59 29.03 -18.91
C PRO D 218 -2.88 29.27 -17.58
N LEU D 219 -2.84 28.29 -16.71
CA LEU D 219 -2.13 28.45 -15.44
C LEU D 219 -0.71 27.88 -15.53
N TYR D 220 -0.42 27.22 -16.64
CA TYR D 220 0.76 26.37 -16.69
C TYR D 220 2.08 27.13 -16.45
N ASN D 221 2.20 28.34 -17.00
CA ASN D 221 3.44 29.11 -16.85
C ASN D 221 3.47 29.98 -15.60
N ASN D 222 2.48 29.80 -14.74
CA ASN D 222 2.44 30.50 -13.48
C ASN D 222 3.09 29.66 -12.37
N GLU D 223 4.35 29.95 -12.05
CA GLU D 223 5.13 29.16 -11.10
C GLU D 223 4.57 29.15 -9.67
N LYS D 224 3.73 30.12 -9.35
CA LYS D 224 3.18 30.19 -8.00
C LYS D 224 1.94 29.29 -7.86
N VAL D 225 1.44 28.76 -8.98
CA VAL D 225 0.26 27.89 -8.94
C VAL D 225 0.66 26.45 -9.19
N LYS D 226 0.31 25.56 -8.26
CA LYS D 226 0.63 24.16 -8.40
C LYS D 226 -0.62 23.30 -8.41
N ILE D 227 -0.67 22.36 -9.36
CA ILE D 227 -1.73 21.36 -9.35
C ILE D 227 -1.29 20.28 -8.37
N SER D 228 -1.86 20.28 -7.18
CA SER D 228 -1.33 19.46 -6.07
C SER D 228 -1.93 18.06 -6.05
N HIS D 229 -3.10 17.90 -6.62
CA HIS D 229 -3.73 16.57 -6.63
C HIS D 229 -4.86 16.50 -7.63
N ILE D 230 -5.05 15.30 -8.20
CA ILE D 230 -6.16 15.05 -9.10
C ILE D 230 -6.83 13.76 -8.66
N SER D 231 -8.14 13.82 -8.44
CA SER D 231 -8.96 12.64 -8.15
C SER D 231 -9.95 12.42 -9.28
N LEU D 232 -9.87 11.26 -9.91
CA LEU D 232 -10.74 10.93 -11.02
C LEU D 232 -11.66 9.79 -10.62
N TYR D 233 -12.96 9.91 -10.91
CA TYR D 233 -13.95 8.93 -10.50
C TYR D 233 -14.66 8.36 -11.72
N ASP D 234 -14.82 7.04 -11.77
CA ASP D 234 -15.67 6.43 -12.75
C ASP D 234 -17.08 6.98 -12.63
N ASP D 235 -17.76 7.16 -13.76
CA ASP D 235 -19.14 7.60 -13.69
C ASP D 235 -20.08 6.41 -13.77
N GLY D 236 -19.59 5.30 -14.33
CA GLY D 236 -20.38 4.10 -14.36
C GLY D 236 -19.82 3.06 -15.30
N SER D 237 -20.70 2.34 -15.96
CA SER D 237 -20.34 1.24 -16.81
C SER D 237 -19.56 1.70 -18.05
N SER D 238 -19.65 3.00 -18.34
CA SER D 238 -19.07 3.59 -19.54
C SER D 238 -17.55 3.39 -19.61
N GLU D 239 -16.87 3.63 -18.49
CA GLU D 239 -15.43 3.43 -18.44
C GLU D 239 -15.07 1.95 -18.69
N TYR D 240 -15.99 1.04 -18.35
CA TYR D 240 -15.72 -0.40 -18.48
C TYR D 240 -15.97 -0.92 -19.89
N VAL D 241 -17.00 -0.40 -20.54
CA VAL D 241 -17.21 -0.68 -21.95
C VAL D 241 -16.00 -0.21 -22.77
N SER D 242 -15.45 0.97 -22.45
CA SER D 242 -14.31 1.49 -23.20
C SER D 242 -13.01 0.69 -23.01
N LEU D 243 -12.76 0.24 -21.78
CA LEU D 243 -11.60 -0.60 -21.51
C LEU D 243 -11.71 -1.93 -22.22
N TYR D 244 -12.91 -2.50 -22.16
CA TYR D 244 -13.20 -3.76 -22.83
C TYR D 244 -12.94 -3.63 -24.33
N GLN D 245 -13.41 -2.54 -24.93
CA GLN D 245 -13.20 -2.33 -26.36
C GLN D 245 -11.74 -2.04 -26.72
N TRP D 246 -10.94 -1.67 -25.73
CA TRP D 246 -9.56 -1.26 -25.94
C TRP D 246 -8.54 -2.36 -25.62
N LYS D 247 -8.98 -3.38 -24.87
CA LYS D 247 -8.06 -4.31 -24.20
C LYS D 247 -7.16 -5.13 -25.12
N ASP D 248 -7.57 -5.28 -26.37
CA ASP D 248 -6.85 -6.11 -27.33
C ASP D 248 -6.04 -5.27 -28.33
N THR D 249 -5.99 -3.96 -28.11
CA THR D 249 -5.20 -3.06 -28.93
C THR D 249 -3.72 -3.47 -28.88
N PRO D 250 -3.09 -3.63 -30.06
CA PRO D 250 -1.70 -4.10 -30.07
C PRO D 250 -0.75 -3.08 -29.45
N ASN D 251 0.18 -3.57 -28.63
CA ASN D 251 1.20 -2.73 -28.01
C ASN D 251 0.61 -1.58 -27.22
N LYS D 252 -0.54 -1.79 -26.59
CA LYS D 252 -1.31 -0.66 -26.06
C LYS D 252 -0.63 0.13 -24.95
N ILE D 253 0.13 -0.54 -24.08
CA ILE D 253 0.76 0.21 -23.00
C ILE D 253 1.94 1.03 -23.49
N GLU D 254 2.74 0.44 -24.37
CA GLU D 254 3.86 1.18 -24.94
C GLU D 254 3.38 2.44 -25.69
N THR D 255 2.26 2.32 -26.39
CA THR D 255 1.63 3.46 -27.06
C THR D 255 1.17 4.48 -26.02
N LEU D 256 0.54 3.98 -24.97
CA LEU D 256 0.10 4.79 -23.85
C LEU D 256 1.27 5.61 -23.30
N GLU D 257 2.38 4.93 -23.02
CA GLU D 257 3.57 5.59 -22.50
C GLU D 257 4.09 6.67 -23.44
N GLY D 258 4.08 6.38 -24.74
CA GLY D 258 4.55 7.31 -25.73
C GLY D 258 3.72 8.58 -25.76
N GLU D 259 2.46 8.48 -25.31
CA GLU D 259 1.54 9.61 -25.40
C GLU D 259 1.57 10.46 -24.16
N VAL D 260 2.44 10.11 -23.21
CA VAL D 260 2.62 10.93 -22.03
C VAL D 260 3.13 12.32 -22.42
N SER D 261 4.14 12.37 -23.28
CA SER D 261 4.71 13.64 -23.71
C SER D 261 3.73 14.44 -24.56
N LEU D 262 2.86 13.73 -25.26
CA LEU D 262 1.84 14.36 -26.08
C LEU D 262 0.89 15.12 -25.16
N LEU D 263 0.46 14.46 -24.07
CA LEU D 263 -0.35 15.13 -23.05
C LEU D 263 0.40 16.27 -22.40
N ALA D 264 1.66 16.02 -22.00
CA ALA D 264 2.46 17.03 -21.31
C ALA D 264 2.63 18.30 -22.16
N ASN D 265 3.03 18.13 -23.42
CA ASN D 265 3.26 19.28 -24.30
C ASN D 265 1.99 20.04 -24.62
N TYR D 266 0.88 19.31 -24.69
CA TYR D 266 -0.41 19.94 -24.86
C TYR D 266 -0.73 20.84 -23.66
N LEU D 267 -0.57 20.32 -22.45
CA LEU D 267 -0.82 21.11 -21.25
C LEU D 267 0.14 22.32 -21.14
N ALA D 268 1.38 22.13 -21.59
CA ALA D 268 2.41 23.14 -21.50
C ALA D 268 2.24 24.25 -22.55
N GLY D 269 1.32 24.06 -23.50
CA GLY D 269 1.08 25.00 -24.58
C GLY D 269 2.13 25.02 -25.66
N THR D 270 2.87 23.91 -25.80
CA THR D 270 3.91 23.81 -26.81
C THR D 270 3.47 22.94 -27.99
N SER D 271 2.29 22.37 -27.89
CA SER D 271 1.73 21.64 -29.02
C SER D 271 0.20 21.75 -28.98
N PRO D 272 -0.42 21.91 -30.16
CA PRO D 272 -1.88 21.92 -30.22
C PRO D 272 -2.45 20.52 -30.29
N ASP D 273 -1.58 19.53 -30.47
CA ASP D 273 -2.01 18.14 -30.58
C ASP D 273 -2.09 17.46 -29.23
N ALA D 274 -3.18 16.74 -29.01
CA ALA D 274 -3.40 16.06 -27.75
C ALA D 274 -3.63 14.56 -27.99
N PRO D 275 -3.42 13.72 -26.97
CA PRO D 275 -3.69 12.30 -27.23
C PRO D 275 -5.17 12.05 -27.50
N LYS D 276 -5.45 11.05 -28.31
CA LYS D 276 -6.81 10.59 -28.48
C LYS D 276 -6.95 9.26 -27.75
N GLY D 277 -8.14 9.00 -27.23
CA GLY D 277 -8.38 7.76 -26.53
C GLY D 277 -7.74 7.72 -25.15
N MET D 278 -7.31 6.53 -24.76
CA MET D 278 -6.87 6.25 -23.40
C MET D 278 -5.68 7.10 -22.98
N GLY D 279 -4.87 7.51 -23.94
CA GLY D 279 -3.73 8.35 -23.66
C GLY D 279 -4.08 9.69 -23.02
N ASN D 280 -5.33 10.13 -23.16
CA ASN D 280 -5.70 11.40 -22.50
C ASN D 280 -6.49 11.13 -21.21
N ARG D 281 -6.58 9.87 -20.85
CA ARG D 281 -7.41 9.45 -19.71
C ARG D 281 -6.56 8.80 -18.59
N TYR D 282 -5.69 7.87 -18.96
CA TYR D 282 -4.93 7.12 -17.95
C TYR D 282 -3.43 7.47 -17.91
N ASN D 283 -3.10 8.70 -18.31
CA ASN D 283 -1.72 9.15 -18.27
C ASN D 283 -1.50 10.28 -17.28
N TRP D 284 -2.56 10.68 -16.59
CA TRP D 284 -2.51 11.82 -15.67
C TRP D 284 -1.57 11.58 -14.49
N HIS D 285 -1.54 10.34 -14.01
CA HIS D 285 -0.66 9.99 -12.89
C HIS D 285 0.81 10.06 -13.25
N LYS D 286 1.13 10.15 -14.54
CA LYS D 286 2.52 10.31 -14.99
C LYS D 286 2.97 11.75 -14.86
N LEU D 287 2.01 12.65 -14.69
CA LEU D 287 2.29 14.09 -14.72
C LEU D 287 1.91 14.82 -13.43
N TYR D 288 0.94 14.28 -12.69
CA TYR D 288 0.45 14.88 -11.46
C TYR D 288 0.16 13.79 -10.44
N ASP D 289 0.10 14.16 -9.17
CA ASP D 289 -0.34 13.23 -8.13
C ASP D 289 -1.83 12.90 -8.36
N THR D 290 -2.10 11.69 -8.86
CA THR D 290 -3.42 11.33 -9.36
C THR D 290 -3.94 10.02 -8.76
N ASP D 291 -5.19 10.01 -8.30
CA ASP D 291 -5.92 8.80 -7.94
C ASP D 291 -7.00 8.50 -8.97
N TYR D 292 -7.04 7.24 -9.45
CA TYR D 292 -8.13 6.79 -10.30
C TYR D 292 -9.05 5.93 -9.45
N TYR D 293 -10.22 6.44 -9.11
CA TYR D 293 -11.14 5.64 -8.32
C TYR D 293 -11.97 4.80 -9.27
N PHE D 294 -11.71 3.50 -9.23
CA PHE D 294 -12.41 2.52 -10.05
C PHE D 294 -13.65 2.03 -9.33
N LEU D 295 -14.78 2.12 -10.01
CA LEU D 295 -16.02 1.51 -9.60
C LEU D 295 -15.83 0.00 -9.34
N ARG D 296 -15.09 -0.66 -10.23
CA ARG D 296 -14.70 -2.06 -10.01
C ARG D 296 -13.21 -2.22 -10.32
N GLU D 297 -12.36 -1.92 -9.34
CA GLU D 297 -10.90 -1.98 -9.58
C GLU D 297 -10.46 -3.40 -9.91
N ASP D 298 -11.18 -4.39 -9.42
CA ASP D 298 -10.81 -5.77 -9.70
C ASP D 298 -11.01 -6.15 -11.17
N TYR D 299 -11.67 -5.28 -11.95
CA TYR D 299 -11.75 -5.54 -13.38
C TYR D 299 -10.33 -5.63 -13.95
N LEU D 300 -9.43 -4.81 -13.42
CA LEU D 300 -8.03 -4.85 -13.82
C LEU D 300 -7.34 -6.18 -13.43
N ASP D 301 -7.94 -6.94 -12.51
CA ASP D 301 -7.40 -8.25 -12.10
C ASP D 301 -7.99 -9.41 -12.91
N VAL D 302 -9.32 -9.46 -13.02
CA VAL D 302 -9.98 -10.60 -13.63
C VAL D 302 -9.84 -10.61 -15.16
N GLU D 303 -9.78 -9.43 -15.78
CA GLU D 303 -9.54 -9.38 -17.21
C GLU D 303 -8.03 -9.40 -17.49
N ALA D 304 -7.52 -10.55 -17.92
CA ALA D 304 -6.08 -10.74 -18.07
C ALA D 304 -5.46 -9.77 -19.07
N ASN D 305 -6.18 -9.39 -20.10
CA ASN D 305 -5.62 -8.46 -21.08
C ASN D 305 -5.57 -6.99 -20.61
N LEU D 306 -5.92 -6.74 -19.34
CA LEU D 306 -5.75 -5.41 -18.75
C LEU D 306 -4.69 -5.43 -17.65
N HIS D 307 -4.03 -6.58 -17.47
CA HIS D 307 -2.96 -6.68 -16.47
C HIS D 307 -1.85 -5.67 -16.76
N ASP D 308 -1.57 -5.42 -18.03
CA ASP D 308 -0.53 -4.47 -18.37
C ASP D 308 -0.96 -3.05 -18.00
N LEU D 309 -2.25 -2.75 -18.14
CA LEU D 309 -2.75 -1.45 -17.70
C LEU D 309 -2.71 -1.39 -16.18
N ARG D 310 -3.07 -2.51 -15.54
CA ARG D 310 -2.99 -2.61 -14.08
C ARG D 310 -1.59 -2.22 -13.59
N ASP D 311 -0.58 -2.80 -14.24
CA ASP D 311 0.80 -2.54 -13.90
C ASP D 311 1.17 -1.07 -14.18
N TYR D 312 0.68 -0.55 -15.30
CA TYR D 312 0.98 0.83 -15.71
C TYR D 312 0.45 1.87 -14.70
N LEU D 313 -0.73 1.61 -14.17
CA LEU D 313 -1.36 2.51 -13.20
C LEU D 313 -0.75 2.37 -11.81
N GLY D 314 -0.33 1.16 -11.47
CA GLY D 314 0.30 0.91 -10.18
C GLY D 314 -0.57 1.38 -9.02
N SER D 315 0.05 2.04 -8.06
CA SER D 315 -0.68 2.44 -6.85
C SER D 315 -1.70 3.58 -7.10
N SER D 316 -1.70 4.19 -8.28
CA SER D 316 -2.67 5.26 -8.58
CA SER D 316 -2.67 5.26 -8.55
C SER D 316 -4.08 4.71 -8.74
N ALA D 317 -4.20 3.45 -9.15
CA ALA D 317 -5.52 2.85 -9.28
C ALA D 317 -6.08 2.50 -7.89
N LYS D 318 -7.30 2.94 -7.61
CA LYS D 318 -7.90 2.70 -6.32
C LYS D 318 -9.31 2.18 -6.50
N GLN D 319 -9.83 1.54 -5.46
CA GLN D 319 -11.20 1.07 -5.46
C GLN D 319 -12.07 2.17 -4.89
N MET D 320 -13.11 2.56 -5.62
CA MET D 320 -14.06 3.52 -5.07
C MET D 320 -14.76 2.96 -3.84
N PRO D 321 -14.80 3.75 -2.76
CA PRO D 321 -15.37 3.29 -1.50
C PRO D 321 -16.88 3.51 -1.45
N TRP D 322 -17.60 2.67 -0.70
CA TRP D 322 -19.04 2.79 -0.56
C TRP D 322 -19.47 3.10 0.87
N ASP D 323 -18.52 3.02 1.78
CA ASP D 323 -18.84 3.05 3.20
C ASP D 323 -18.44 4.34 3.89
N GLU D 324 -18.09 5.36 3.11
CA GLU D 324 -17.64 6.62 3.71
C GLU D 324 -18.77 7.36 4.37
N PHE D 325 -19.97 7.24 3.82
CA PHE D 325 -21.13 7.90 4.42
C PHE D 325 -21.33 7.43 5.86
N ALA D 326 -21.19 6.13 6.10
CA ALA D 326 -21.47 5.57 7.42
C ALA D 326 -20.46 6.03 8.45
N LYS D 327 -19.28 6.42 7.98
CA LYS D 327 -18.21 6.91 8.85
C LYS D 327 -18.33 8.41 9.13
N LEU D 328 -19.26 9.09 8.46
CA LEU D 328 -19.53 10.50 8.77
C LEU D 328 -20.25 10.61 10.11
N SER D 329 -20.22 11.79 10.71
CA SER D 329 -21.00 12.05 11.91
C SER D 329 -22.47 12.17 11.53
N ASP D 330 -23.35 12.16 12.53
CA ASP D 330 -24.77 12.31 12.29
C ASP D 330 -25.08 13.60 11.53
N SER D 331 -24.45 14.69 11.95
CA SER D 331 -24.67 15.99 11.31
C SER D 331 -24.18 16.00 9.86
N GLN D 332 -23.02 15.41 9.62
CA GLN D 332 -22.49 15.33 8.28
C GLN D 332 -23.38 14.46 7.38
N GLN D 333 -23.88 13.37 7.93
CA GLN D 333 -24.80 12.50 7.20
C GLN D 333 -26.09 13.22 6.81
N THR D 334 -26.66 13.93 7.78
CA THR D 334 -27.87 14.71 7.56
C THR D 334 -27.68 15.74 6.46
N LEU D 335 -26.51 16.36 6.45
CA LEU D 335 -26.18 17.35 5.43
C LEU D 335 -26.12 16.67 4.06
N PHE D 336 -25.44 15.52 3.97
CA PHE D 336 -25.42 14.75 2.73
C PHE D 336 -26.83 14.42 2.26
N LEU D 337 -27.62 13.83 3.15
CA LEU D 337 -28.97 13.41 2.80
C LEU D 337 -29.83 14.59 2.37
N ASP D 338 -29.65 15.73 3.03
CA ASP D 338 -30.41 16.92 2.69
C ASP D 338 -30.07 17.43 1.30
N ILE D 339 -28.79 17.46 0.97
CA ILE D 339 -28.39 17.97 -0.32
C ILE D 339 -28.90 17.06 -1.45
N VAL D 340 -28.77 15.75 -1.29
CA VAL D 340 -29.23 14.80 -2.31
C VAL D 340 -30.74 14.54 -2.26
N GLY D 341 -31.41 14.99 -1.20
CA GLY D 341 -32.86 14.90 -1.10
C GLY D 341 -33.41 13.52 -0.76
N PHE D 342 -32.63 12.75 -0.01
CA PHE D 342 -33.00 11.39 0.36
C PHE D 342 -33.44 11.32 1.83
N ASP D 343 -34.71 11.00 2.07
CA ASP D 343 -35.16 10.75 3.44
C ASP D 343 -34.87 9.31 3.86
N LYS D 344 -33.65 9.06 4.34
CA LYS D 344 -33.21 7.73 4.75
C LYS D 344 -34.06 7.15 5.88
N GLU D 345 -34.36 7.99 6.86
CA GLU D 345 -35.13 7.57 8.02
C GLU D 345 -36.47 7.02 7.56
N GLN D 346 -37.05 7.70 6.58
CA GLN D 346 -38.33 7.27 6.00
C GLN D 346 -38.29 5.90 5.35
N LEU D 347 -37.33 5.72 4.43
CA LEU D 347 -37.25 4.47 3.68
C LEU D 347 -36.94 3.33 4.64
N GLN D 348 -36.16 3.65 5.66
CA GLN D 348 -35.78 2.70 6.69
C GLN D 348 -37.01 2.25 7.50
N GLN D 349 -37.95 3.18 7.72
CA GLN D 349 -39.23 2.84 8.34
C GLN D 349 -40.06 1.95 7.41
N GLN D 350 -40.07 2.31 6.13
CA GLN D 350 -40.81 1.59 5.10
C GLN D 350 -40.31 0.16 4.84
N TYR D 351 -38.99 0.00 4.77
CA TYR D 351 -38.40 -1.34 4.67
C TYR D 351 -38.92 -2.24 5.79
N SER D 352 -39.24 -1.63 6.94
CA SER D 352 -39.67 -2.36 8.12
C SER D 352 -41.20 -2.53 8.25
N GLN D 353 -41.96 -1.96 7.33
CA GLN D 353 -43.43 -2.05 7.40
C GLN D 353 -43.92 -3.49 7.53
N SER D 354 -43.39 -4.34 6.65
CA SER D 354 -43.68 -5.77 6.69
C SER D 354 -42.38 -6.53 6.91
N PRO D 355 -42.44 -7.67 7.61
CA PRO D 355 -41.18 -8.37 7.92
C PRO D 355 -40.60 -9.10 6.71
N LEU D 356 -41.28 -9.01 5.57
CA LEU D 356 -40.79 -9.63 4.35
C LEU D 356 -39.53 -8.95 3.85
N PRO D 357 -38.62 -9.71 3.22
CA PRO D 357 -37.46 -9.08 2.57
C PRO D 357 -37.92 -8.12 1.48
N ASN D 358 -37.08 -7.18 1.09
CA ASN D 358 -37.51 -6.09 0.22
C ASN D 358 -36.94 -6.18 -1.19
N PHE D 359 -37.83 -6.02 -2.16
CA PHE D 359 -37.47 -6.12 -3.57
C PHE D 359 -37.71 -4.78 -4.24
N ILE D 360 -36.66 -4.23 -4.83
CA ILE D 360 -36.81 -3.02 -5.63
C ILE D 360 -36.78 -3.40 -7.10
N PHE D 361 -37.84 -3.01 -7.81
CA PHE D 361 -37.87 -3.18 -9.25
C PHE D 361 -37.29 -1.94 -9.92
N THR D 362 -36.36 -2.14 -10.84
CA THR D 362 -35.76 -1.04 -11.57
C THR D 362 -36.63 -0.68 -12.75
N GLY D 363 -37.18 0.53 -12.73
CA GLY D 363 -38.07 0.92 -13.79
C GLY D 363 -37.28 1.66 -14.84
N THR D 364 -37.83 1.72 -16.05
CA THR D 364 -37.23 2.49 -17.13
C THR D 364 -38.30 3.36 -17.76
N THR D 365 -37.89 4.17 -18.74
CA THR D 365 -38.85 4.98 -19.47
C THR D 365 -39.42 4.15 -20.62
N THR D 366 -38.92 4.38 -21.84
CA THR D 366 -39.35 3.61 -23.01
C THR D 366 -38.15 3.02 -23.77
N TRP D 367 -38.40 2.16 -24.75
CA TRP D 367 -37.32 1.64 -25.60
C TRP D 367 -37.78 1.60 -27.06
N ALA D 368 -37.06 0.86 -27.90
CA ALA D 368 -37.37 0.77 -29.33
C ALA D 368 -38.69 0.04 -29.60
N GLY D 369 -39.12 0.08 -30.86
CA GLY D 369 -40.32 -0.64 -31.26
C GLY D 369 -41.46 0.32 -31.43
N GLY D 370 -41.26 1.53 -30.91
CA GLY D 370 -42.23 2.60 -31.01
C GLY D 370 -43.45 2.41 -30.11
N GLU D 371 -43.90 1.17 -30.00
CA GLU D 371 -45.18 0.78 -29.36
C GLU D 371 -45.69 1.60 -28.14
N THR D 372 -45.66 2.92 -28.27
CA THR D 372 -46.69 3.83 -27.74
C THR D 372 -46.99 3.99 -26.22
N LYS D 373 -46.12 3.50 -25.34
CA LYS D 373 -46.31 3.62 -23.88
C LYS D 373 -47.45 2.78 -23.28
N GLU D 374 -48.52 2.54 -24.02
CA GLU D 374 -49.58 1.69 -23.45
C GLU D 374 -49.01 0.28 -23.36
N TYR D 375 -47.86 0.11 -24.00
CA TYR D 375 -47.15 -1.15 -24.03
C TYR D 375 -45.93 -1.11 -23.08
N TYR D 376 -45.16 -0.01 -23.12
CA TYR D 376 -43.96 0.13 -22.28
C TYR D 376 -44.19 0.13 -20.78
N ALA D 377 -45.28 0.78 -20.34
CA ALA D 377 -45.64 0.75 -18.93
C ALA D 377 -46.18 -0.63 -18.61
N GLN D 378 -46.89 -1.19 -19.58
CA GLN D 378 -47.53 -2.50 -19.43
C GLN D 378 -46.53 -3.64 -19.36
N GLN D 379 -45.45 -3.53 -20.13
CA GLN D 379 -44.44 -4.58 -20.15
C GLN D 379 -43.70 -4.68 -18.82
N GLN D 380 -43.40 -3.54 -18.22
CA GLN D 380 -42.69 -3.54 -16.95
C GLN D 380 -43.53 -4.16 -15.83
N VAL D 381 -44.83 -3.92 -15.84
CA VAL D 381 -45.74 -4.60 -14.91
C VAL D 381 -45.74 -6.12 -15.11
N ASN D 382 -45.69 -6.55 -16.37
CA ASN D 382 -45.67 -7.96 -16.70
C ASN D 382 -44.43 -8.66 -16.13
N VAL D 383 -43.30 -7.96 -16.19
CA VAL D 383 -42.05 -8.46 -15.62
C VAL D 383 -42.18 -8.66 -14.10
N ILE D 384 -42.73 -7.64 -13.43
CA ILE D 384 -42.93 -7.68 -11.98
C ILE D 384 -43.88 -8.81 -11.59
N ASN D 385 -44.96 -8.94 -12.34
CA ASN D 385 -45.92 -10.03 -12.16
C ASN D 385 -45.24 -11.39 -12.20
N ASN D 386 -44.38 -11.58 -13.19
CA ASN D 386 -43.63 -12.81 -13.34
C ASN D 386 -42.71 -13.03 -12.15
N ALA D 387 -42.05 -11.95 -11.74
CA ALA D 387 -41.10 -11.99 -10.63
C ALA D 387 -41.76 -12.45 -9.34
N ILE D 388 -43.00 -12.03 -9.11
CA ILE D 388 -43.71 -12.37 -7.89
C ILE D 388 -44.64 -13.55 -8.09
N ASN D 389 -44.72 -14.07 -9.32
CA ASN D 389 -45.48 -15.28 -9.60
C ASN D 389 -44.65 -16.51 -9.26
N GLU D 390 -45.09 -17.27 -8.26
CA GLU D 390 -44.34 -18.42 -7.76
C GLU D 390 -44.06 -19.50 -8.80
N THR D 391 -44.92 -19.61 -9.82
CA THR D 391 -44.79 -20.69 -10.80
C THR D 391 -43.92 -20.32 -12.00
N SER D 392 -43.58 -19.04 -12.12
CA SER D 392 -42.72 -18.59 -13.22
C SER D 392 -41.31 -19.09 -13.01
N PRO D 393 -40.63 -19.44 -14.10
CA PRO D 393 -39.25 -19.91 -13.98
C PRO D 393 -38.30 -18.81 -13.49
N TYR D 394 -38.72 -17.55 -13.58
CA TYR D 394 -37.89 -16.44 -13.13
C TYR D 394 -38.43 -15.76 -11.86
N TYR D 395 -39.20 -16.54 -11.09
CA TYR D 395 -39.66 -16.16 -9.76
C TYR D 395 -38.51 -15.68 -8.86
N LEU D 396 -38.74 -14.59 -8.13
CA LEU D 396 -37.70 -13.99 -7.28
C LEU D 396 -37.16 -14.92 -6.20
N GLY D 397 -37.93 -15.95 -5.86
CA GLY D 397 -37.53 -16.96 -4.90
C GLY D 397 -38.39 -17.06 -3.64
N LYS D 398 -38.96 -15.95 -3.22
CA LYS D 398 -39.88 -15.94 -2.06
C LYS D 398 -40.75 -14.69 -2.07
N ASP D 399 -41.56 -14.55 -1.03
CA ASP D 399 -42.43 -13.39 -0.91
C ASP D 399 -41.61 -12.16 -0.56
N TYR D 400 -41.77 -11.09 -1.34
CA TYR D 400 -41.10 -9.83 -1.05
C TYR D 400 -42.09 -8.69 -0.92
N ASP D 401 -41.76 -7.72 -0.07
CA ASP D 401 -42.43 -6.43 -0.10
C ASP D 401 -41.97 -5.67 -1.33
N LEU D 402 -42.90 -5.04 -2.04
CA LEU D 402 -42.54 -4.33 -3.25
C LEU D 402 -42.16 -2.88 -3.00
N PHE D 403 -41.04 -2.49 -3.58
CA PHE D 403 -40.63 -1.09 -3.58
C PHE D 403 -40.33 -0.78 -5.04
N PHE D 404 -40.48 0.48 -5.44
CA PHE D 404 -40.34 0.82 -6.85
C PHE D 404 -39.44 2.03 -7.00
N LYS D 405 -38.41 1.87 -7.83
CA LYS D 405 -37.55 2.96 -8.22
C LYS D 405 -37.68 3.13 -9.74
N GLY D 406 -38.54 4.05 -10.16
CA GLY D 406 -38.77 4.26 -11.57
C GLY D 406 -37.78 5.28 -12.08
N HIS D 407 -37.77 5.47 -13.39
CA HIS D 407 -36.84 6.44 -13.98
C HIS D 407 -37.27 7.87 -13.66
N PRO D 408 -36.30 8.73 -13.30
CA PRO D 408 -36.52 10.15 -12.96
C PRO D 408 -37.35 10.90 -14.00
N ALA D 409 -37.38 10.41 -15.23
CA ALA D 409 -38.17 11.03 -16.28
C ALA D 409 -39.31 10.10 -16.71
N GLY D 410 -39.61 9.13 -15.85
CA GLY D 410 -40.64 8.15 -16.14
C GLY D 410 -42.00 8.81 -16.33
N GLY D 411 -42.22 9.89 -15.60
CA GLY D 411 -43.47 10.63 -15.66
C GLY D 411 -44.67 9.81 -15.22
N VAL D 412 -45.73 9.84 -16.03
CA VAL D 412 -46.97 9.13 -15.71
C VAL D 412 -46.76 7.62 -15.67
N ILE D 413 -45.70 7.15 -16.33
CA ILE D 413 -45.36 5.73 -16.32
C ILE D 413 -45.11 5.25 -14.89
N ASN D 414 -44.38 6.06 -14.12
CA ASN D 414 -44.18 5.76 -12.70
C ASN D 414 -45.50 5.65 -11.94
N ASP D 415 -46.43 6.57 -12.22
CA ASP D 415 -47.77 6.52 -11.61
C ASP D 415 -48.58 5.28 -12.03
N ILE D 416 -48.47 4.89 -13.29
CA ILE D 416 -49.15 3.71 -13.82
C ILE D 416 -48.65 2.43 -13.17
N ILE D 417 -47.33 2.29 -13.13
CA ILE D 417 -46.69 1.12 -12.54
C ILE D 417 -47.02 1.01 -11.05
N LEU D 418 -46.87 2.13 -10.34
CA LEU D 418 -47.20 2.21 -8.92
C LEU D 418 -48.65 1.83 -8.64
N GLY D 419 -49.56 2.33 -9.47
CA GLY D 419 -50.98 2.09 -9.30
C GLY D 419 -51.42 0.66 -9.57
N SER D 420 -50.53 -0.15 -10.17
CA SER D 420 -50.85 -1.53 -10.51
C SER D 420 -50.52 -2.49 -9.37
N PHE D 421 -49.91 -1.96 -8.32
CA PHE D 421 -49.51 -2.75 -7.17
C PHE D 421 -49.74 -2.03 -5.84
N PRO D 422 -50.91 -2.29 -5.23
CA PRO D 422 -51.42 -1.64 -4.02
C PRO D 422 -50.39 -1.62 -2.88
N ASP D 423 -49.67 -2.72 -2.68
CA ASP D 423 -48.76 -2.84 -1.57
C ASP D 423 -47.38 -2.25 -1.85
N MET D 424 -47.19 -1.76 -3.07
CA MET D 424 -45.89 -1.22 -3.44
C MET D 424 -45.62 0.22 -2.94
N ILE D 425 -44.46 0.38 -2.31
CA ILE D 425 -44.02 1.65 -1.74
C ILE D 425 -43.14 2.39 -2.74
N ASN D 426 -43.44 3.65 -3.01
CA ASN D 426 -42.64 4.39 -3.96
C ASN D 426 -41.30 4.90 -3.40
N ILE D 427 -40.26 4.74 -4.20
CA ILE D 427 -38.97 5.35 -3.90
C ILE D 427 -38.81 6.49 -4.90
N PRO D 428 -38.72 7.73 -4.40
CA PRO D 428 -38.81 8.90 -5.29
C PRO D 428 -37.80 8.82 -6.43
N ALA D 429 -38.28 9.06 -7.64
CA ALA D 429 -37.48 8.86 -8.83
C ALA D 429 -36.25 9.77 -8.90
N LYS D 430 -36.34 10.93 -8.25
CA LYS D 430 -35.26 11.91 -8.23
C LYS D 430 -34.01 11.40 -7.49
N ILE D 431 -34.20 10.41 -6.65
CA ILE D 431 -33.14 9.80 -5.85
C ILE D 431 -32.45 8.64 -6.55
N SER D 432 -31.29 8.89 -7.15
CA SER D 432 -30.59 7.86 -7.91
C SER D 432 -30.21 6.66 -7.04
N PHE D 433 -30.05 5.52 -7.70
CA PHE D 433 -29.64 4.28 -7.09
C PHE D 433 -28.30 4.35 -6.35
N GLU D 434 -27.41 5.21 -6.82
CA GLU D 434 -26.10 5.34 -6.20
C GLU D 434 -26.21 5.82 -4.76
N VAL D 435 -27.15 6.71 -4.50
CA VAL D 435 -27.41 7.16 -3.13
C VAL D 435 -27.76 5.99 -2.22
N LEU D 436 -28.61 5.08 -2.69
CA LEU D 436 -29.02 3.94 -1.88
C LEU D 436 -27.82 3.08 -1.46
N MET D 437 -26.92 2.86 -2.41
CA MET D 437 -25.76 2.03 -2.19
C MET D 437 -24.77 2.70 -1.21
N MET D 438 -24.59 4.00 -1.36
CA MET D 438 -23.65 4.75 -0.54
C MET D 438 -24.13 4.95 0.89
N THR D 439 -25.45 4.93 1.08
CA THR D 439 -26.00 5.16 2.41
C THR D 439 -26.41 3.86 3.07
N ASP D 440 -25.89 2.75 2.55
CA ASP D 440 -26.16 1.42 3.08
CA ASP D 440 -26.17 1.42 3.08
C ASP D 440 -27.67 1.12 3.09
N MET D 441 -28.37 1.53 2.03
CA MET D 441 -29.81 1.36 1.97
C MET D 441 -30.29 0.49 0.82
N LEU D 442 -29.41 -0.36 0.29
CA LEU D 442 -29.81 -1.32 -0.73
C LEU D 442 -30.83 -2.28 -0.14
N PRO D 443 -31.77 -2.76 -0.97
CA PRO D 443 -32.77 -3.74 -0.54
C PRO D 443 -32.20 -5.14 -0.44
N ASP D 444 -33.06 -6.14 -0.29
CA ASP D 444 -32.57 -7.51 -0.23
C ASP D 444 -32.27 -8.04 -1.64
N THR D 445 -33.04 -7.58 -2.62
CA THR D 445 -32.83 -8.03 -3.99
C THR D 445 -33.28 -6.97 -4.99
N VAL D 446 -32.65 -6.93 -6.15
CA VAL D 446 -32.99 -5.96 -7.18
C VAL D 446 -33.14 -6.65 -8.53
N ALA D 447 -34.16 -6.25 -9.29
CA ALA D 447 -34.41 -6.83 -10.61
C ALA D 447 -35.22 -5.89 -11.50
N GLY D 448 -35.27 -6.22 -12.79
CA GLY D 448 -36.04 -5.44 -13.74
C GLY D 448 -35.30 -5.15 -15.03
N ILE D 449 -35.62 -4.01 -15.65
CA ILE D 449 -35.00 -3.61 -16.91
C ILE D 449 -33.52 -3.33 -16.69
N ALA D 450 -32.67 -3.93 -17.51
CA ALA D 450 -31.23 -3.77 -17.35
C ALA D 450 -30.77 -2.36 -17.66
N SER D 451 -29.74 -1.91 -16.95
CA SER D 451 -29.09 -0.64 -17.24
C SER D 451 -27.84 -0.51 -16.38
N SER D 452 -27.12 0.60 -16.56
CA SER D 452 -25.84 0.83 -15.90
C SER D 452 -25.90 0.76 -14.38
N LEU D 453 -27.08 0.94 -13.80
CA LEU D 453 -27.22 0.93 -12.36
C LEU D 453 -26.86 -0.44 -11.76
N TYR D 454 -27.08 -1.50 -12.54
CA TYR D 454 -26.85 -2.84 -12.04
C TYR D 454 -25.36 -3.09 -11.90
N PHE D 455 -24.59 -2.29 -12.63
CA PHE D 455 -23.14 -2.38 -12.63
C PHE D 455 -22.58 -2.00 -11.27
N THR D 456 -23.42 -1.31 -10.49
CA THR D 456 -23.02 -0.80 -9.21
C THR D 456 -23.45 -1.74 -8.07
N ILE D 457 -24.47 -2.57 -8.33
CA ILE D 457 -25.06 -3.43 -7.32
C ILE D 457 -24.26 -4.72 -7.10
N PRO D 458 -24.11 -5.14 -5.82
CA PRO D 458 -23.48 -6.43 -5.49
C PRO D 458 -24.21 -7.61 -6.12
N ALA D 459 -23.45 -8.59 -6.60
CA ALA D 459 -23.99 -9.72 -7.34
C ALA D 459 -25.09 -10.46 -6.56
N ASP D 460 -24.92 -10.53 -5.24
CA ASP D 460 -25.83 -11.31 -4.40
C ASP D 460 -27.22 -10.69 -4.34
N LYS D 461 -27.30 -9.40 -4.65
CA LYS D 461 -28.57 -8.69 -4.60
C LYS D 461 -29.17 -8.51 -5.99
N VAL D 462 -28.46 -8.96 -7.02
CA VAL D 462 -29.01 -8.91 -8.37
C VAL D 462 -29.72 -10.22 -8.69
N ASN D 463 -31.02 -10.13 -8.89
CA ASN D 463 -31.84 -11.31 -9.17
C ASN D 463 -31.80 -11.66 -10.64
N PHE D 464 -32.22 -10.72 -11.49
CA PHE D 464 -32.10 -10.86 -12.93
C PHE D 464 -32.16 -9.48 -13.59
N ILE D 465 -31.68 -9.40 -14.82
CA ILE D 465 -31.76 -8.14 -15.59
C ILE D 465 -32.41 -8.39 -16.95
N VAL D 466 -33.18 -7.41 -17.41
CA VAL D 466 -33.97 -7.55 -18.61
C VAL D 466 -33.53 -6.61 -19.71
N PHE D 467 -33.16 -7.15 -20.87
CA PHE D 467 -32.86 -6.31 -22.02
C PHE D 467 -34.04 -6.28 -22.98
N THR D 468 -34.30 -5.11 -23.54
CA THR D 468 -35.41 -4.89 -24.45
C THR D 468 -34.87 -4.52 -25.82
N SER D 469 -35.75 -4.49 -26.82
CA SER D 469 -35.36 -4.13 -28.18
C SER D 469 -34.72 -2.74 -28.24
N SER D 470 -33.60 -2.65 -28.96
CA SER D 470 -32.94 -1.37 -29.19
C SER D 470 -32.40 -1.30 -30.61
N ASP D 471 -31.61 -0.27 -30.88
CA ASP D 471 -30.92 -0.15 -32.16
C ASP D 471 -29.99 -1.33 -32.43
N THR D 472 -29.38 -1.85 -31.38
CA THR D 472 -28.35 -2.88 -31.51
C THR D 472 -28.70 -4.22 -30.88
N ILE D 473 -29.81 -4.26 -30.14
CA ILE D 473 -30.23 -5.49 -29.47
C ILE D 473 -31.68 -5.84 -29.81
N THR D 474 -31.85 -6.97 -30.49
CA THR D 474 -33.16 -7.42 -30.93
C THR D 474 -33.48 -8.85 -30.47
N ASP D 475 -32.52 -9.47 -29.80
CA ASP D 475 -32.73 -10.78 -29.19
C ASP D 475 -31.74 -11.06 -28.05
N ARG D 476 -31.95 -12.17 -27.35
CA ARG D 476 -31.11 -12.51 -26.19
C ARG D 476 -29.65 -12.71 -26.59
N GLU D 477 -29.44 -13.36 -27.73
CA GLU D 477 -28.09 -13.63 -28.21
C GLU D 477 -27.28 -12.36 -28.40
N GLU D 478 -27.92 -11.33 -28.92
CA GLU D 478 -27.26 -10.04 -29.15
C GLU D 478 -27.03 -9.27 -27.85
N ALA D 479 -27.97 -9.41 -26.91
CA ALA D 479 -27.80 -8.84 -25.59
C ALA D 479 -26.59 -9.44 -24.88
N LEU D 480 -26.50 -10.77 -24.90
CA LEU D 480 -25.44 -11.47 -24.19
C LEU D 480 -24.05 -11.12 -24.73
N LYS D 481 -24.00 -10.83 -26.02
CA LYS D 481 -22.73 -10.53 -26.68
C LYS D 481 -22.30 -9.07 -26.54
N SER D 482 -23.21 -8.22 -26.06
CA SER D 482 -22.92 -6.79 -25.90
C SER D 482 -21.78 -6.56 -24.92
N PRO D 483 -21.02 -5.46 -25.11
CA PRO D 483 -19.90 -5.16 -24.23
C PRO D 483 -20.31 -5.07 -22.76
N LEU D 484 -21.42 -4.40 -22.48
CA LEU D 484 -21.87 -4.27 -21.10
C LEU D 484 -22.06 -5.61 -20.41
N VAL D 485 -22.74 -6.54 -21.07
CA VAL D 485 -23.04 -7.81 -20.45
C VAL D 485 -21.76 -8.63 -20.35
N GLN D 486 -20.95 -8.57 -21.40
CA GLN D 486 -19.68 -9.28 -21.40
C GLN D 486 -18.84 -8.86 -20.17
N VAL D 487 -18.79 -7.56 -19.88
CA VAL D 487 -18.09 -7.06 -18.70
C VAL D 487 -18.73 -7.54 -17.40
N MET D 488 -20.05 -7.42 -17.31
CA MET D 488 -20.75 -7.88 -16.12
C MET D 488 -20.57 -9.39 -15.91
N LEU D 489 -20.53 -10.16 -16.99
CA LEU D 489 -20.23 -11.59 -16.87
C LEU D 489 -18.83 -11.83 -16.30
N THR D 490 -17.87 -11.12 -16.86
CA THR D 490 -16.48 -11.24 -16.44
C THR D 490 -16.31 -10.83 -14.98
N LEU D 491 -17.07 -9.83 -14.54
CA LEU D 491 -17.00 -9.35 -13.15
C LEU D 491 -17.84 -10.20 -12.19
N GLY D 492 -18.60 -11.14 -12.74
CA GLY D 492 -19.44 -12.01 -11.92
C GLY D 492 -20.67 -11.32 -11.35
N ILE D 493 -21.10 -10.23 -11.97
CA ILE D 493 -22.30 -9.53 -11.49
C ILE D 493 -23.54 -10.36 -11.80
N VAL D 494 -23.58 -10.90 -13.01
CA VAL D 494 -24.61 -11.85 -13.42
C VAL D 494 -23.97 -13.06 -14.08
N LYS D 495 -24.73 -14.15 -14.18
CA LYS D 495 -24.40 -15.27 -15.07
C LYS D 495 -25.33 -15.16 -16.28
N GLU D 496 -25.01 -15.85 -17.38
CA GLU D 496 -25.82 -15.80 -18.61
C GLU D 496 -27.27 -16.13 -18.33
N LYS D 497 -27.46 -17.07 -17.41
CA LYS D 497 -28.76 -17.49 -16.92
C LYS D 497 -29.57 -16.36 -16.27
N ASP D 498 -28.88 -15.30 -15.84
CA ASP D 498 -29.54 -14.15 -15.21
C ASP D 498 -29.98 -13.10 -16.22
N VAL D 499 -29.63 -13.28 -17.48
CA VAL D 499 -29.89 -12.25 -18.48
C VAL D 499 -31.10 -12.58 -19.34
N LEU D 500 -32.08 -11.68 -19.35
CA LEU D 500 -33.32 -11.91 -20.08
C LEU D 500 -33.53 -10.94 -21.22
N PHE D 501 -34.31 -11.36 -22.21
CA PHE D 501 -34.71 -10.47 -23.29
C PHE D 501 -36.22 -10.55 -23.44
N TRP D 502 -36.89 -9.42 -23.63
CA TRP D 502 -38.35 -9.44 -23.73
C TRP D 502 -38.90 -8.76 -24.98
N ALA D 503 -38.03 -8.08 -25.73
CA ALA D 503 -38.39 -7.42 -26.97
C ALA D 503 -39.44 -6.33 -26.80
CA CA E . -34.22 -45.59 -60.20
CA CA F . 10.99 17.82 6.24
CA CA G . 0.38 59.71 71.53
CA CA H . -40.15 -5.30 4.47
#